data_8I40
#
_entry.id   8I40
#
_cell.length_a   59.789
_cell.length_b   165.146
_cell.length_c   188.584
_cell.angle_alpha   90.00
_cell.angle_beta   90.00
_cell.angle_gamma   90.00
#
_symmetry.space_group_name_H-M   'P 21 21 21'
#
loop_
_entity.id
_entity.type
_entity.pdbx_description
1 polymer 'Succinyl-CoA:3-ketoacid-coenzyme A transferase'
2 non-polymer 'COENZYME A'
3 non-polymer 'ACETATE ION'
4 non-polymer 'CALCIUM ION'
5 water water
#
_entity_poly.entity_id   1
_entity_poly.type   'polypeptide(L)'
_entity_poly.pdbx_seq_one_letter_code
;IGLDKVMSLSSAVQDIKNGATLAVGGFGTGGMPHAIMQEIKKMGVRDLIIYSDGAGVDGYGIGVLFENKQINKMIVSYVG
NNKIFARQYLEGDVELEFCPQGSLAERMRAGGAGIPAFYTPTAVGTVLQTGGQITKYDKNGGVLKESTPRETRFFGGRLY
CLENAIKTDFSIVKAWKGDRCGNLVFRGTARNFNVPVGQCGQTVIAEVENLVENGDIDPDEVHLPGVYVDRVVVPERYQT
LIEHRTVTRHDGAGNKPTKASTRGEEVRQRIARRAALEFANGMYVNLGIGIPTESSNYIPAGVNVVLQSENGLIGMGPFP
TEDKVDADWINAGKQTISHLAGSALFDSATSFAMIRGGHMDLTMLGALEVAANGDLANFMIPGKLVKGPGGAMDLVSCGT
RVVVTTTHCNKNGDPKIVERCRLPVTGKHCVCRIITEYAVFDVVDGRLVLKEIAEDTTVDQVKKLTGVGFDADNVITMPL
APL
;
_entity_poly.pdbx_strand_id   A,B,C,D
#
# COMPACT_ATOMS: atom_id res chain seq x y z
N GLY A 2 43.27 9.83 15.21
CA GLY A 2 41.80 9.60 15.31
C GLY A 2 41.44 8.24 15.93
N LEU A 3 40.38 7.60 15.44
CA LEU A 3 40.06 6.23 15.80
C LEU A 3 41.02 5.29 15.08
N ASP A 4 41.28 4.13 15.68
CA ASP A 4 42.04 3.04 15.05
C ASP A 4 41.20 1.76 15.04
N LYS A 5 40.71 1.37 13.86
CA LYS A 5 39.85 0.19 13.69
C LYS A 5 40.59 -0.99 13.03
N VAL A 6 41.92 -0.95 13.01
CA VAL A 6 42.70 -2.00 12.35
C VAL A 6 42.82 -3.26 13.23
N MET A 7 42.69 -4.42 12.60
CA MET A 7 42.76 -5.72 13.27
C MET A 7 43.44 -6.74 12.40
N SER A 8 43.64 -7.92 12.99
CA SER A 8 44.04 -9.09 12.24
C SER A 8 42.88 -9.60 11.38
N LEU A 9 43.24 -10.36 10.35
CA LEU A 9 42.30 -11.01 9.46
C LEU A 9 41.40 -12.00 10.21
N SER A 10 41.99 -12.80 11.10
CA SER A 10 41.26 -13.82 11.86
C SER A 10 40.30 -13.23 12.88
N SER A 11 40.77 -12.26 13.65
CA SER A 11 39.97 -11.65 14.74
C SER A 11 38.80 -10.82 14.23
N ALA A 12 38.92 -10.28 13.00
CA ALA A 12 37.84 -9.52 12.38
C ALA A 12 36.70 -10.42 11.83
N VAL A 13 37.04 -11.68 11.54
CA VAL A 13 36.10 -12.68 11.02
C VAL A 13 35.51 -13.58 12.14
N GLN A 14 36.15 -13.59 13.31
CA GLN A 14 35.81 -14.55 14.38
C GLN A 14 34.39 -14.48 14.93
N ASP A 15 33.73 -13.31 14.84
CA ASP A 15 32.35 -13.13 15.34
C ASP A 15 31.25 -13.70 14.41
N ILE A 16 31.61 -14.10 13.19
CA ILE A 16 30.67 -14.69 12.24
C ILE A 16 30.26 -16.10 12.69
N LYS A 17 29.02 -16.22 13.17
CA LYS A 17 28.45 -17.50 13.62
C LYS A 17 27.82 -18.28 12.46
N ASN A 18 27.44 -19.53 12.73
CA ASN A 18 26.69 -20.35 11.76
C ASN A 18 25.30 -19.75 11.51
N GLY A 19 24.86 -19.79 10.26
CA GLY A 19 23.57 -19.22 9.86
C GLY A 19 23.61 -17.73 9.55
N ALA A 20 24.79 -17.13 9.58
CA ALA A 20 24.95 -15.67 9.42
C ALA A 20 24.55 -15.21 8.03
N THR A 21 24.11 -13.95 7.95
CA THR A 21 23.84 -13.28 6.68
C THR A 21 24.99 -12.34 6.36
N LEU A 22 25.55 -12.47 5.16
CA LEU A 22 26.59 -11.56 4.67
C LEU A 22 26.10 -10.76 3.47
N ALA A 23 26.43 -9.48 3.44
CA ALA A 23 26.49 -8.73 2.19
C ALA A 23 27.96 -8.77 1.78
N VAL A 24 28.21 -8.96 0.49
CA VAL A 24 29.58 -9.06 -0.02
C VAL A 24 29.74 -8.13 -1.23
N GLY A 25 30.76 -7.28 -1.16
CA GLY A 25 31.10 -6.41 -2.27
C GLY A 25 31.70 -7.16 -3.45
N GLY A 26 31.76 -6.48 -4.59
CA GLY A 26 32.42 -7.01 -5.78
C GLY A 26 31.52 -7.32 -6.96
N PHE A 27 32.10 -7.18 -8.14
CA PHE A 27 31.47 -7.48 -9.42
C PHE A 27 32.44 -8.45 -10.10
N GLY A 28 31.98 -9.68 -10.30
CA GLY A 28 32.88 -10.75 -10.72
C GLY A 28 33.98 -10.88 -9.68
N THR A 29 35.24 -10.72 -10.11
CA THR A 29 36.39 -10.67 -9.21
C THR A 29 36.78 -9.24 -8.87
N GLY A 30 36.28 -8.27 -9.67
CA GLY A 30 36.56 -6.86 -9.42
C GLY A 30 35.88 -6.37 -8.15
N GLY A 31 36.70 -5.97 -7.17
CA GLY A 31 36.20 -5.59 -5.86
C GLY A 31 35.73 -6.76 -5.00
N MET A 32 36.13 -7.99 -5.33
CA MET A 32 35.85 -9.16 -4.49
C MET A 32 36.83 -9.19 -3.35
N PRO A 33 36.34 -9.21 -2.09
CA PRO A 33 37.26 -9.42 -0.97
C PRO A 33 37.67 -10.89 -0.87
N HIS A 34 38.67 -11.28 -1.66
CA HIS A 34 39.16 -12.67 -1.71
C HIS A 34 39.84 -13.10 -0.40
N ALA A 35 40.71 -12.24 0.10
CA ALA A 35 41.50 -12.51 1.31
C ALA A 35 40.63 -12.82 2.52
N ILE A 36 39.48 -12.17 2.62
CA ILE A 36 38.55 -12.36 3.74
C ILE A 36 37.68 -13.61 3.55
N MET A 37 37.29 -13.89 2.31
CA MET A 37 36.55 -15.11 2.00
C MET A 37 37.41 -16.35 2.26
N GLN A 38 38.71 -16.27 1.95
CA GLN A 38 39.67 -17.31 2.29
C GLN A 38 39.71 -17.56 3.80
N GLU A 39 39.76 -16.50 4.59
CA GLU A 39 39.77 -16.62 6.06
C GLU A 39 38.44 -17.18 6.56
N ILE A 40 37.33 -16.79 5.93
CA ILE A 40 36.01 -17.34 6.27
C ILE A 40 35.95 -18.84 5.95
N LYS A 41 36.60 -19.27 4.89
CA LYS A 41 36.75 -20.72 4.59
C LYS A 41 37.54 -21.46 5.69
N LYS A 42 38.66 -20.88 6.15
CA LYS A 42 39.55 -21.51 7.13
C LYS A 42 38.87 -21.86 8.45
N MET A 43 38.12 -20.92 9.02
CA MET A 43 37.39 -21.15 10.28
C MET A 43 35.99 -21.78 10.05
N GLY A 44 35.68 -22.11 8.80
CA GLY A 44 34.74 -23.17 8.48
C GLY A 44 33.28 -22.97 8.84
N VAL A 45 32.82 -21.73 8.88
CA VAL A 45 31.44 -21.38 9.24
C VAL A 45 30.49 -21.88 8.14
N ARG A 46 29.24 -22.18 8.51
CA ARG A 46 28.28 -22.77 7.58
C ARG A 46 26.84 -22.33 7.80
N ASP A 47 25.95 -22.77 6.89
CA ASP A 47 24.55 -22.32 6.78
C ASP A 47 24.46 -20.85 6.37
N LEU A 48 25.43 -20.40 5.57
CA LEU A 48 25.60 -18.98 5.26
C LEU A 48 24.69 -18.52 4.13
N ILE A 49 23.90 -17.49 4.41
CA ILE A 49 23.11 -16.80 3.40
C ILE A 49 23.97 -15.61 2.99
N ILE A 50 24.17 -15.42 1.68
CA ILE A 50 25.01 -14.33 1.18
C ILE A 50 24.28 -13.49 0.13
N TYR A 51 24.33 -12.17 0.33
CA TYR A 51 23.86 -11.19 -0.64
C TYR A 51 25.08 -10.60 -1.36
N SER A 52 25.17 -10.85 -2.66
CA SER A 52 26.24 -10.29 -3.48
C SER A 52 25.76 -10.27 -4.93
N ASP A 53 26.30 -9.36 -5.74
CA ASP A 53 25.96 -9.29 -7.18
C ASP A 53 26.17 -10.65 -7.83
N GLY A 54 27.39 -11.14 -7.74
CA GLY A 54 27.76 -12.45 -8.27
C GLY A 54 28.36 -13.29 -7.17
N ALA A 55 28.63 -14.55 -7.51
CA ALA A 55 29.20 -15.51 -6.55
C ALA A 55 30.71 -15.69 -6.77
N GLY A 56 31.39 -14.64 -7.20
CA GLY A 56 32.81 -14.72 -7.50
C GLY A 56 33.09 -15.64 -8.66
N VAL A 57 34.08 -16.51 -8.50
CA VAL A 57 34.57 -17.36 -9.57
C VAL A 57 35.05 -18.69 -8.96
N ASP A 58 35.16 -19.72 -9.79
CA ASP A 58 35.72 -21.00 -9.34
C ASP A 58 37.01 -20.77 -8.56
N GLY A 59 36.96 -21.02 -7.26
CA GLY A 59 38.15 -20.94 -6.41
C GLY A 59 38.71 -19.55 -6.18
N TYR A 60 37.82 -18.55 -6.16
CA TYR A 60 38.20 -17.16 -5.91
C TYR A 60 37.02 -16.34 -5.40
N GLY A 61 37.10 -15.94 -4.14
CA GLY A 61 36.15 -15.00 -3.53
C GLY A 61 35.11 -15.81 -2.80
N ILE A 62 33.84 -15.43 -2.95
CA ILE A 62 32.71 -16.23 -2.47
C ILE A 62 32.86 -17.68 -2.96
N GLY A 63 33.31 -17.83 -4.21
CA GLY A 63 33.61 -19.13 -4.82
C GLY A 63 34.24 -20.20 -3.94
N VAL A 64 35.21 -19.79 -3.12
CA VAL A 64 35.94 -20.74 -2.26
C VAL A 64 35.08 -21.31 -1.10
N LEU A 65 34.02 -20.58 -0.72
CA LEU A 65 33.08 -21.05 0.31
C LEU A 65 32.15 -22.18 -0.19
N PHE A 66 32.05 -22.38 -1.51
CA PHE A 66 31.32 -23.52 -2.06
C PHE A 66 32.03 -24.88 -1.90
N GLU A 67 33.35 -24.88 -1.74
CA GLU A 67 34.15 -26.12 -1.74
C GLU A 67 33.83 -27.09 -0.58
N ASN A 68 33.67 -26.55 0.63
CA ASN A 68 33.25 -27.33 1.81
C ASN A 68 31.73 -27.24 2.09
N LYS A 69 30.94 -26.81 1.10
CA LYS A 69 29.49 -26.64 1.25
C LYS A 69 29.12 -25.71 2.42
N GLN A 70 29.77 -24.56 2.50
CA GLN A 70 29.53 -23.58 3.57
C GLN A 70 28.33 -22.65 3.33
N ILE A 71 27.70 -22.73 2.16
CA ILE A 71 26.63 -21.82 1.76
C ILE A 71 25.27 -22.54 1.71
N ASN A 72 24.28 -21.97 2.39
CA ASN A 72 22.89 -22.42 2.36
C ASN A 72 22.10 -21.73 1.22
N LYS A 73 21.93 -20.41 1.33
CA LYS A 73 21.18 -19.62 0.34
C LYS A 73 22.12 -18.65 -0.34
N MET A 74 21.79 -18.30 -1.58
CA MET A 74 22.47 -17.25 -2.32
C MET A 74 21.40 -16.29 -2.86
N ILE A 75 21.65 -14.99 -2.67
CA ILE A 75 20.86 -13.94 -3.32
C ILE A 75 21.82 -13.23 -4.24
N VAL A 76 21.66 -13.46 -5.55
CA VAL A 76 22.53 -12.86 -6.58
C VAL A 76 21.74 -12.31 -7.77
N SER A 77 22.41 -11.51 -8.58
CA SER A 77 21.90 -11.10 -9.88
C SER A 77 22.52 -11.91 -11.04
N TYR A 78 23.73 -12.43 -10.88
CA TYR A 78 24.40 -13.13 -11.97
C TYR A 78 25.35 -14.20 -11.44
N VAL A 79 25.19 -15.43 -11.95
CA VAL A 79 26.06 -16.54 -11.59
C VAL A 79 27.46 -16.32 -12.18
N GLY A 80 27.52 -15.80 -13.40
CA GLY A 80 28.79 -15.53 -14.07
C GLY A 80 29.44 -16.83 -14.49
N ASN A 81 30.77 -16.84 -14.49
CA ASN A 81 31.55 -18.07 -14.75
C ASN A 81 31.96 -18.76 -13.45
N ASN A 82 31.00 -19.45 -12.82
CA ASN A 82 31.24 -20.22 -11.59
C ASN A 82 30.54 -21.59 -11.67
N LYS A 83 31.31 -22.59 -12.10
CA LYS A 83 30.78 -23.95 -12.32
C LYS A 83 30.35 -24.65 -11.02
N ILE A 84 31.11 -24.45 -9.94
CA ILE A 84 30.81 -25.07 -8.63
C ILE A 84 29.44 -24.61 -8.14
N PHE A 85 29.16 -23.32 -8.29
CA PHE A 85 27.92 -22.70 -7.83
C PHE A 85 26.74 -23.14 -8.68
N ALA A 86 26.87 -22.99 -9.99
CA ALA A 86 25.83 -23.41 -10.94
C ALA A 86 25.47 -24.90 -10.78
N ARG A 87 26.48 -25.75 -10.65
CA ARG A 87 26.30 -27.18 -10.36
C ARG A 87 25.58 -27.43 -9.03
N GLN A 88 26.00 -26.75 -7.98
CA GLN A 88 25.48 -26.93 -6.62
C GLN A 88 23.99 -26.55 -6.52
N TYR A 89 23.62 -25.52 -7.29
CA TYR A 89 22.21 -25.15 -7.47
C TYR A 89 21.43 -26.27 -8.15
N LEU A 90 21.95 -26.76 -9.28
CA LEU A 90 21.26 -27.80 -10.08
C LEU A 90 21.12 -29.15 -9.36
N GLU A 91 22.12 -29.54 -8.56
CA GLU A 91 22.08 -30.83 -7.83
C GLU A 91 21.54 -30.74 -6.39
N GLY A 92 20.93 -29.59 -6.05
CA GLY A 92 20.13 -29.46 -4.82
C GLY A 92 20.83 -29.02 -3.53
N ASP A 93 22.15 -28.79 -3.59
CA ASP A 93 22.95 -28.49 -2.39
C ASP A 93 22.78 -27.04 -1.89
N VAL A 94 22.78 -26.08 -2.81
CA VAL A 94 22.62 -24.65 -2.45
C VAL A 94 21.29 -24.09 -2.98
N GLU A 95 20.75 -23.13 -2.24
CA GLU A 95 19.53 -22.40 -2.66
C GLU A 95 19.94 -21.10 -3.35
N LEU A 96 19.11 -20.64 -4.30
CA LEU A 96 19.50 -19.59 -5.22
C LEU A 96 18.30 -18.74 -5.67
N GLU A 97 18.11 -17.60 -5.01
CA GLU A 97 17.09 -16.62 -5.38
C GLU A 97 17.72 -15.53 -6.24
N PHE A 98 17.11 -15.23 -7.39
CA PHE A 98 17.61 -14.17 -8.27
C PHE A 98 17.03 -12.83 -7.85
N CYS A 99 17.82 -11.77 -8.02
CA CYS A 99 17.39 -10.40 -7.77
C CYS A 99 17.93 -9.54 -8.91
N PRO A 100 17.09 -8.69 -9.53
CA PRO A 100 17.65 -7.73 -10.49
C PRO A 100 18.75 -6.90 -9.85
N GLN A 101 19.79 -6.59 -10.62
CA GLN A 101 21.03 -6.02 -10.08
C GLN A 101 20.82 -4.63 -9.46
N GLY A 102 19.99 -3.82 -10.12
CA GLY A 102 19.65 -2.49 -9.62
C GLY A 102 18.75 -2.50 -8.40
N SER A 103 17.86 -3.50 -8.31
CA SER A 103 17.07 -3.74 -7.10
C SER A 103 18.00 -4.14 -5.96
N LEU A 104 18.92 -5.04 -6.23
CA LEU A 104 19.88 -5.53 -5.21
C LEU A 104 20.79 -4.45 -4.59
N ALA A 105 21.34 -3.55 -5.42
CA ALA A 105 22.17 -2.44 -4.91
C ALA A 105 21.37 -1.42 -4.08
N GLU A 106 20.17 -1.10 -4.57
CA GLU A 106 19.26 -0.16 -3.90
C GLU A 106 18.65 -0.75 -2.63
N ARG A 107 18.32 -2.03 -2.65
CA ARG A 107 17.84 -2.73 -1.45
C ARG A 107 18.87 -2.72 -0.31
N MET A 108 20.15 -2.90 -0.66
CA MET A 108 21.25 -2.76 0.31
C MET A 108 21.41 -1.30 0.78
N ARG A 109 21.40 -0.37 -0.16
CA ARG A 109 21.45 1.06 0.18
C ARG A 109 20.32 1.45 1.13
N ALA A 110 19.09 1.03 0.80
CA ALA A 110 17.91 1.33 1.62
C ALA A 110 18.05 0.78 3.03
N GLY A 111 18.53 -0.47 3.13
CA GLY A 111 18.84 -1.13 4.39
C GLY A 111 19.81 -0.36 5.25
N GLY A 112 20.83 0.20 4.60
CA GLY A 112 21.72 1.16 5.25
C GLY A 112 21.05 2.49 5.51
N ALA A 113 20.25 2.97 4.57
CA ALA A 113 19.59 4.28 4.67
C ALA A 113 18.44 4.34 5.67
N GLY A 114 17.99 3.22 6.21
CA GLY A 114 16.81 3.20 7.08
C GLY A 114 15.52 3.45 6.30
N ILE A 115 15.52 3.09 5.01
CA ILE A 115 14.33 3.13 4.16
C ILE A 115 13.84 1.68 4.11
N PRO A 116 12.66 1.40 4.67
CA PRO A 116 12.23 0.00 4.76
C PRO A 116 11.84 -0.62 3.43
N ALA A 117 11.27 0.17 2.53
CA ALA A 117 10.82 -0.30 1.24
C ALA A 117 10.79 0.84 0.23
N PHE A 118 10.81 0.47 -1.05
CA PHE A 118 10.70 1.44 -2.13
C PHE A 118 10.13 0.75 -3.36
N TYR A 119 9.80 1.53 -4.37
CA TYR A 119 9.26 1.02 -5.63
C TYR A 119 10.24 1.13 -6.79
N THR A 120 10.20 0.12 -7.67
CA THR A 120 10.94 0.14 -8.92
C THR A 120 10.12 -0.56 -10.00
N PRO A 121 10.17 -0.02 -11.24
CA PRO A 121 9.49 -0.68 -12.35
C PRO A 121 10.20 -1.96 -12.82
N THR A 122 11.46 -2.14 -12.45
CA THR A 122 12.22 -3.34 -12.79
C THR A 122 11.51 -4.63 -12.36
N ALA A 123 11.56 -5.63 -13.24
CA ALA A 123 11.06 -6.98 -12.98
C ALA A 123 9.55 -7.12 -12.83
N VAL A 124 8.79 -6.08 -13.19
CA VAL A 124 7.33 -6.15 -13.24
C VAL A 124 6.95 -7.04 -14.41
N GLY A 125 6.03 -7.98 -14.19
CA GLY A 125 5.61 -8.91 -15.23
C GLY A 125 6.49 -10.13 -15.42
N THR A 126 7.74 -10.08 -14.97
CA THR A 126 8.65 -11.23 -15.06
C THR A 126 8.35 -12.19 -13.94
N VAL A 127 8.89 -13.39 -14.05
CA VAL A 127 8.70 -14.43 -13.03
C VAL A 127 9.12 -13.98 -11.62
N LEU A 128 10.13 -13.10 -11.55
CA LEU A 128 10.60 -12.54 -10.28
C LEU A 128 9.58 -11.66 -9.53
N GLN A 129 8.55 -11.17 -10.22
CA GLN A 129 7.44 -10.50 -9.55
C GLN A 129 6.32 -11.50 -9.27
N THR A 130 6.06 -12.37 -10.21
CA THR A 130 5.01 -13.32 -10.04
C THR A 130 5.39 -14.44 -9.15
N GLY A 131 6.67 -14.59 -8.91
CA GLY A 131 7.15 -15.65 -8.06
C GLY A 131 7.17 -16.86 -8.91
N GLY A 132 7.90 -17.87 -8.50
CA GLY A 132 7.96 -19.07 -9.27
C GLY A 132 9.20 -19.36 -10.05
N GLN A 133 10.35 -18.91 -9.59
CA GLN A 133 11.58 -19.29 -10.23
C GLN A 133 11.96 -20.31 -9.21
N ILE A 134 12.63 -21.37 -9.61
CA ILE A 134 13.04 -22.40 -8.69
C ILE A 134 14.24 -21.93 -7.96
N THR A 135 14.14 -21.93 -6.65
CA THR A 135 15.20 -21.46 -5.84
C THR A 135 16.00 -22.57 -5.26
N LYS A 136 15.39 -23.72 -5.09
CA LYS A 136 16.12 -24.90 -4.62
C LYS A 136 15.56 -26.18 -5.23
N TYR A 137 16.48 -27.13 -5.49
CA TYR A 137 16.12 -28.48 -5.91
C TYR A 137 16.39 -29.47 -4.78
N ASP A 138 15.76 -30.64 -4.89
CA ASP A 138 16.12 -31.79 -4.07
C ASP A 138 17.41 -32.41 -4.62
N LYS A 139 17.93 -33.41 -3.90
CA LYS A 139 19.19 -34.08 -4.30
C LYS A 139 19.08 -34.87 -5.62
N ASN A 140 17.89 -35.36 -5.95
CA ASN A 140 17.70 -36.30 -7.06
C ASN A 140 17.30 -35.67 -8.42
N GLY A 141 16.55 -34.58 -8.40
CA GLY A 141 16.12 -33.93 -9.65
C GLY A 141 15.03 -32.87 -9.56
N GLY A 142 13.99 -33.13 -8.76
CA GLY A 142 12.79 -32.30 -8.71
C GLY A 142 12.86 -31.04 -7.87
N VAL A 143 11.81 -30.21 -7.97
CA VAL A 143 11.71 -28.92 -7.28
C VAL A 143 11.48 -29.11 -5.78
N LEU A 144 12.01 -28.18 -4.98
CA LEU A 144 11.83 -28.17 -3.52
C LEU A 144 11.20 -26.86 -3.01
N LYS A 145 11.81 -25.73 -3.38
CA LYS A 145 11.31 -24.38 -3.03
C LYS A 145 11.11 -23.52 -4.28
N GLU A 146 10.40 -22.41 -4.11
CA GLU A 146 10.13 -21.43 -5.17
C GLU A 146 10.28 -20.00 -4.63
N SER A 147 10.43 -19.02 -5.52
CA SER A 147 10.53 -17.62 -5.10
C SER A 147 9.15 -17.10 -4.70
N THR A 148 9.08 -16.50 -3.51
CA THR A 148 7.86 -15.84 -3.07
C THR A 148 7.63 -14.58 -3.92
N PRO A 149 6.36 -14.33 -4.32
CA PRO A 149 6.09 -13.14 -5.14
C PRO A 149 6.47 -11.81 -4.50
N ARG A 150 6.52 -10.77 -5.34
CA ARG A 150 6.68 -9.38 -4.92
C ARG A 150 5.32 -8.68 -5.01
N GLU A 151 5.12 -7.67 -4.15
CA GLU A 151 3.92 -6.85 -4.18
C GLU A 151 4.04 -5.85 -5.31
N THR A 152 2.89 -5.42 -5.84
CA THR A 152 2.84 -4.39 -6.88
C THR A 152 1.90 -3.23 -6.55
N ARG A 153 2.05 -2.12 -7.26
CA ARG A 153 1.36 -0.87 -6.94
C ARG A 153 1.48 0.13 -8.08
N PHE A 154 0.38 0.85 -8.35
CA PHE A 154 0.34 1.84 -9.44
C PHE A 154 0.72 3.24 -8.97
N PHE A 155 1.59 3.88 -9.75
CA PHE A 155 1.84 5.32 -9.65
C PHE A 155 1.74 5.90 -11.05
N GLY A 156 0.90 6.93 -11.20
CA GLY A 156 0.35 7.27 -12.51
C GLY A 156 -0.53 6.10 -12.94
N GLY A 157 -0.36 5.68 -14.19
CA GLY A 157 -0.95 4.43 -14.67
C GLY A 157 0.14 3.44 -15.05
N ARG A 158 1.14 3.31 -14.17
CA ARG A 158 2.26 2.41 -14.39
C ARG A 158 2.50 1.58 -13.13
N LEU A 159 2.67 0.28 -13.30
CA LEU A 159 2.79 -0.67 -12.19
C LEU A 159 4.24 -0.83 -11.74
N TYR A 160 4.47 -0.85 -10.43
CA TYR A 160 5.83 -0.94 -9.85
C TYR A 160 5.94 -2.10 -8.82
N CYS A 161 7.13 -2.71 -8.77
CA CYS A 161 7.44 -3.74 -7.76
C CYS A 161 7.87 -3.07 -6.47
N LEU A 162 7.44 -3.63 -5.35
CA LEU A 162 7.89 -3.20 -4.02
C LEU A 162 9.07 -4.07 -3.59
N GLU A 163 10.23 -3.45 -3.38
CA GLU A 163 11.44 -4.13 -2.92
C GLU A 163 11.69 -3.79 -1.46
N ASN A 164 11.92 -4.81 -0.63
CA ASN A 164 12.22 -4.62 0.79
C ASN A 164 13.69 -4.41 1.02
N ALA A 165 14.02 -3.72 2.12
CA ALA A 165 15.41 -3.40 2.43
C ALA A 165 16.17 -4.65 2.85
N ILE A 166 17.49 -4.64 2.63
CA ILE A 166 18.39 -5.74 2.98
C ILE A 166 19.36 -5.26 4.05
N LYS A 167 19.17 -5.75 5.27
CA LYS A 167 20.09 -5.49 6.39
C LYS A 167 20.74 -6.81 6.73
N THR A 168 22.07 -6.87 6.71
CA THR A 168 22.82 -8.12 6.91
C THR A 168 23.57 -8.11 8.24
N ASP A 169 23.77 -9.29 8.82
CA ASP A 169 24.59 -9.45 10.02
C ASP A 169 25.97 -8.80 9.83
N PHE A 170 26.60 -9.14 8.70
CA PHE A 170 27.91 -8.60 8.35
C PHE A 170 27.90 -8.03 6.95
N SER A 171 28.99 -7.33 6.63
CA SER A 171 29.27 -6.82 5.31
C SER A 171 30.76 -6.93 5.04
N ILE A 172 31.14 -7.63 3.98
CA ILE A 172 32.54 -7.76 3.60
C ILE A 172 32.79 -6.88 2.36
N VAL A 173 33.76 -5.98 2.46
CA VAL A 173 34.15 -5.14 1.32
C VAL A 173 35.66 -5.18 1.06
N LYS A 174 36.04 -4.76 -0.15
CA LYS A 174 37.42 -4.58 -0.54
C LYS A 174 37.56 -3.23 -1.22
N ALA A 175 38.51 -2.44 -0.72
CA ALA A 175 38.85 -1.15 -1.28
C ALA A 175 40.34 -1.10 -1.53
N TRP A 176 40.74 -0.13 -2.34
CA TRP A 176 42.13 0.05 -2.75
C TRP A 176 42.93 0.64 -1.59
N LYS A 177 42.43 1.76 -1.06
CA LYS A 177 43.08 2.49 0.02
C LYS A 177 42.06 2.74 1.13
N GLY A 178 42.54 2.70 2.37
CA GLY A 178 41.72 3.08 3.53
C GLY A 178 42.60 3.56 4.66
N ASP A 179 42.10 4.51 5.44
CA ASP A 179 42.82 5.01 6.63
C ASP A 179 42.37 4.25 7.88
N ARG A 180 42.93 4.58 9.04
CA ARG A 180 42.71 3.78 10.25
C ARG A 180 41.34 3.95 10.91
N CYS A 181 40.68 5.10 10.69
CA CYS A 181 39.32 5.32 11.21
C CYS A 181 38.24 5.01 10.17
N GLY A 182 38.57 4.16 9.20
CA GLY A 182 37.56 3.47 8.39
C GLY A 182 37.41 3.93 6.96
N ASN A 183 37.62 5.24 6.71
CA ASN A 183 37.36 5.85 5.39
C ASN A 183 38.01 5.09 4.26
N LEU A 184 37.22 4.67 3.28
CA LEU A 184 37.71 3.87 2.16
C LEU A 184 37.72 4.67 0.87
N VAL A 185 38.73 4.41 0.03
CA VAL A 185 38.82 4.96 -1.32
C VAL A 185 39.08 3.79 -2.28
N PHE A 186 38.17 3.61 -3.22
CA PHE A 186 38.22 2.52 -4.20
C PHE A 186 39.02 2.92 -5.44
N ARG A 187 39.18 2.00 -6.39
CA ARG A 187 39.85 2.28 -7.68
C ARG A 187 39.16 1.59 -8.83
N GLY A 188 38.88 2.33 -9.89
CA GLY A 188 38.31 1.75 -11.12
C GLY A 188 36.90 1.27 -10.91
N THR A 189 36.50 0.25 -11.68
CA THR A 189 35.21 -0.41 -11.52
C THR A 189 35.20 -1.55 -10.47
N ALA A 190 36.23 -1.62 -9.63
CA ALA A 190 36.21 -2.45 -8.42
C ALA A 190 35.47 -1.78 -7.25
N ARG A 191 34.97 -0.57 -7.46
CA ARG A 191 34.03 0.08 -6.51
C ARG A 191 32.69 -0.68 -6.45
N ASN A 192 31.90 -0.60 -7.52
CA ASN A 192 30.61 -1.28 -7.67
C ASN A 192 29.82 -1.44 -6.35
N PHE A 193 29.55 -2.67 -5.89
CA PHE A 193 28.69 -2.90 -4.73
C PHE A 193 29.33 -2.61 -3.38
N ASN A 194 30.66 -2.46 -3.35
CA ASN A 194 31.36 -2.19 -2.09
C ASN A 194 30.81 -0.97 -1.32
N VAL A 195 30.31 0.03 -2.04
CA VAL A 195 29.65 1.15 -1.36
C VAL A 195 28.33 0.69 -0.72
N PRO A 196 27.28 0.36 -1.50
CA PRO A 196 26.03 -0.07 -0.87
C PRO A 196 26.15 -1.25 0.11
N VAL A 197 27.01 -2.23 -0.19
CA VAL A 197 27.30 -3.33 0.77
C VAL A 197 27.80 -2.79 2.11
N GLY A 198 28.72 -1.84 2.08
CA GLY A 198 29.27 -1.26 3.31
C GLY A 198 28.31 -0.45 4.18
N GLN A 199 27.20 -0.01 3.60
CA GLN A 199 26.19 0.74 4.33
C GLN A 199 25.16 -0.17 5.02
N CYS A 200 25.00 -1.40 4.53
CA CYS A 200 23.90 -2.28 4.93
C CYS A 200 24.20 -3.33 6.01
N GLY A 201 25.47 -3.58 6.30
CA GLY A 201 25.84 -4.56 7.32
C GLY A 201 25.69 -4.04 8.72
N GLN A 202 25.46 -4.95 9.65
CA GLN A 202 25.37 -4.61 11.08
C GLN A 202 26.80 -4.42 11.60
N THR A 203 27.68 -5.37 11.30
CA THR A 203 29.12 -5.23 11.54
C THR A 203 29.85 -5.35 10.20
N VAL A 204 30.30 -4.24 9.63
CA VAL A 204 30.95 -4.28 8.32
C VAL A 204 32.48 -4.33 8.47
N ILE A 205 33.11 -5.11 7.60
CA ILE A 205 34.56 -5.37 7.68
C ILE A 205 35.20 -5.18 6.30
N ALA A 206 36.36 -4.51 6.25
CA ALA A 206 36.98 -4.07 5.00
C ALA A 206 38.43 -4.51 4.85
N GLU A 207 38.72 -5.32 3.81
CA GLU A 207 40.10 -5.60 3.41
C GLU A 207 40.59 -4.42 2.58
N VAL A 208 41.80 -3.95 2.84
CA VAL A 208 42.36 -2.83 2.08
C VAL A 208 43.73 -3.19 1.51
N GLU A 209 43.95 -2.80 0.26
CA GLU A 209 45.21 -3.09 -0.44
C GLU A 209 46.33 -2.18 0.05
N ASN A 210 45.96 -1.01 0.61
CA ASN A 210 46.90 -0.07 1.21
C ASN A 210 46.31 0.57 2.47
N LEU A 211 47.09 0.62 3.55
CA LEU A 211 46.69 1.29 4.76
C LEU A 211 47.38 2.65 4.80
N VAL A 212 46.66 3.67 5.22
CA VAL A 212 47.24 5.01 5.42
C VAL A 212 46.85 5.53 6.79
N GLU A 213 47.49 6.61 7.21
CA GLU A 213 47.18 7.22 8.50
C GLU A 213 46.02 8.19 8.31
N ASN A 214 45.36 8.52 9.41
CA ASN A 214 44.25 9.49 9.40
C ASN A 214 44.80 10.90 9.11
N GLY A 215 44.45 11.44 7.95
CA GLY A 215 45.07 12.67 7.42
C GLY A 215 45.58 12.52 5.99
N ASP A 216 46.04 11.31 5.63
CA ASP A 216 46.57 11.03 4.29
C ASP A 216 45.49 10.94 3.19
N ILE A 217 44.28 10.49 3.53
CA ILE A 217 43.16 10.53 2.57
C ILE A 217 42.55 11.93 2.60
N ASP A 218 42.37 12.51 1.42
CA ASP A 218 41.71 13.81 1.28
C ASP A 218 40.22 13.62 1.59
N PRO A 219 39.65 14.44 2.51
CA PRO A 219 38.21 14.37 2.83
C PRO A 219 37.28 14.39 1.62
N ASP A 220 37.71 15.08 0.56
CA ASP A 220 36.91 15.26 -0.65
C ASP A 220 37.10 14.15 -1.72
N GLU A 221 37.88 13.12 -1.39
CA GLU A 221 38.06 11.93 -2.23
C GLU A 221 37.51 10.64 -1.59
N VAL A 222 36.94 10.72 -0.39
CA VAL A 222 36.43 9.54 0.32
C VAL A 222 35.15 9.00 -0.32
N HIS A 223 35.20 7.76 -0.81
CA HIS A 223 34.05 7.13 -1.46
C HIS A 223 33.10 6.43 -0.46
N LEU A 224 33.66 5.84 0.60
CA LEU A 224 32.85 5.28 1.69
C LEU A 224 33.29 5.95 3.00
N PRO A 225 32.42 6.79 3.60
CA PRO A 225 32.77 7.37 4.90
C PRO A 225 33.01 6.33 6.01
N GLY A 226 33.90 6.68 6.94
CA GLY A 226 34.37 5.77 7.98
C GLY A 226 33.34 5.28 8.98
N VAL A 227 32.37 6.12 9.31
CA VAL A 227 31.23 5.75 10.19
C VAL A 227 30.60 4.40 9.84
N TYR A 228 30.48 4.13 8.54
CA TYR A 228 29.93 2.86 8.07
C TYR A 228 30.86 1.65 8.35
N VAL A 229 32.16 1.90 8.45
CA VAL A 229 33.19 0.84 8.61
C VAL A 229 33.52 0.53 10.09
N ASP A 230 33.38 -0.75 10.47
CA ASP A 230 33.65 -1.20 11.83
C ASP A 230 35.00 -1.91 11.99
N ARG A 231 35.45 -2.64 10.96
CA ARG A 231 36.74 -3.36 10.99
C ARG A 231 37.49 -3.19 9.67
N VAL A 232 38.79 -2.93 9.75
CA VAL A 232 39.64 -2.81 8.54
C VAL A 232 40.86 -3.72 8.70
N VAL A 233 41.04 -4.62 7.74
CA VAL A 233 42.15 -5.57 7.72
C VAL A 233 43.04 -5.23 6.55
N VAL A 234 44.35 -5.46 6.70
CA VAL A 234 45.33 -5.26 5.63
C VAL A 234 45.96 -6.62 5.31
N PRO A 235 45.32 -7.41 4.42
CA PRO A 235 45.91 -8.72 4.08
C PRO A 235 47.26 -8.62 3.41
N GLU A 236 47.94 -9.76 3.28
CA GLU A 236 49.18 -9.84 2.52
C GLU A 236 48.85 -9.51 1.06
N ARG A 237 49.63 -8.60 0.46
CA ARG A 237 49.39 -8.15 -0.90
C ARG A 237 49.30 -9.32 -1.89
N TYR A 238 48.28 -9.26 -2.75
CA TYR A 238 48.01 -10.30 -3.73
C TYR A 238 47.37 -9.71 -5.00
N GLN A 239 47.50 -10.43 -6.11
CA GLN A 239 47.02 -9.97 -7.41
C GLN A 239 45.52 -10.26 -7.53
N THR A 240 44.75 -9.29 -8.00
CA THR A 240 43.34 -9.52 -8.33
C THR A 240 43.28 -10.40 -9.58
N LEU A 241 42.43 -11.42 -9.55
CA LEU A 241 42.34 -12.38 -10.66
C LEU A 241 41.65 -11.68 -11.82
N ILE A 242 42.30 -11.70 -12.98
CA ILE A 242 41.72 -11.22 -14.24
C ILE A 242 41.05 -12.42 -14.92
N GLU A 243 39.75 -12.30 -15.19
CA GLU A 243 39.01 -13.36 -15.89
C GLU A 243 39.41 -13.43 -17.35
N HIS A 244 39.33 -12.30 -18.04
CA HIS A 244 39.72 -12.18 -19.46
C HIS A 244 40.72 -11.04 -19.62
N ARG A 245 41.98 -11.40 -19.89
CA ARG A 245 43.06 -10.42 -20.06
C ARG A 245 43.09 -9.94 -21.51
N THR A 246 42.13 -9.10 -21.84
CA THR A 246 41.95 -8.59 -23.21
C THR A 246 42.88 -7.41 -23.43
N VAL A 247 43.58 -7.40 -24.57
CA VAL A 247 44.42 -6.26 -24.96
C VAL A 247 44.26 -5.90 -26.44
N THR A 248 44.49 -4.62 -26.76
CA THR A 248 44.68 -4.17 -28.14
C THR A 248 46.14 -4.43 -28.51
N ARG A 249 46.34 -5.19 -29.59
CA ARG A 249 47.64 -5.76 -29.96
C ARG A 249 48.07 -5.33 -31.35
N GLY A 264 36.70 -16.85 -40.01
CA GLY A 264 36.02 -18.07 -40.44
C GLY A 264 34.56 -17.84 -40.74
N GLU A 265 33.70 -18.12 -39.75
CA GLU A 265 32.24 -18.06 -39.91
C GLU A 265 31.58 -17.33 -38.74
N GLU A 266 31.56 -15.99 -38.83
CA GLU A 266 30.89 -15.13 -37.83
C GLU A 266 29.92 -14.15 -38.51
N VAL A 267 28.64 -14.52 -38.51
CA VAL A 267 27.56 -13.66 -39.02
C VAL A 267 27.32 -12.46 -38.08
N ARG A 268 27.75 -12.59 -36.83
CA ARG A 268 27.73 -11.52 -35.81
C ARG A 268 28.10 -10.11 -36.29
N GLN A 269 29.12 -10.02 -37.16
CA GLN A 269 29.53 -8.74 -37.79
C GLN A 269 28.39 -8.06 -38.55
N ARG A 270 27.77 -8.83 -39.45
CA ARG A 270 26.67 -8.34 -40.32
C ARG A 270 25.59 -7.57 -39.56
N ILE A 271 25.26 -8.06 -38.37
CA ILE A 271 24.24 -7.47 -37.50
C ILE A 271 24.85 -6.29 -36.72
N ALA A 272 26.09 -6.45 -36.25
CA ALA A 272 26.81 -5.39 -35.53
C ALA A 272 27.06 -4.11 -36.35
N ARG A 273 27.27 -4.27 -37.65
CA ARG A 273 27.46 -3.12 -38.55
C ARG A 273 26.16 -2.36 -38.84
N ARG A 274 25.01 -3.05 -38.83
CA ARG A 274 23.70 -2.39 -38.95
C ARG A 274 23.35 -1.66 -37.65
N ALA A 275 23.63 -2.32 -36.53
CA ALA A 275 23.33 -1.77 -35.21
C ALA A 275 24.14 -0.50 -34.90
N ALA A 276 25.38 -0.44 -35.39
CA ALA A 276 26.23 0.73 -35.15
C ALA A 276 25.75 2.02 -35.83
N LEU A 277 24.80 1.92 -36.76
CA LEU A 277 24.07 3.08 -37.30
C LEU A 277 22.99 3.64 -36.35
N GLU A 278 22.70 2.94 -35.26
CA GLU A 278 21.85 3.48 -34.17
C GLU A 278 22.61 4.49 -33.28
N PHE A 279 23.95 4.38 -33.24
CA PHE A 279 24.78 5.33 -32.50
C PHE A 279 24.75 6.73 -33.11
N ALA A 280 23.90 7.60 -32.58
CA ALA A 280 23.89 9.02 -32.94
C ALA A 280 24.95 9.79 -32.14
N ASN A 281 25.17 11.04 -32.52
CA ASN A 281 26.15 11.91 -31.84
C ASN A 281 25.62 12.37 -30.48
N GLY A 282 26.52 12.43 -29.50
CA GLY A 282 26.18 12.89 -28.16
C GLY A 282 25.37 11.93 -27.30
N MET A 283 25.16 10.70 -27.78
CA MET A 283 24.37 9.70 -27.06
C MET A 283 25.19 9.08 -25.93
N TYR A 284 24.51 8.76 -24.83
CA TYR A 284 25.07 7.97 -23.74
C TYR A 284 24.45 6.59 -23.88
N VAL A 285 25.28 5.57 -24.12
CA VAL A 285 24.77 4.22 -24.44
C VAL A 285 25.28 3.13 -23.48
N ASN A 286 24.50 2.05 -23.39
CA ASN A 286 24.87 0.86 -22.63
C ASN A 286 24.76 -0.35 -23.54
N LEU A 287 25.78 -1.21 -23.50
CA LEU A 287 25.89 -2.36 -24.38
C LEU A 287 25.95 -3.63 -23.56
N GLY A 288 25.04 -4.56 -23.83
CA GLY A 288 25.05 -5.87 -23.19
C GLY A 288 26.20 -6.73 -23.68
N ILE A 289 26.56 -7.74 -22.90
CA ILE A 289 27.71 -8.60 -23.24
C ILE A 289 27.47 -9.41 -24.52
N GLY A 290 28.53 -9.73 -25.23
CA GLY A 290 28.44 -10.48 -26.48
C GLY A 290 28.22 -9.57 -27.68
N ILE A 291 27.08 -9.75 -28.36
CA ILE A 291 26.88 -9.17 -29.71
C ILE A 291 26.74 -7.63 -29.72
N PRO A 292 26.03 -7.04 -28.74
CA PRO A 292 25.92 -5.58 -28.69
C PRO A 292 27.24 -4.85 -28.46
N THR A 293 28.15 -5.47 -27.70
CA THR A 293 29.47 -4.89 -27.44
C THR A 293 30.35 -4.80 -28.69
N GLU A 294 30.17 -5.73 -29.62
CA GLU A 294 30.98 -5.77 -30.85
C GLU A 294 30.45 -4.89 -32.00
N SER A 295 29.49 -3.99 -31.70
CA SER A 295 29.20 -2.83 -32.56
C SER A 295 30.03 -1.60 -32.18
N SER A 296 30.80 -1.68 -31.08
CA SER A 296 31.78 -0.65 -30.70
C SER A 296 32.90 -0.42 -31.72
N ASN A 297 33.14 -1.39 -32.60
CA ASN A 297 34.15 -1.25 -33.65
C ASN A 297 33.72 -0.28 -34.76
N TYR A 298 32.42 -0.26 -35.09
CA TYR A 298 31.91 0.41 -36.30
C TYR A 298 31.17 1.75 -36.06
N ILE A 299 31.60 2.52 -35.06
CA ILE A 299 31.07 3.89 -34.85
C ILE A 299 31.70 4.79 -35.92
N PRO A 300 30.85 5.47 -36.75
CA PRO A 300 31.37 6.38 -37.78
C PRO A 300 32.40 7.37 -37.23
N ALA A 301 33.45 7.63 -38.03
CA ALA A 301 34.62 8.40 -37.58
C ALA A 301 34.28 9.75 -36.93
N GLY A 302 33.29 10.44 -37.49
CA GLY A 302 32.80 11.70 -36.91
C GLY A 302 32.08 11.53 -35.59
N VAL A 303 31.24 10.50 -35.49
CA VAL A 303 30.43 10.26 -34.29
C VAL A 303 31.29 9.77 -33.12
N ASN A 304 31.02 10.31 -31.93
CA ASN A 304 31.68 9.89 -30.68
C ASN A 304 30.65 9.72 -29.56
N VAL A 305 30.22 8.48 -29.36
CA VAL A 305 29.32 8.13 -28.25
C VAL A 305 30.08 8.00 -26.94
N VAL A 306 29.35 7.94 -25.83
CA VAL A 306 29.90 7.64 -24.51
C VAL A 306 29.33 6.28 -24.07
N LEU A 307 30.19 5.26 -24.03
CA LEU A 307 29.78 3.93 -23.58
C LEU A 307 29.63 3.93 -22.06
N GLN A 308 28.58 3.27 -21.57
CA GLN A 308 28.36 3.13 -20.15
C GLN A 308 28.45 1.65 -19.81
N SER A 309 29.28 1.32 -18.82
CA SER A 309 29.37 -0.01 -18.24
C SER A 309 28.60 -0.01 -16.92
N GLU A 310 27.74 -1.01 -16.73
CA GLU A 310 26.86 -1.12 -15.55
C GLU A 310 27.61 -1.32 -14.22
N ASN A 311 28.84 -1.81 -14.28
CA ASN A 311 29.68 -1.99 -13.08
C ASN A 311 30.37 -0.72 -12.56
N GLY A 312 30.07 0.43 -13.19
CA GLY A 312 30.36 1.75 -12.60
C GLY A 312 31.26 2.65 -13.42
N LEU A 313 30.96 2.79 -14.71
CA LEU A 313 31.78 3.61 -15.62
C LEU A 313 30.97 4.21 -16.77
N ILE A 314 31.12 5.51 -16.97
CA ILE A 314 30.82 6.17 -18.26
C ILE A 314 32.15 6.61 -18.86
N GLY A 315 32.27 6.48 -20.18
CA GLY A 315 33.49 6.76 -20.92
C GLY A 315 34.39 5.54 -21.03
N MET A 316 33.80 4.38 -21.29
CA MET A 316 34.54 3.12 -21.40
C MET A 316 35.29 3.10 -22.73
N GLY A 317 36.59 2.86 -22.66
CA GLY A 317 37.46 2.82 -23.84
C GLY A 317 37.54 1.44 -24.45
N PRO A 318 38.39 1.27 -25.48
CA PRO A 318 38.67 -0.08 -26.01
C PRO A 318 39.59 -0.92 -25.09
N PHE A 319 39.99 -2.11 -25.54
CA PHE A 319 40.90 -2.95 -24.75
C PHE A 319 42.24 -2.23 -24.64
N PRO A 320 42.88 -2.26 -23.45
CA PRO A 320 44.12 -1.51 -23.27
C PRO A 320 45.32 -2.16 -23.98
N THR A 321 46.42 -1.42 -24.11
CA THR A 321 47.68 -2.02 -24.53
C THR A 321 48.21 -2.84 -23.35
N GLU A 322 49.28 -3.60 -23.58
CA GLU A 322 49.84 -4.48 -22.52
C GLU A 322 50.34 -3.69 -21.30
N ASP A 323 50.94 -2.52 -21.55
CA ASP A 323 51.38 -1.60 -20.47
C ASP A 323 50.24 -1.02 -19.61
N LYS A 324 49.08 -0.77 -20.23
CA LYS A 324 47.92 -0.17 -19.54
C LYS A 324 46.98 -1.15 -18.82
N VAL A 325 47.17 -2.46 -19.00
CA VAL A 325 46.23 -3.47 -18.45
C VAL A 325 46.13 -3.42 -16.91
N ASP A 326 44.93 -3.07 -16.42
CA ASP A 326 44.65 -2.94 -14.99
C ASP A 326 43.44 -3.80 -14.63
N ALA A 327 43.59 -4.63 -13.60
CA ALA A 327 42.52 -5.53 -13.14
C ALA A 327 41.27 -4.82 -12.58
N ASP A 328 41.44 -3.61 -12.07
CA ASP A 328 40.32 -2.81 -11.54
C ASP A 328 39.43 -2.19 -12.62
N TRP A 329 39.90 -2.19 -13.87
CA TRP A 329 39.13 -1.63 -14.97
C TRP A 329 38.61 -2.74 -15.89
N ILE A 330 37.39 -3.19 -15.60
CA ILE A 330 36.74 -4.21 -16.41
C ILE A 330 35.31 -3.81 -16.77
N ASN A 331 34.77 -4.49 -17.79
CA ASN A 331 33.41 -4.24 -18.29
C ASN A 331 32.40 -5.22 -17.66
N ALA A 332 31.16 -5.23 -18.15
CA ALA A 332 30.15 -6.21 -17.72
C ALA A 332 30.53 -7.68 -18.00
N GLY A 333 31.28 -7.92 -19.09
CA GLY A 333 31.79 -9.24 -19.43
C GLY A 333 33.08 -9.67 -18.76
N LYS A 334 33.63 -8.83 -17.88
CA LYS A 334 34.84 -9.11 -17.08
C LYS A 334 36.09 -9.20 -17.96
N GLN A 335 36.25 -8.19 -18.82
CA GLN A 335 37.36 -8.05 -19.73
C GLN A 335 38.08 -6.75 -19.40
N THR A 336 39.41 -6.79 -19.43
CA THR A 336 40.23 -5.62 -19.10
C THR A 336 40.03 -4.51 -20.14
N ILE A 337 39.92 -3.27 -19.64
CA ILE A 337 39.35 -2.17 -20.40
C ILE A 337 40.13 -0.89 -20.13
N SER A 338 40.23 -0.03 -21.15
CA SER A 338 40.80 1.32 -21.02
C SER A 338 39.65 2.31 -20.80
N HIS A 339 40.00 3.58 -20.55
CA HIS A 339 39.00 4.64 -20.36
C HIS A 339 39.40 5.92 -21.10
N LEU A 340 38.40 6.59 -21.65
CA LEU A 340 38.61 7.80 -22.44
C LEU A 340 38.72 9.00 -21.52
N ALA A 341 39.20 10.11 -22.05
CA ALA A 341 39.28 11.36 -21.30
C ALA A 341 37.87 11.86 -21.02
N GLY A 342 37.66 12.40 -19.82
CA GLY A 342 36.33 12.85 -19.39
C GLY A 342 35.38 11.71 -19.06
N SER A 343 35.93 10.57 -18.65
CA SER A 343 35.17 9.42 -18.16
C SER A 343 34.94 9.57 -16.65
N ALA A 344 33.93 8.89 -16.13
CA ALA A 344 33.58 8.98 -14.70
C ALA A 344 33.24 7.62 -14.07
N LEU A 345 33.82 7.35 -12.91
CA LEU A 345 33.49 6.17 -12.11
C LEU A 345 32.42 6.49 -11.08
N PHE A 346 31.66 5.46 -10.70
CA PHE A 346 30.60 5.56 -9.67
C PHE A 346 30.30 4.18 -9.09
N ASP A 347 29.57 4.13 -7.98
CA ASP A 347 29.20 2.84 -7.36
C ASP A 347 27.99 2.22 -8.05
N SER A 348 27.60 1.03 -7.62
CA SER A 348 26.51 0.26 -8.27
C SER A 348 25.09 0.75 -7.97
N ALA A 349 24.88 1.37 -6.82
CA ALA A 349 23.61 2.02 -6.51
C ALA A 349 23.36 3.20 -7.46
N THR A 350 24.40 4.02 -7.67
CA THR A 350 24.33 5.19 -8.57
C THR A 350 24.20 4.77 -10.04
N SER A 351 25.01 3.80 -10.45
CA SER A 351 24.97 3.24 -11.81
C SER A 351 23.55 2.85 -12.24
N PHE A 352 22.80 2.23 -11.34
CA PHE A 352 21.43 1.79 -11.64
C PHE A 352 20.35 2.80 -11.33
N ALA A 353 20.68 3.84 -10.55
CA ALA A 353 19.84 5.03 -10.48
C ALA A 353 19.89 5.80 -11.82
N MET A 354 21.07 5.80 -12.43
CA MET A 354 21.30 6.39 -13.75
C MET A 354 20.52 5.66 -14.84
N ILE A 355 20.57 4.32 -14.81
CA ILE A 355 19.89 3.49 -15.82
C ILE A 355 18.37 3.47 -15.60
N ARG A 356 17.95 3.21 -14.36
CA ARG A 356 16.52 3.13 -14.02
C ARG A 356 15.82 4.48 -14.19
N GLY A 357 16.59 5.57 -14.07
CA GLY A 357 16.09 6.92 -14.33
C GLY A 357 16.00 7.35 -15.78
N GLY A 358 16.37 6.48 -16.71
CA GLY A 358 16.29 6.80 -18.13
C GLY A 358 17.32 7.79 -18.65
N HIS A 359 18.49 7.86 -18.00
CA HIS A 359 19.57 8.75 -18.44
C HIS A 359 20.41 8.19 -19.59
N MET A 360 20.27 6.90 -19.89
CA MET A 360 20.91 6.30 -21.07
C MET A 360 20.02 6.55 -22.29
N ASP A 361 20.65 6.93 -23.41
CA ASP A 361 19.91 7.18 -24.65
C ASP A 361 19.63 5.88 -25.39
N LEU A 362 20.63 5.01 -25.46
CA LEU A 362 20.49 3.72 -26.12
C LEU A 362 20.87 2.58 -25.19
N THR A 363 20.16 1.46 -25.35
CA THR A 363 20.42 0.24 -24.61
C THR A 363 20.30 -0.91 -25.60
N MET A 364 21.42 -1.60 -25.84
CA MET A 364 21.42 -2.78 -26.71
C MET A 364 21.77 -4.03 -25.91
N LEU A 365 21.05 -5.12 -26.22
CA LEU A 365 21.13 -6.38 -25.48
C LEU A 365 21.09 -7.58 -26.43
N GLY A 366 21.54 -8.72 -25.91
CA GLY A 366 21.33 -10.01 -26.58
C GLY A 366 19.93 -10.56 -26.30
N ALA A 367 19.59 -11.66 -26.97
CA ALA A 367 18.33 -12.34 -26.74
C ALA A 367 18.50 -13.86 -26.77
N LEU A 368 17.63 -14.54 -26.04
CA LEU A 368 17.35 -15.96 -26.23
C LEU A 368 16.07 -16.09 -27.06
N GLU A 369 15.09 -15.22 -26.76
CA GLU A 369 13.88 -15.08 -27.58
C GLU A 369 13.35 -13.63 -27.55
N VAL A 370 12.82 -13.18 -28.69
CA VAL A 370 12.26 -11.82 -28.83
C VAL A 370 10.90 -11.91 -29.52
N ALA A 371 10.00 -10.97 -29.23
CA ALA A 371 8.61 -11.07 -29.68
C ALA A 371 7.99 -9.77 -30.20
N ALA A 372 6.87 -9.93 -30.92
CA ALA A 372 6.09 -8.82 -31.50
C ALA A 372 5.38 -7.96 -30.46
N ASN A 373 5.17 -8.54 -29.27
CA ASN A 373 4.60 -7.83 -28.12
C ASN A 373 5.54 -6.77 -27.50
N GLY A 374 6.80 -6.70 -27.97
CA GLY A 374 7.83 -5.84 -27.40
C GLY A 374 8.62 -6.53 -26.30
N ASP A 375 8.47 -7.85 -26.19
CA ASP A 375 9.05 -8.62 -25.10
C ASP A 375 10.48 -9.04 -25.39
N LEU A 376 11.17 -9.47 -24.35
CA LEU A 376 12.54 -10.00 -24.47
C LEU A 376 12.75 -11.06 -23.40
N ALA A 377 13.25 -12.23 -23.81
CA ALA A 377 13.62 -13.30 -22.91
C ALA A 377 15.10 -13.53 -23.11
N ASN A 378 15.92 -13.14 -22.13
CA ASN A 378 17.37 -13.25 -22.27
C ASN A 378 18.19 -13.67 -21.03
N PHE A 379 17.50 -14.09 -19.97
CA PHE A 379 18.17 -14.48 -18.74
C PHE A 379 18.13 -15.96 -18.33
N MET A 380 17.21 -16.74 -18.88
CA MET A 380 17.20 -18.16 -18.54
C MET A 380 16.36 -19.11 -19.35
N ILE A 381 16.80 -20.35 -19.24
CA ILE A 381 16.15 -21.52 -19.79
C ILE A 381 16.33 -22.50 -18.66
N PRO A 382 15.12 -22.91 -18.13
CA PRO A 382 15.18 -23.79 -16.96
C PRO A 382 16.07 -25.02 -16.95
N GLY A 383 16.76 -25.15 -15.84
CA GLY A 383 17.62 -26.28 -15.63
C GLY A 383 18.51 -26.53 -16.79
N LYS A 384 18.65 -25.53 -17.65
CA LYS A 384 19.51 -25.72 -18.79
C LYS A 384 20.58 -24.68 -18.77
N LEU A 385 20.22 -23.42 -18.73
CA LEU A 385 21.23 -22.38 -18.69
C LEU A 385 20.78 -21.29 -17.77
N VAL A 386 21.43 -21.20 -16.64
CA VAL A 386 21.03 -20.27 -15.63
C VAL A 386 22.09 -19.30 -15.22
N LYS A 387 22.10 -18.15 -15.87
CA LYS A 387 23.06 -17.11 -15.65
C LYS A 387 22.52 -16.06 -14.70
N GLY A 388 21.29 -15.66 -14.93
CA GLY A 388 20.64 -14.70 -14.09
C GLY A 388 20.30 -13.43 -14.82
N PRO A 389 19.42 -12.64 -14.24
CA PRO A 389 19.04 -11.39 -14.87
C PRO A 389 20.19 -10.42 -15.05
N GLY A 390 20.98 -10.23 -14.00
CA GLY A 390 22.00 -9.19 -14.00
C GLY A 390 21.33 -7.83 -14.09
N GLY A 391 21.91 -6.92 -14.86
CA GLY A 391 21.33 -5.60 -15.09
C GLY A 391 20.26 -5.52 -16.16
N ALA A 392 20.02 -6.63 -16.87
CA ALA A 392 19.09 -6.66 -18.00
C ALA A 392 17.67 -6.23 -17.64
N MET A 393 17.16 -6.65 -16.49
CA MET A 393 15.79 -6.29 -16.08
C MET A 393 15.64 -4.80 -15.75
N ASP A 394 16.72 -4.15 -15.31
CA ASP A 394 16.72 -2.69 -15.11
C ASP A 394 16.78 -1.96 -16.44
N LEU A 395 17.77 -2.33 -17.27
CA LEU A 395 18.00 -1.73 -18.60
C LEU A 395 16.77 -1.76 -19.53
N VAL A 396 15.92 -2.76 -19.39
CA VAL A 396 14.69 -2.90 -20.22
C VAL A 396 13.43 -2.23 -19.66
N SER A 397 13.33 -2.14 -18.33
CA SER A 397 12.14 -1.59 -17.67
C SER A 397 12.10 -0.07 -17.62
N CYS A 398 13.25 0.58 -17.77
CA CYS A 398 13.34 2.05 -17.73
C CYS A 398 12.76 2.69 -19.00
N GLY A 399 12.82 4.02 -19.10
CA GLY A 399 12.34 4.71 -20.29
C GLY A 399 13.08 4.38 -21.57
N THR A 400 14.39 4.15 -21.44
CA THR A 400 15.35 4.06 -22.57
C THR A 400 14.89 3.18 -23.76
N ARG A 401 15.28 3.61 -24.96
CA ARG A 401 14.97 2.90 -26.20
C ARG A 401 15.82 1.62 -26.26
N VAL A 402 15.16 0.47 -26.26
CA VAL A 402 15.83 -0.84 -26.25
C VAL A 402 15.91 -1.39 -27.67
N VAL A 403 17.14 -1.64 -28.13
CA VAL A 403 17.41 -2.22 -29.44
C VAL A 403 18.06 -3.59 -29.24
N VAL A 404 17.34 -4.65 -29.60
CA VAL A 404 17.83 -6.03 -29.49
C VAL A 404 18.62 -6.41 -30.75
N THR A 405 19.75 -7.09 -30.55
CA THR A 405 20.60 -7.57 -31.65
C THR A 405 20.84 -9.06 -31.51
N THR A 406 20.15 -9.84 -32.35
CA THR A 406 20.19 -11.31 -32.33
C THR A 406 20.26 -11.87 -33.75
N THR A 407 20.88 -13.05 -33.89
CA THR A 407 20.80 -13.82 -35.15
C THR A 407 19.36 -14.30 -35.32
N HIS A 408 18.91 -14.42 -36.57
CA HIS A 408 17.48 -14.57 -36.85
C HIS A 408 16.86 -15.87 -36.34
N CYS A 409 17.58 -16.98 -36.53
CA CYS A 409 17.19 -18.31 -36.03
C CYS A 409 18.28 -18.86 -35.12
N ASN A 410 17.94 -19.91 -34.35
CA ASN A 410 18.81 -20.42 -33.27
C ASN A 410 19.69 -21.63 -33.69
N LYS A 411 20.46 -22.16 -32.74
CA LYS A 411 21.33 -23.34 -32.98
C LYS A 411 20.62 -24.65 -33.35
N ASN A 412 19.31 -24.74 -33.14
CA ASN A 412 18.52 -25.85 -33.65
C ASN A 412 17.87 -25.54 -35.02
N GLY A 413 17.58 -24.26 -35.28
CA GLY A 413 16.92 -23.82 -36.52
C GLY A 413 15.62 -23.06 -36.31
N ASP A 414 15.06 -23.15 -35.11
CA ASP A 414 13.79 -22.47 -34.76
C ASP A 414 13.93 -20.94 -34.74
N PRO A 415 12.81 -20.22 -34.89
CA PRO A 415 12.89 -18.76 -34.98
C PRO A 415 12.97 -18.08 -33.60
N LYS A 416 14.02 -17.27 -33.39
CA LYS A 416 14.18 -16.52 -32.14
C LYS A 416 13.18 -15.37 -32.03
N ILE A 417 12.64 -14.93 -33.16
CA ILE A 417 11.52 -13.99 -33.20
C ILE A 417 10.23 -14.81 -33.21
N VAL A 418 9.30 -14.49 -32.31
CA VAL A 418 8.06 -15.27 -32.12
C VAL A 418 6.86 -14.38 -31.80
N GLU A 419 5.66 -14.99 -31.74
CA GLU A 419 4.43 -14.27 -31.40
C GLU A 419 4.44 -13.89 -29.91
N ARG A 420 4.62 -14.91 -29.08
CA ARG A 420 4.79 -14.77 -27.63
C ARG A 420 6.00 -15.59 -27.20
N CYS A 421 6.67 -15.14 -26.14
CA CYS A 421 7.93 -15.74 -25.68
C CYS A 421 7.71 -17.08 -24.99
N ARG A 422 8.41 -18.12 -25.46
CA ARG A 422 8.37 -19.44 -24.82
C ARG A 422 9.12 -19.41 -23.47
N LEU A 423 10.30 -18.79 -23.44
CA LEU A 423 11.13 -18.73 -22.24
C LEU A 423 10.65 -17.66 -21.24
N PRO A 424 11.16 -17.69 -19.98
CA PRO A 424 10.85 -16.63 -19.02
C PRO A 424 11.23 -15.24 -19.50
N VAL A 425 10.40 -14.26 -19.16
CA VAL A 425 10.47 -12.91 -19.71
C VAL A 425 11.46 -12.05 -18.91
N THR A 426 12.32 -11.32 -19.61
CA THR A 426 13.22 -10.31 -19.01
C THR A 426 12.48 -8.99 -18.81
N GLY A 427 11.56 -8.70 -19.71
CA GLY A 427 10.66 -7.56 -19.57
C GLY A 427 9.64 -7.57 -20.69
N LYS A 428 8.44 -7.07 -20.40
CA LYS A 428 7.35 -7.05 -21.37
C LYS A 428 7.22 -5.63 -21.95
N HIS A 429 6.92 -5.54 -23.25
CA HIS A 429 6.74 -4.27 -23.98
C HIS A 429 8.00 -3.37 -24.05
N CYS A 430 9.18 -3.94 -23.85
CA CYS A 430 10.42 -3.15 -23.70
C CYS A 430 11.15 -2.86 -25.01
N VAL A 431 11.15 -3.82 -25.94
CA VAL A 431 11.94 -3.73 -27.17
C VAL A 431 11.32 -2.77 -28.20
N CYS A 432 12.08 -1.74 -28.58
CA CYS A 432 11.65 -0.77 -29.59
C CYS A 432 12.00 -1.23 -31.00
N ARG A 433 13.20 -1.76 -31.18
CA ARG A 433 13.66 -2.28 -32.47
C ARG A 433 14.39 -3.62 -32.30
N ILE A 434 14.23 -4.51 -33.28
CA ILE A 434 14.98 -5.77 -33.35
C ILE A 434 15.81 -5.72 -34.64
N ILE A 435 17.09 -6.03 -34.52
CA ILE A 435 18.03 -5.93 -35.64
C ILE A 435 18.65 -7.31 -35.87
N THR A 436 18.31 -7.92 -37.00
CA THR A 436 18.83 -9.23 -37.41
C THR A 436 19.66 -9.09 -38.68
N GLU A 437 20.34 -10.17 -39.07
CA GLU A 437 21.09 -10.18 -40.35
C GLU A 437 20.16 -10.25 -41.56
N TYR A 438 18.92 -10.70 -41.35
CA TYR A 438 17.88 -10.77 -42.39
C TYR A 438 16.99 -9.52 -42.47
N ALA A 439 16.63 -8.94 -41.31
CA ALA A 439 15.63 -7.86 -41.28
C ALA A 439 15.69 -6.97 -40.04
N VAL A 440 15.04 -5.81 -40.16
CA VAL A 440 14.85 -4.86 -39.06
C VAL A 440 13.35 -4.73 -38.80
N PHE A 441 12.93 -4.97 -37.56
CA PHE A 441 11.53 -4.84 -37.16
C PHE A 441 11.38 -3.72 -36.14
N ASP A 442 10.19 -3.14 -36.10
CA ASP A 442 9.83 -2.08 -35.17
C ASP A 442 8.47 -2.41 -34.55
N VAL A 443 8.40 -2.34 -33.23
CA VAL A 443 7.15 -2.61 -32.50
C VAL A 443 6.32 -1.33 -32.44
N VAL A 444 5.07 -1.40 -32.90
CA VAL A 444 4.11 -0.28 -32.81
C VAL A 444 2.75 -0.81 -32.30
N ASP A 445 2.34 -0.34 -31.13
CA ASP A 445 1.09 -0.76 -30.45
C ASP A 445 1.01 -2.28 -30.19
N GLY A 446 2.09 -2.84 -29.66
CA GLY A 446 2.17 -4.29 -29.37
C GLY A 446 2.15 -5.20 -30.59
N ARG A 447 2.66 -4.73 -31.72
CA ARG A 447 2.61 -5.45 -33.00
C ARG A 447 3.85 -5.12 -33.85
N LEU A 448 4.34 -6.14 -34.57
CA LEU A 448 5.61 -6.04 -35.33
C LEU A 448 5.41 -5.31 -36.66
N VAL A 449 6.43 -4.54 -37.07
CA VAL A 449 6.41 -3.81 -38.36
C VAL A 449 7.79 -3.86 -39.04
N LEU A 450 7.88 -4.58 -40.16
CA LEU A 450 9.13 -4.74 -40.90
C LEU A 450 9.49 -3.47 -41.67
N LYS A 451 10.63 -2.86 -41.32
CA LYS A 451 11.08 -1.61 -41.93
C LYS A 451 12.22 -1.78 -42.94
N GLU A 452 13.16 -2.66 -42.59
CA GLU A 452 14.34 -2.92 -43.40
C GLU A 452 14.57 -4.37 -43.64
N ILE A 453 15.14 -4.64 -44.80
CA ILE A 453 15.49 -5.95 -45.34
C ILE A 453 16.91 -5.93 -45.94
N ALA A 454 17.57 -7.08 -45.92
CA ALA A 454 18.95 -7.25 -46.32
C ALA A 454 19.38 -7.52 -47.76
N GLU A 455 20.65 -7.94 -47.88
CA GLU A 455 21.33 -8.30 -49.12
C GLU A 455 21.22 -9.82 -49.31
N ASP A 456 20.14 -10.30 -49.89
CA ASP A 456 19.03 -9.47 -50.32
C ASP A 456 18.01 -10.52 -50.57
N THR A 457 17.60 -11.14 -49.48
CA THR A 457 16.63 -12.20 -49.52
C THR A 457 15.29 -11.55 -49.32
N THR A 458 14.51 -11.51 -50.37
CA THR A 458 13.22 -10.91 -50.29
C THR A 458 12.44 -11.42 -49.10
N VAL A 459 11.34 -10.74 -48.85
CA VAL A 459 10.40 -11.10 -47.84
C VAL A 459 10.12 -12.59 -48.00
N ASP A 460 10.24 -13.07 -49.22
CA ASP A 460 10.05 -14.46 -49.60
C ASP A 460 10.56 -15.40 -48.53
N GLN A 461 11.82 -15.16 -48.21
CA GLN A 461 12.65 -15.92 -47.28
C GLN A 461 12.43 -15.53 -45.81
N VAL A 462 12.35 -14.23 -45.54
CA VAL A 462 12.25 -13.72 -44.17
C VAL A 462 10.95 -14.12 -43.45
N LYS A 463 9.83 -14.19 -44.20
CA LYS A 463 8.54 -14.56 -43.60
C LYS A 463 8.47 -16.00 -43.08
N LYS A 464 9.21 -16.91 -43.71
CA LYS A 464 9.32 -18.30 -43.24
C LYS A 464 10.34 -18.50 -42.12
N LEU A 465 11.18 -17.49 -41.87
CA LEU A 465 12.16 -17.52 -40.78
C LEU A 465 11.68 -16.81 -39.50
N THR A 466 10.66 -15.96 -39.58
CA THR A 466 10.01 -15.37 -38.39
C THR A 466 8.86 -16.25 -37.90
N GLY A 467 8.69 -16.36 -36.58
CA GLY A 467 7.62 -17.17 -35.98
C GLY A 467 6.31 -16.44 -35.78
N VAL A 468 5.98 -15.51 -36.68
CA VAL A 468 4.80 -14.64 -36.55
C VAL A 468 4.60 -13.84 -37.84
N GLY A 469 3.36 -13.40 -38.09
CA GLY A 469 3.03 -12.49 -39.19
C GLY A 469 3.20 -11.03 -38.79
N PHE A 470 3.62 -10.19 -39.75
CA PHE A 470 3.96 -8.79 -39.47
C PHE A 470 3.55 -7.84 -40.59
N ASP A 471 3.27 -6.59 -40.21
CA ASP A 471 2.96 -5.50 -41.14
C ASP A 471 4.20 -5.14 -41.96
N ALA A 472 4.00 -4.86 -43.25
CA ALA A 472 5.11 -4.48 -44.14
C ALA A 472 4.64 -3.70 -45.35
N ASP A 473 4.84 -2.38 -45.32
CA ASP A 473 4.59 -1.48 -46.45
C ASP A 473 5.87 -0.72 -46.81
N ASN A 474 6.32 0.16 -45.91
CA ASN A 474 7.51 1.00 -46.13
C ASN A 474 8.80 0.18 -45.94
N VAL A 475 9.09 -0.67 -46.93
CA VAL A 475 10.27 -1.53 -46.90
C VAL A 475 11.38 -0.82 -47.66
N ILE A 476 12.59 -0.91 -47.12
CA ILE A 476 13.80 -0.39 -47.75
C ILE A 476 14.88 -1.45 -47.58
N THR A 477 16.07 -1.21 -48.12
CA THR A 477 17.21 -2.10 -47.87
C THR A 477 17.84 -1.81 -46.51
N MET A 478 18.64 -2.76 -46.03
CA MET A 478 19.36 -2.64 -44.78
C MET A 478 20.77 -2.12 -45.09
N PRO A 479 21.08 -0.86 -44.66
CA PRO A 479 22.45 -0.35 -44.82
C PRO A 479 23.38 -0.84 -43.72
N LEU A 480 24.68 -0.79 -43.98
CA LEU A 480 25.70 -1.23 -43.03
C LEU A 480 26.84 -0.22 -42.96
N ALA A 481 27.38 -0.03 -41.76
CA ALA A 481 28.52 0.86 -41.55
C ALA A 481 29.83 0.18 -42.01
N PRO A 482 30.91 0.97 -42.19
CA PRO A 482 32.24 0.36 -42.45
C PRO A 482 32.77 -0.44 -41.26
N GLY B 2 36.36 15.59 -26.13
CA GLY B 2 35.35 14.68 -26.75
C GLY B 2 33.95 15.25 -26.89
N LEU B 3 33.37 15.67 -25.76
CA LEU B 3 31.98 16.14 -25.66
C LEU B 3 31.98 17.51 -24.98
N ASP B 4 31.28 18.50 -25.56
CA ASP B 4 31.29 19.88 -25.05
C ASP B 4 29.87 20.42 -24.71
N LYS B 5 29.73 20.90 -23.47
CA LYS B 5 28.47 21.37 -22.94
C LYS B 5 28.55 22.81 -22.43
N VAL B 6 29.61 23.53 -22.79
CA VAL B 6 29.84 24.89 -22.29
C VAL B 6 28.88 25.87 -22.97
N MET B 7 28.37 26.82 -22.18
CA MET B 7 27.52 27.89 -22.67
C MET B 7 27.88 29.18 -21.94
N SER B 8 27.42 30.29 -22.48
CA SER B 8 27.45 31.55 -21.79
C SER B 8 26.35 31.54 -20.73
N LEU B 9 26.44 32.48 -19.80
CA LEU B 9 25.48 32.61 -18.71
C LEU B 9 24.06 32.90 -19.23
N SER B 10 23.93 33.86 -20.15
CA SER B 10 22.61 34.30 -20.65
C SER B 10 21.88 33.25 -21.48
N SER B 11 22.60 32.65 -22.43
CA SER B 11 22.02 31.68 -23.36
C SER B 11 21.52 30.40 -22.67
N ALA B 12 22.29 29.92 -21.70
CA ALA B 12 21.91 28.72 -20.93
C ALA B 12 20.58 28.88 -20.16
N VAL B 13 20.28 30.11 -19.74
CA VAL B 13 19.11 30.41 -18.89
C VAL B 13 17.83 30.74 -19.72
N GLN B 14 17.97 31.14 -20.99
CA GLN B 14 16.84 31.65 -21.79
C GLN B 14 15.69 30.66 -22.08
N ASP B 15 15.92 29.36 -21.93
CA ASP B 15 14.86 28.34 -22.07
C ASP B 15 13.78 28.39 -20.98
N ILE B 16 14.11 28.95 -19.82
CA ILE B 16 13.27 28.83 -18.64
C ILE B 16 12.02 29.69 -18.84
N LYS B 17 10.92 29.04 -19.17
CA LYS B 17 9.62 29.69 -19.37
C LYS B 17 8.99 30.07 -18.04
N ASN B 18 8.00 30.94 -18.10
CA ASN B 18 7.16 31.24 -16.93
C ASN B 18 6.44 29.96 -16.50
N GLY B 19 6.33 29.77 -15.19
CA GLY B 19 5.74 28.56 -14.62
C GLY B 19 6.70 27.39 -14.42
N ALA B 20 7.98 27.58 -14.70
CA ALA B 20 8.97 26.49 -14.69
C ALA B 20 9.30 26.02 -13.28
N THR B 21 9.41 24.70 -13.10
CA THR B 21 9.86 24.10 -11.84
C THR B 21 11.38 23.96 -11.84
N LEU B 22 12.01 24.35 -10.74
CA LEU B 22 13.46 24.32 -10.63
C LEU B 22 13.87 23.53 -9.40
N ALA B 23 15.05 22.92 -9.48
CA ALA B 23 15.72 22.34 -8.32
C ALA B 23 17.06 23.04 -8.17
N VAL B 24 17.34 23.57 -6.99
CA VAL B 24 18.54 24.38 -6.74
C VAL B 24 19.36 23.76 -5.62
N GLY B 25 20.64 23.50 -5.87
CA GLY B 25 21.57 23.08 -4.82
C GLY B 25 21.97 24.25 -3.92
N GLY B 26 22.51 23.94 -2.75
CA GLY B 26 22.88 24.97 -1.77
C GLY B 26 22.32 24.68 -0.40
N PHE B 27 23.20 24.70 0.60
CA PHE B 27 22.82 24.65 2.01
C PHE B 27 23.16 26.03 2.60
N GLY B 28 22.15 26.89 2.75
CA GLY B 28 22.36 28.29 3.12
C GLY B 28 22.88 29.06 1.92
N THR B 29 24.16 29.41 1.94
CA THR B 29 24.88 29.90 0.76
C THR B 29 25.94 28.92 0.25
N GLY B 30 26.26 27.88 1.03
CA GLY B 30 27.27 26.90 0.63
C GLY B 30 26.79 26.00 -0.50
N GLY B 31 27.38 26.19 -1.69
CA GLY B 31 26.97 25.49 -2.89
C GLY B 31 25.81 26.13 -3.64
N MET B 32 25.45 27.36 -3.27
CA MET B 32 24.38 28.11 -3.95
C MET B 32 24.86 28.61 -5.31
N PRO B 33 24.13 28.27 -6.39
CA PRO B 33 24.46 28.87 -7.68
C PRO B 33 23.94 30.32 -7.79
N HIS B 34 24.74 31.26 -7.30
CA HIS B 34 24.37 32.68 -7.22
C HIS B 34 24.41 33.36 -8.59
N ALA B 35 25.51 33.14 -9.31
CA ALA B 35 25.72 33.72 -10.64
C ALA B 35 24.59 33.41 -11.63
N ILE B 36 24.00 32.22 -11.51
CA ILE B 36 22.89 31.81 -12.37
C ILE B 36 21.56 32.41 -11.91
N MET B 37 21.38 32.54 -10.60
CA MET B 37 20.15 33.13 -10.04
C MET B 37 19.97 34.60 -10.44
N GLN B 38 21.09 35.32 -10.61
CA GLN B 38 21.04 36.72 -11.08
C GLN B 38 20.60 36.80 -12.53
N GLU B 39 21.18 35.96 -13.39
CA GLU B 39 20.80 35.92 -14.80
C GLU B 39 19.34 35.53 -15.01
N ILE B 40 18.81 34.66 -14.14
CA ILE B 40 17.38 34.32 -14.14
C ILE B 40 16.56 35.56 -13.79
N LYS B 41 17.06 36.36 -12.84
CA LYS B 41 16.44 37.63 -12.47
C LYS B 41 16.45 38.62 -13.63
N LYS B 42 17.58 38.72 -14.32
CA LYS B 42 17.71 39.60 -15.50
C LYS B 42 16.65 39.29 -16.56
N MET B 43 16.48 38.01 -16.91
CA MET B 43 15.54 37.61 -17.97
C MET B 43 14.04 37.77 -17.62
N GLY B 44 13.72 37.80 -16.33
CA GLY B 44 12.38 38.15 -15.84
C GLY B 44 11.33 37.04 -15.87
N VAL B 45 11.73 35.83 -15.48
CA VAL B 45 10.81 34.69 -15.46
C VAL B 45 9.93 34.81 -14.22
N ARG B 46 8.67 34.45 -14.39
CA ARG B 46 7.62 34.64 -13.39
C ARG B 46 7.04 33.29 -13.00
N ASP B 47 6.31 33.27 -11.89
CA ASP B 47 5.58 32.09 -11.41
C ASP B 47 6.47 30.86 -11.18
N LEU B 48 7.71 31.07 -10.77
CA LEU B 48 8.66 29.96 -10.58
C LEU B 48 8.28 29.11 -9.37
N ILE B 49 8.34 27.79 -9.56
CA ILE B 49 8.23 26.82 -8.47
C ILE B 49 9.64 26.28 -8.22
N ILE B 50 10.10 26.39 -6.97
CA ILE B 50 11.50 26.08 -6.64
C ILE B 50 11.64 25.09 -5.46
N TYR B 51 12.26 23.95 -5.74
CA TYR B 51 12.65 22.97 -4.75
C TYR B 51 14.11 23.17 -4.37
N SER B 52 14.36 23.60 -3.14
CA SER B 52 15.71 23.85 -2.67
C SER B 52 15.74 23.67 -1.16
N ASP B 53 16.89 23.33 -0.60
CA ASP B 53 17.01 23.09 0.85
C ASP B 53 16.52 24.30 1.65
N GLY B 54 17.04 25.46 1.29
CA GLY B 54 16.52 26.75 1.78
C GLY B 54 16.16 27.63 0.61
N ALA B 55 16.18 28.93 0.83
CA ALA B 55 15.90 29.90 -0.22
C ALA B 55 17.02 30.95 -0.28
N GLY B 56 18.26 30.49 -0.15
CA GLY B 56 19.40 31.39 -0.09
C GLY B 56 19.28 32.29 1.11
N VAL B 57 19.52 33.58 0.90
CA VAL B 57 19.44 34.59 1.97
C VAL B 57 19.17 35.96 1.32
N ASP B 58 18.89 36.98 2.12
CA ASP B 58 18.64 38.34 1.62
C ASP B 58 19.69 38.80 0.62
N GLY B 59 19.28 38.99 -0.64
CA GLY B 59 20.16 39.49 -1.70
C GLY B 59 21.22 38.54 -2.24
N TYR B 60 21.03 37.23 -2.06
CA TYR B 60 21.99 36.21 -2.51
C TYR B 60 21.28 34.92 -2.92
N GLY B 61 21.83 34.24 -3.93
CA GLY B 61 21.23 33.06 -4.54
C GLY B 61 19.76 33.20 -4.88
N ILE B 62 18.98 32.16 -4.57
CA ILE B 62 17.52 32.14 -4.76
C ILE B 62 16.87 33.36 -4.09
N GLY B 63 17.40 33.77 -2.94
CA GLY B 63 16.92 34.97 -2.24
C GLY B 63 16.77 36.22 -3.09
N VAL B 64 17.61 36.34 -4.11
CA VAL B 64 17.58 37.48 -5.03
C VAL B 64 16.36 37.48 -5.98
N LEU B 65 15.82 36.30 -6.27
CA LEU B 65 14.60 36.17 -7.10
C LEU B 65 13.32 36.74 -6.46
N PHE B 66 13.29 36.84 -5.13
CA PHE B 66 12.15 37.41 -4.43
C PHE B 66 11.96 38.91 -4.73
N GLU B 67 13.06 39.64 -4.93
CA GLU B 67 13.04 41.11 -5.09
C GLU B 67 11.97 41.64 -6.07
N ASN B 68 11.92 41.10 -7.29
CA ASN B 68 10.84 41.40 -8.26
C ASN B 68 9.73 40.34 -8.29
N LYS B 69 9.44 39.73 -7.14
CA LYS B 69 8.39 38.71 -7.00
C LYS B 69 8.30 37.69 -8.15
N GLN B 70 9.39 36.95 -8.34
CA GLN B 70 9.48 35.89 -9.36
C GLN B 70 9.13 34.48 -8.83
N ILE B 71 8.83 34.37 -7.54
CA ILE B 71 8.60 33.09 -6.89
C ILE B 71 7.11 32.88 -6.63
N ASN B 72 6.53 31.86 -7.27
CA ASN B 72 5.18 31.42 -6.94
C ASN B 72 5.21 30.54 -5.69
N LYS B 73 5.98 29.47 -5.76
CA LYS B 73 6.05 28.48 -4.68
C LYS B 73 7.48 28.17 -4.32
N MET B 74 7.70 27.93 -3.02
CA MET B 74 8.94 27.37 -2.49
C MET B 74 8.63 26.08 -1.75
N ILE B 75 9.30 25.00 -2.15
CA ILE B 75 9.29 23.74 -1.41
C ILE B 75 10.68 23.61 -0.79
N VAL B 76 10.77 23.83 0.52
CA VAL B 76 12.07 23.84 1.24
C VAL B 76 12.00 23.08 2.55
N SER B 77 13.16 22.98 3.21
CA SER B 77 13.25 22.48 4.59
C SER B 77 13.50 23.58 5.64
N TYR B 78 14.13 24.70 5.27
CA TYR B 78 14.53 25.72 6.24
C TYR B 78 14.59 27.12 5.63
N VAL B 79 13.93 28.08 6.29
CA VAL B 79 13.91 29.47 5.84
C VAL B 79 15.24 30.19 6.14
N GLY B 80 15.72 30.08 7.38
CA GLY B 80 16.99 30.71 7.77
C GLY B 80 16.81 32.20 7.99
N ASN B 81 17.85 32.99 7.68
CA ASN B 81 17.82 34.45 7.84
C ASN B 81 17.53 35.14 6.50
N ASN B 82 16.43 34.71 5.86
CA ASN B 82 15.92 35.26 4.63
C ASN B 82 14.65 36.04 4.96
N LYS B 83 14.82 37.34 5.22
CA LYS B 83 13.72 38.25 5.60
C LYS B 83 12.68 38.48 4.49
N ILE B 84 13.15 38.59 3.24
CA ILE B 84 12.26 38.79 2.07
C ILE B 84 11.31 37.59 1.93
N PHE B 85 11.88 36.39 2.03
CA PHE B 85 11.13 35.14 1.94
C PHE B 85 10.04 35.04 3.01
N ALA B 86 10.44 35.17 4.28
CA ALA B 86 9.50 35.11 5.39
C ALA B 86 8.41 36.19 5.31
N ARG B 87 8.77 37.38 4.81
CA ARG B 87 7.80 38.48 4.65
C ARG B 87 6.78 38.16 3.56
N GLN B 88 7.27 37.83 2.37
CA GLN B 88 6.40 37.48 1.22
C GLN B 88 5.46 36.30 1.50
N TYR B 89 5.94 35.34 2.29
CA TYR B 89 5.09 34.23 2.76
C TYR B 89 3.95 34.74 3.66
N LEU B 90 4.29 35.56 4.65
CA LEU B 90 3.30 36.13 5.57
C LEU B 90 2.31 37.06 4.87
N GLU B 91 2.81 37.83 3.89
CA GLU B 91 1.99 38.80 3.15
C GLU B 91 1.28 38.22 1.91
N GLY B 92 1.28 36.89 1.76
CA GLY B 92 0.50 36.22 0.70
C GLY B 92 1.06 36.31 -0.72
N ASP B 93 2.36 36.55 -0.84
CA ASP B 93 3.03 36.66 -2.14
C ASP B 93 3.66 35.35 -2.60
N VAL B 94 4.04 34.50 -1.63
CA VAL B 94 4.70 33.22 -1.89
C VAL B 94 3.94 32.10 -1.18
N GLU B 95 3.82 30.96 -1.84
CA GLU B 95 3.34 29.74 -1.22
C GLU B 95 4.56 28.99 -0.66
N LEU B 96 4.53 28.69 0.63
CA LEU B 96 5.63 28.02 1.32
C LEU B 96 5.20 26.64 1.78
N GLU B 97 5.76 25.61 1.16
CA GLU B 97 5.53 24.22 1.54
C GLU B 97 6.79 23.68 2.16
N PHE B 98 6.69 23.17 3.39
CA PHE B 98 7.82 22.54 4.07
C PHE B 98 7.94 21.08 3.70
N CYS B 99 9.14 20.56 3.88
CA CYS B 99 9.43 19.14 3.69
C CYS B 99 10.75 18.83 4.39
N PRO B 100 10.81 17.74 5.18
CA PRO B 100 12.04 17.49 5.94
C PRO B 100 13.25 17.30 5.04
N GLN B 101 14.41 17.74 5.53
CA GLN B 101 15.61 17.86 4.71
C GLN B 101 16.06 16.56 4.06
N GLY B 102 16.11 15.50 4.85
CA GLY B 102 16.49 14.17 4.36
C GLY B 102 15.52 13.60 3.35
N SER B 103 14.22 13.74 3.61
CA SER B 103 13.19 13.39 2.62
C SER B 103 13.39 14.18 1.34
N LEU B 104 13.57 15.49 1.45
CA LEU B 104 13.72 16.37 0.29
C LEU B 104 14.87 15.92 -0.60
N ALA B 105 15.99 15.56 0.03
CA ALA B 105 17.16 15.01 -0.68
C ALA B 105 16.88 13.65 -1.31
N GLU B 106 16.20 12.78 -0.57
CA GLU B 106 15.88 11.42 -1.05
C GLU B 106 14.78 11.41 -2.12
N ARG B 107 13.84 12.36 -2.06
CA ARG B 107 12.84 12.51 -3.11
C ARG B 107 13.43 13.00 -4.41
N MET B 108 14.45 13.85 -4.32
CA MET B 108 15.17 14.33 -5.51
C MET B 108 15.96 13.18 -6.12
N ARG B 109 16.69 12.45 -5.27
CA ARG B 109 17.45 11.27 -5.72
C ARG B 109 16.55 10.22 -6.37
N ALA B 110 15.41 9.98 -5.74
CA ALA B 110 14.46 8.99 -6.21
C ALA B 110 13.89 9.38 -7.55
N GLY B 111 13.58 10.66 -7.71
CA GLY B 111 13.10 11.19 -8.99
C GLY B 111 14.13 11.17 -10.10
N GLY B 112 15.41 11.17 -9.74
CA GLY B 112 16.50 10.89 -10.68
C GLY B 112 16.76 9.41 -10.89
N ALA B 113 16.44 8.59 -9.90
CA ALA B 113 16.71 7.14 -9.91
C ALA B 113 15.65 6.27 -10.59
N GLY B 114 14.59 6.88 -11.13
CA GLY B 114 13.43 6.13 -11.62
C GLY B 114 12.62 5.45 -10.52
N ILE B 115 12.72 5.97 -9.28
CA ILE B 115 11.99 5.46 -8.12
C ILE B 115 10.84 6.44 -7.81
N PRO B 116 9.59 6.05 -8.08
CA PRO B 116 8.46 6.99 -7.95
C PRO B 116 8.06 7.30 -6.51
N ALA B 117 8.28 6.36 -5.59
CA ALA B 117 7.94 6.56 -4.17
C ALA B 117 8.73 5.61 -3.26
N PHE B 118 8.99 6.09 -2.04
CA PHE B 118 9.74 5.31 -1.04
C PHE B 118 9.27 5.69 0.35
N TYR B 119 9.47 4.77 1.31
CA TYR B 119 9.06 4.98 2.71
C TYR B 119 10.17 5.53 3.62
N THR B 120 9.76 6.24 4.67
CA THR B 120 10.67 6.87 5.64
C THR B 120 9.94 7.12 6.97
N PRO B 121 10.64 6.95 8.11
CA PRO B 121 9.99 7.19 9.41
C PRO B 121 9.92 8.68 9.79
N THR B 122 10.58 9.54 9.01
CA THR B 122 10.59 10.98 9.25
C THR B 122 9.20 11.61 9.13
N ALA B 123 8.90 12.53 10.05
CA ALA B 123 7.66 13.29 10.04
C ALA B 123 6.40 12.46 10.32
N VAL B 124 6.57 11.24 10.84
CA VAL B 124 5.44 10.35 11.11
C VAL B 124 4.81 10.84 12.41
N GLY B 125 3.50 11.10 12.34
CA GLY B 125 2.77 11.70 13.45
C GLY B 125 2.91 13.21 13.60
N THR B 126 3.78 13.85 12.81
CA THR B 126 3.94 15.30 12.85
C THR B 126 2.83 15.96 12.02
N VAL B 127 2.74 17.28 12.09
CA VAL B 127 1.76 18.01 11.29
C VAL B 127 2.02 17.89 9.78
N LEU B 128 3.27 17.61 9.40
CA LEU B 128 3.63 17.36 8.00
C LEU B 128 2.93 16.13 7.39
N GLN B 129 2.85 15.04 8.16
CA GLN B 129 2.14 13.83 7.73
C GLN B 129 0.63 14.03 7.78
N THR B 130 0.14 14.60 8.87
CA THR B 130 -1.30 14.84 9.04
C THR B 130 -1.79 15.96 8.10
N GLY B 131 -0.87 16.81 7.64
CA GLY B 131 -1.21 17.94 6.78
C GLY B 131 -1.73 19.10 7.61
N GLY B 132 -2.20 20.14 6.93
CA GLY B 132 -2.80 21.29 7.59
C GLY B 132 -1.88 22.45 7.95
N GLN B 133 -0.56 22.32 7.72
CA GLN B 133 0.37 23.46 7.91
C GLN B 133 0.08 24.51 6.84
N ILE B 134 0.16 25.78 7.23
CA ILE B 134 -0.36 26.89 6.42
C ILE B 134 0.59 27.14 5.26
N THR B 135 0.27 26.62 4.07
CA THR B 135 1.15 26.75 2.90
C THR B 135 1.09 28.12 2.24
N LYS B 136 -0.11 28.68 2.12
CA LYS B 136 -0.28 30.02 1.56
C LYS B 136 -1.27 30.85 2.38
N TYR B 137 -0.94 32.13 2.56
CA TYR B 137 -1.84 33.12 3.14
C TYR B 137 -2.47 33.94 2.01
N ASP B 138 -3.59 34.60 2.32
CA ASP B 138 -4.11 35.65 1.42
C ASP B 138 -3.36 36.96 1.69
N LYS B 139 -3.78 38.05 1.04
CA LYS B 139 -3.12 39.36 1.18
C LYS B 139 -3.45 40.05 2.51
N ASN B 140 -4.57 39.68 3.13
CA ASN B 140 -5.11 40.41 4.32
C ASN B 140 -4.92 39.75 5.69
N GLY B 141 -4.65 38.44 5.75
CA GLY B 141 -4.37 37.75 7.02
C GLY B 141 -4.72 36.28 7.11
N GLY B 142 -5.80 35.87 6.45
CA GLY B 142 -6.33 34.50 6.58
C GLY B 142 -5.63 33.45 5.76
N VAL B 143 -5.91 32.18 6.10
CA VAL B 143 -5.31 31.01 5.44
C VAL B 143 -5.97 30.75 4.09
N LEU B 144 -5.17 30.75 3.03
CA LEU B 144 -5.62 30.47 1.67
C LEU B 144 -5.46 29.00 1.28
N LYS B 145 -4.37 28.36 1.72
CA LYS B 145 -4.09 26.95 1.41
C LYS B 145 -3.38 26.22 2.54
N GLU B 146 -3.73 24.94 2.72
CA GLU B 146 -3.07 24.03 3.67
C GLU B 146 -2.33 22.94 2.91
N SER B 147 -1.23 22.44 3.50
CA SER B 147 -0.49 21.32 2.92
C SER B 147 -1.35 20.06 2.99
N THR B 148 -1.30 19.24 1.93
CA THR B 148 -2.08 17.99 1.91
C THR B 148 -1.31 16.94 2.72
N PRO B 149 -2.03 15.95 3.28
CA PRO B 149 -1.37 14.93 4.09
C PRO B 149 -0.51 13.92 3.30
N ARG B 150 0.19 13.06 4.04
CA ARG B 150 1.00 11.98 3.48
C ARG B 150 0.40 10.62 3.83
N GLU B 151 0.66 9.65 2.97
CA GLU B 151 0.26 8.26 3.20
C GLU B 151 1.17 7.59 4.23
N THR B 152 0.58 6.73 5.06
CA THR B 152 1.31 5.97 6.06
C THR B 152 1.17 4.48 5.81
N ARG B 153 2.17 3.71 6.27
CA ARG B 153 2.18 2.26 6.08
C ARG B 153 3.05 1.57 7.13
N PHE B 154 2.71 0.32 7.46
CA PHE B 154 3.42 -0.45 8.48
C PHE B 154 4.40 -1.43 7.83
N PHE B 155 5.67 -1.31 8.21
CA PHE B 155 6.71 -2.30 7.90
C PHE B 155 7.34 -2.65 9.23
N GLY B 156 7.47 -3.95 9.50
CA GLY B 156 7.75 -4.40 10.86
C GLY B 156 6.58 -3.95 11.72
N GLY B 157 6.89 -3.53 12.94
CA GLY B 157 5.89 -2.94 13.82
C GLY B 157 5.65 -1.47 13.53
N ARG B 158 6.62 -0.82 12.89
CA ARG B 158 6.72 0.64 12.85
C ARG B 158 6.05 1.24 11.65
N LEU B 159 5.64 2.50 11.82
CA LEU B 159 4.93 3.29 10.83
C LEU B 159 5.91 4.21 10.07
N TYR B 160 5.75 4.29 8.73
CA TYR B 160 6.61 5.10 7.84
C TYR B 160 5.74 5.96 6.89
N CYS B 161 6.28 7.09 6.43
CA CYS B 161 5.60 7.98 5.48
C CYS B 161 6.02 7.65 4.06
N LEU B 162 5.07 7.63 3.12
CA LEU B 162 5.38 7.49 1.69
C LEU B 162 5.70 8.85 1.06
N GLU B 163 6.97 9.05 0.71
CA GLU B 163 7.44 10.26 0.07
C GLU B 163 7.50 10.05 -1.43
N ASN B 164 6.94 11.00 -2.19
CA ASN B 164 6.88 10.95 -3.66
C ASN B 164 8.14 11.49 -4.28
N ALA B 165 8.48 10.97 -5.45
CA ALA B 165 9.65 11.42 -6.18
C ALA B 165 9.44 12.85 -6.70
N ILE B 166 10.52 13.62 -6.78
CA ILE B 166 10.50 15.00 -7.28
C ILE B 166 11.29 15.04 -8.59
N LYS B 167 10.63 15.51 -9.64
CA LYS B 167 11.27 15.73 -10.94
C LYS B 167 10.95 17.15 -11.40
N THR B 168 11.98 17.93 -11.69
CA THR B 168 11.83 19.33 -12.07
C THR B 168 12.13 19.54 -13.56
N ASP B 169 11.70 20.69 -14.08
CA ASP B 169 11.99 21.07 -15.47
C ASP B 169 13.46 21.43 -15.64
N PHE B 170 14.02 22.11 -14.65
CA PHE B 170 15.45 22.44 -14.66
C PHE B 170 16.08 22.15 -13.31
N SER B 171 17.41 22.15 -13.29
CA SER B 171 18.19 22.01 -12.07
C SER B 171 19.39 22.94 -12.13
N ILE B 172 19.61 23.68 -11.06
CA ILE B 172 20.71 24.65 -10.97
C ILE B 172 21.67 24.16 -9.90
N VAL B 173 22.93 23.92 -10.28
CA VAL B 173 23.95 23.48 -9.34
C VAL B 173 25.23 24.32 -9.49
N LYS B 174 25.99 24.42 -8.41
CA LYS B 174 27.28 25.08 -8.41
C LYS B 174 28.32 24.03 -8.02
N ALA B 175 29.50 24.12 -8.64
CA ALA B 175 30.62 23.23 -8.33
C ALA B 175 31.93 23.98 -8.29
N TRP B 176 32.89 23.43 -7.56
CA TRP B 176 34.26 23.95 -7.52
C TRP B 176 34.93 23.76 -8.88
N LYS B 177 34.78 22.57 -9.46
CA LYS B 177 35.41 22.24 -10.73
C LYS B 177 34.45 21.49 -11.65
N GLY B 178 34.68 21.64 -12.95
CA GLY B 178 33.94 20.92 -13.96
C GLY B 178 34.71 20.86 -15.26
N ASP B 179 34.52 19.77 -16.02
CA ASP B 179 35.11 19.67 -17.34
C ASP B 179 34.05 19.92 -18.40
N ARG B 180 34.46 19.92 -19.66
CA ARG B 180 33.58 20.29 -20.78
C ARG B 180 32.44 19.31 -21.01
N CYS B 181 32.66 18.03 -20.70
CA CYS B 181 31.63 16.99 -20.84
C CYS B 181 30.75 16.85 -19.58
N GLY B 182 30.95 17.74 -18.60
CA GLY B 182 29.97 17.98 -17.53
C GLY B 182 30.22 17.30 -16.18
N ASN B 183 31.40 16.71 -16.01
CA ASN B 183 31.77 16.02 -14.77
C ASN B 183 32.09 17.02 -13.68
N LEU B 184 31.26 17.12 -12.65
CA LEU B 184 31.43 18.13 -11.63
C LEU B 184 32.20 17.57 -10.43
N VAL B 185 33.05 18.40 -9.83
CA VAL B 185 33.80 18.07 -8.62
C VAL B 185 33.61 19.18 -7.58
N PHE B 186 32.86 18.88 -6.53
CA PHE B 186 32.51 19.85 -5.49
C PHE B 186 33.61 19.87 -4.44
N ARG B 187 33.51 20.77 -3.47
CA ARG B 187 34.55 20.97 -2.47
C ARG B 187 33.94 21.33 -1.10
N GLY B 188 34.43 20.69 -0.05
CA GLY B 188 33.90 20.88 1.31
C GLY B 188 32.43 20.53 1.45
N THR B 189 31.76 21.19 2.40
CA THR B 189 30.32 20.99 2.64
C THR B 189 29.41 21.85 1.71
N ALA B 190 30.00 22.50 0.70
CA ALA B 190 29.24 23.13 -0.37
C ALA B 190 28.74 22.11 -1.42
N ARG B 191 29.08 20.84 -1.28
CA ARG B 191 28.49 19.78 -2.11
C ARG B 191 26.98 19.63 -1.85
N ASN B 192 26.63 19.34 -0.59
CA ASN B 192 25.24 19.09 -0.13
C ASN B 192 24.20 18.61 -1.18
N PHE B 193 23.24 19.45 -1.57
CA PHE B 193 22.15 19.04 -2.45
C PHE B 193 22.53 19.01 -3.92
N ASN B 194 23.67 19.56 -4.29
CA ASN B 194 24.06 19.64 -5.70
C ASN B 194 24.10 18.29 -6.44
N VAL B 195 24.37 17.20 -5.71
CA VAL B 195 24.37 15.86 -6.28
C VAL B 195 22.93 15.35 -6.59
N PRO B 196 22.04 15.25 -5.58
CA PRO B 196 20.66 14.89 -5.92
C PRO B 196 19.90 15.93 -6.77
N VAL B 197 20.26 17.21 -6.66
CA VAL B 197 19.65 18.25 -7.52
C VAL B 197 19.96 18.02 -9.02
N GLY B 198 21.21 17.67 -9.33
CA GLY B 198 21.61 17.37 -10.72
C GLY B 198 20.96 16.13 -11.35
N GLN B 199 20.38 15.27 -10.51
CA GLN B 199 19.74 14.06 -10.96
C GLN B 199 18.25 14.23 -11.21
N CYS B 200 17.59 15.06 -10.41
CA CYS B 200 16.15 15.20 -10.51
C CYS B 200 15.69 16.08 -11.69
N GLY B 201 16.61 16.84 -12.30
CA GLY B 201 16.27 17.81 -13.36
C GLY B 201 16.34 17.31 -14.80
N GLN B 202 15.38 17.75 -15.61
CA GLN B 202 15.31 17.41 -17.03
C GLN B 202 16.45 18.10 -17.78
N THR B 203 16.54 19.41 -17.62
CA THR B 203 17.63 20.21 -18.16
C THR B 203 18.43 20.74 -16.95
N VAL B 204 19.55 20.11 -16.63
CA VAL B 204 20.35 20.57 -15.49
C VAL B 204 21.50 21.47 -15.99
N ILE B 205 21.55 22.69 -15.47
CA ILE B 205 22.60 23.67 -15.80
C ILE B 205 23.49 23.83 -14.54
N ALA B 206 24.81 23.96 -14.76
CA ALA B 206 25.79 23.87 -13.67
C ALA B 206 26.92 24.90 -13.79
N GLU B 207 27.01 25.84 -12.84
CA GLU B 207 28.11 26.80 -12.81
C GLU B 207 29.34 26.19 -12.15
N VAL B 208 30.52 26.57 -12.63
CA VAL B 208 31.79 26.04 -12.12
C VAL B 208 32.74 27.17 -11.75
N GLU B 209 33.38 27.05 -10.58
CA GLU B 209 34.39 28.02 -10.13
C GLU B 209 35.73 27.88 -10.89
N ASN B 210 35.96 26.72 -11.51
CA ASN B 210 37.08 26.50 -12.42
C ASN B 210 36.62 25.59 -13.53
N LEU B 211 36.96 25.91 -14.77
CA LEU B 211 36.74 24.99 -15.89
C LEU B 211 38.07 24.32 -16.24
N VAL B 212 37.97 23.05 -16.62
CA VAL B 212 39.12 22.25 -17.04
C VAL B 212 38.74 21.43 -18.27
N GLU B 213 39.75 20.96 -19.00
CA GLU B 213 39.51 20.16 -20.20
C GLU B 213 39.11 18.76 -19.79
N ASN B 214 38.62 17.99 -20.76
CA ASN B 214 38.36 16.58 -20.56
C ASN B 214 39.70 15.83 -20.49
N GLY B 215 39.84 14.99 -19.47
CA GLY B 215 41.11 14.33 -19.14
C GLY B 215 41.75 14.88 -17.86
N ASP B 216 41.57 16.18 -17.61
CA ASP B 216 42.14 16.85 -16.43
C ASP B 216 41.54 16.43 -15.09
N ILE B 217 40.34 15.83 -15.10
CA ILE B 217 39.72 15.26 -13.89
C ILE B 217 39.87 13.74 -13.88
N ASP B 218 40.53 13.22 -12.83
CA ASP B 218 40.62 11.79 -12.55
C ASP B 218 39.20 11.19 -12.54
N PRO B 219 38.95 10.12 -13.34
CA PRO B 219 37.62 9.49 -13.30
C PRO B 219 37.21 8.95 -11.92
N ASP B 220 38.20 8.67 -11.07
CA ASP B 220 38.00 8.16 -9.71
C ASP B 220 37.65 9.25 -8.66
N GLU B 221 37.50 10.50 -9.08
CA GLU B 221 37.22 11.63 -8.18
C GLU B 221 35.95 12.44 -8.54
N VAL B 222 35.15 11.94 -9.48
CA VAL B 222 33.99 12.69 -9.97
C VAL B 222 32.82 12.40 -9.03
N HIS B 223 32.25 13.46 -8.48
CA HIS B 223 31.10 13.35 -7.58
C HIS B 223 29.76 13.35 -8.33
N LEU B 224 29.69 14.11 -9.42
CA LEU B 224 28.49 14.17 -10.28
C LEU B 224 28.91 13.94 -11.74
N PRO B 225 28.75 12.69 -12.25
CA PRO B 225 29.17 12.36 -13.62
C PRO B 225 28.48 13.18 -14.71
N GLY B 226 29.17 13.31 -15.84
CA GLY B 226 28.75 14.16 -16.95
C GLY B 226 27.39 13.89 -17.58
N VAL B 227 26.98 12.63 -17.66
CA VAL B 227 25.66 12.28 -18.24
C VAL B 227 24.52 13.11 -17.65
N TYR B 228 24.64 13.44 -16.37
CA TYR B 228 23.65 14.25 -15.66
C TYR B 228 23.59 15.69 -16.15
N VAL B 229 24.76 16.31 -16.39
CA VAL B 229 24.81 17.75 -16.75
C VAL B 229 24.53 18.02 -18.23
N ASP B 230 23.67 18.99 -18.50
CA ASP B 230 23.37 19.44 -19.87
C ASP B 230 24.14 20.70 -20.29
N ARG B 231 24.33 21.62 -19.36
CA ARG B 231 24.93 22.92 -19.65
C ARG B 231 25.85 23.32 -18.53
N VAL B 232 27.12 23.58 -18.85
CA VAL B 232 28.07 24.10 -17.87
C VAL B 232 28.36 25.57 -18.20
N VAL B 233 28.49 26.37 -17.15
CA VAL B 233 28.59 27.82 -17.21
C VAL B 233 29.83 28.21 -16.41
N VAL B 234 30.57 29.21 -16.87
CA VAL B 234 31.78 29.68 -16.18
C VAL B 234 31.64 31.18 -15.86
N PRO B 235 30.91 31.50 -14.77
CA PRO B 235 30.76 32.92 -14.45
C PRO B 235 32.06 33.54 -13.95
N GLU B 236 32.09 34.87 -13.93
CA GLU B 236 33.20 35.62 -13.35
C GLU B 236 33.30 35.27 -11.88
N ARG B 237 34.53 35.06 -11.40
CA ARG B 237 34.74 34.59 -10.03
C ARG B 237 34.24 35.61 -9.01
N TYR B 238 33.56 35.12 -7.98
CA TYR B 238 33.04 35.96 -6.90
C TYR B 238 33.22 35.23 -5.57
N GLN B 239 33.28 36.00 -4.49
CA GLN B 239 33.39 35.45 -3.14
C GLN B 239 32.01 34.98 -2.69
N THR B 240 31.91 33.74 -2.21
CA THR B 240 30.67 33.22 -1.63
C THR B 240 30.39 33.98 -0.34
N LEU B 241 29.11 34.28 -0.11
CA LEU B 241 28.67 35.01 1.08
C LEU B 241 28.89 34.13 2.31
N ILE B 242 29.53 34.69 3.34
CA ILE B 242 29.68 34.02 4.62
C ILE B 242 28.67 34.65 5.58
N GLU B 243 27.70 33.85 6.03
CA GLU B 243 26.65 34.32 6.94
C GLU B 243 27.21 34.62 8.32
N HIS B 244 27.97 33.67 8.86
CA HIS B 244 28.57 33.79 10.19
C HIS B 244 30.06 33.42 10.13
N ARG B 245 30.90 34.45 10.16
CA ARG B 245 32.35 34.31 10.00
C ARG B 245 32.99 33.99 11.35
N THR B 246 32.72 32.78 11.86
CA THR B 246 33.19 32.35 13.18
C THR B 246 34.63 31.85 13.12
N VAL B 247 35.46 32.25 14.10
CA VAL B 247 36.89 31.88 14.13
C VAL B 247 37.38 31.53 15.54
N THR B 248 38.38 30.65 15.61
CA THR B 248 39.23 30.50 16.80
C THR B 248 40.37 31.52 16.72
N ARG B 249 40.93 31.87 17.87
CA ARG B 249 41.76 33.07 18.05
C ARG B 249 42.92 32.82 19.01
N GLY B 264 27.02 35.46 33.37
CA GLY B 264 25.83 36.23 33.02
C GLY B 264 24.55 35.40 33.00
N GLU B 265 24.60 34.25 32.33
CA GLU B 265 23.44 33.34 32.18
C GLU B 265 23.88 31.92 31.79
N GLU B 266 24.84 31.38 32.55
CA GLU B 266 25.45 30.08 32.27
C GLU B 266 24.99 28.99 33.26
N VAL B 267 23.69 28.73 33.23
CA VAL B 267 23.13 27.42 33.57
C VAL B 267 23.34 26.48 32.37
N ARG B 268 23.45 27.08 31.17
CA ARG B 268 23.86 26.38 29.94
C ARG B 268 25.18 25.60 30.06
N GLN B 269 26.13 26.16 30.80
CA GLN B 269 27.43 25.50 31.05
C GLN B 269 27.27 24.24 31.90
N ARG B 270 26.35 24.29 32.86
CA ARG B 270 26.05 23.15 33.74
C ARG B 270 25.45 21.96 32.96
N ILE B 271 24.58 22.25 31.99
CA ILE B 271 23.98 21.22 31.14
C ILE B 271 25.06 20.65 30.20
N ALA B 272 25.84 21.53 29.59
CA ALA B 272 26.98 21.15 28.75
C ALA B 272 28.00 20.24 29.44
N ARG B 273 28.18 20.41 30.75
CA ARG B 273 29.08 19.53 31.52
C ARG B 273 28.49 18.15 31.83
N ARG B 274 27.17 18.08 32.07
CA ARG B 274 26.49 16.78 32.25
C ARG B 274 26.31 16.07 30.91
N ALA B 275 25.88 16.83 29.89
CA ALA B 275 25.77 16.33 28.53
C ALA B 275 27.05 15.65 28.04
N ALA B 276 28.21 16.17 28.44
CA ALA B 276 29.52 15.64 28.03
C ALA B 276 29.88 14.25 28.58
N LEU B 277 29.16 13.80 29.62
CA LEU B 277 29.30 12.44 30.15
C LEU B 277 28.45 11.40 29.41
N GLU B 278 27.68 11.84 28.40
CA GLU B 278 26.99 10.95 27.47
C GLU B 278 27.90 10.40 26.37
N PHE B 279 29.03 11.05 26.13
CA PHE B 279 29.95 10.63 25.09
C PHE B 279 30.77 9.43 25.52
N ALA B 280 31.17 8.63 24.54
CA ALA B 280 31.99 7.44 24.74
C ALA B 280 32.94 7.28 23.55
N ASN B 281 34.14 6.76 23.81
CA ASN B 281 35.15 6.53 22.76
C ASN B 281 34.62 5.69 21.60
N GLY B 282 34.62 6.27 20.39
CA GLY B 282 34.17 5.59 19.17
C GLY B 282 32.77 5.94 18.67
N MET B 283 32.12 6.90 19.32
CA MET B 283 30.79 7.35 18.93
C MET B 283 30.90 8.30 17.75
N TYR B 284 30.00 8.14 16.78
CA TYR B 284 29.77 9.16 15.76
C TYR B 284 28.50 9.89 16.18
N VAL B 285 28.62 11.20 16.43
CA VAL B 285 27.52 11.98 17.00
C VAL B 285 27.10 13.13 16.09
N ASN B 286 25.86 13.56 16.25
CA ASN B 286 25.36 14.81 15.68
C ASN B 286 24.91 15.72 16.82
N LEU B 287 25.44 16.94 16.84
CA LEU B 287 25.10 17.94 17.86
C LEU B 287 24.29 19.07 17.24
N GLY B 288 23.20 19.44 17.90
CA GLY B 288 22.41 20.60 17.50
C GLY B 288 23.09 21.91 17.84
N ILE B 289 22.52 22.99 17.34
CA ILE B 289 22.98 24.35 17.68
C ILE B 289 22.71 24.64 19.18
N GLY B 290 23.61 25.41 19.80
CA GLY B 290 23.49 25.78 21.20
C GLY B 290 24.17 24.79 22.14
N ILE B 291 23.44 24.30 23.14
CA ILE B 291 24.03 23.50 24.23
C ILE B 291 24.69 22.20 23.75
N PRO B 292 24.04 21.45 22.84
CA PRO B 292 24.69 20.25 22.33
C PRO B 292 26.09 20.48 21.75
N THR B 293 26.25 21.55 20.97
CA THR B 293 27.56 21.93 20.44
C THR B 293 28.53 22.30 21.58
N GLU B 294 28.04 23.03 22.58
CA GLU B 294 28.84 23.39 23.76
C GLU B 294 29.43 22.18 24.50
N SER B 295 28.64 21.11 24.64
CA SER B 295 29.08 19.92 25.37
C SER B 295 30.34 19.25 24.79
N SER B 296 30.59 19.42 23.50
CA SER B 296 31.82 18.91 22.86
C SER B 296 33.11 19.56 23.38
N ASN B 297 33.01 20.77 23.92
CA ASN B 297 34.16 21.44 24.55
C ASN B 297 34.59 20.76 25.85
N TYR B 298 33.66 20.11 26.56
CA TYR B 298 33.94 19.47 27.85
C TYR B 298 34.17 17.95 27.76
N ILE B 299 34.65 17.46 26.61
CA ILE B 299 34.96 16.04 26.44
C ILE B 299 36.26 15.70 27.20
N PRO B 300 36.29 14.56 27.92
CA PRO B 300 37.52 14.04 28.56
C PRO B 300 38.75 13.85 27.65
N ALA B 301 39.89 13.54 28.27
CA ALA B 301 41.21 13.62 27.63
C ALA B 301 41.35 12.78 26.35
N GLY B 302 41.40 11.46 26.49
CA GLY B 302 41.60 10.55 25.36
C GLY B 302 40.33 9.81 24.98
N VAL B 303 39.24 10.58 24.84
CA VAL B 303 37.93 10.04 24.46
C VAL B 303 37.56 10.65 23.10
N ASN B 304 37.97 9.97 22.02
CA ASN B 304 37.74 10.42 20.65
C ASN B 304 36.31 10.18 20.20
N VAL B 305 35.63 11.26 19.79
CA VAL B 305 34.29 11.19 19.20
C VAL B 305 34.21 12.07 17.95
N VAL B 306 33.47 11.59 16.95
CA VAL B 306 33.38 12.25 15.65
C VAL B 306 32.06 12.98 15.52
N LEU B 307 32.12 14.31 15.43
CA LEU B 307 30.93 15.13 15.19
C LEU B 307 30.54 15.03 13.71
N GLN B 308 29.23 14.98 13.45
CA GLN B 308 28.70 14.89 12.09
C GLN B 308 27.79 16.09 11.83
N SER B 309 28.13 16.89 10.82
CA SER B 309 27.28 17.99 10.35
C SER B 309 26.40 17.49 9.22
N GLU B 310 25.11 17.81 9.29
CA GLU B 310 24.12 17.25 8.35
C GLU B 310 24.28 17.72 6.91
N ASN B 311 24.90 18.89 6.71
CA ASN B 311 25.25 19.37 5.37
C ASN B 311 26.36 18.55 4.64
N GLY B 312 26.98 17.61 5.35
CA GLY B 312 27.67 16.47 4.71
C GLY B 312 29.12 16.25 5.11
N LEU B 313 29.34 15.98 6.38
CA LEU B 313 30.71 15.81 6.90
C LEU B 313 30.77 14.93 8.14
N ILE B 314 31.87 14.21 8.28
CA ILE B 314 32.27 13.63 9.57
C ILE B 314 33.72 14.02 9.83
N GLY B 315 33.99 14.39 11.07
CA GLY B 315 35.31 14.88 11.50
C GLY B 315 35.29 16.39 11.66
N MET B 316 34.19 16.90 12.17
CA MET B 316 33.94 18.33 12.22
C MET B 316 34.66 18.91 13.44
N GLY B 317 35.51 19.91 13.20
CA GLY B 317 36.33 20.53 14.24
C GLY B 317 35.71 21.80 14.79
N PRO B 318 36.46 22.51 15.66
CA PRO B 318 35.99 23.80 16.19
C PRO B 318 36.05 24.90 15.13
N PHE B 319 35.81 26.15 15.50
CA PHE B 319 35.94 27.24 14.52
C PHE B 319 37.37 27.31 14.00
N PRO B 320 37.56 27.58 12.70
CA PRO B 320 38.91 27.58 12.13
C PRO B 320 39.69 28.84 12.51
N THR B 321 41.02 28.73 12.49
CA THR B 321 41.89 29.90 12.62
C THR B 321 41.74 30.79 11.40
N GLU B 322 41.95 32.10 11.56
CA GLU B 322 41.78 33.09 10.49
C GLU B 322 42.27 32.58 9.13
N ASP B 323 43.49 32.04 9.12
CA ASP B 323 44.10 31.47 7.91
C ASP B 323 43.36 30.31 7.22
N LYS B 324 42.28 29.77 7.80
CA LYS B 324 41.54 28.63 7.24
C LYS B 324 40.03 28.88 7.01
N VAL B 325 39.56 30.13 7.15
CA VAL B 325 38.12 30.41 7.00
C VAL B 325 37.73 30.25 5.52
N ASP B 326 36.73 29.40 5.28
CA ASP B 326 36.33 29.02 3.94
C ASP B 326 34.80 28.97 3.88
N ALA B 327 34.22 29.57 2.85
CA ALA B 327 32.78 29.49 2.63
C ALA B 327 32.33 28.07 2.29
N ASP B 328 33.24 27.28 1.71
CA ASP B 328 32.98 25.87 1.39
C ASP B 328 32.98 24.92 2.62
N TRP B 329 33.44 25.41 3.78
CA TRP B 329 33.49 24.59 5.02
C TRP B 329 32.72 25.27 6.16
N ILE B 330 31.41 24.99 6.23
CA ILE B 330 30.55 25.50 7.29
C ILE B 330 29.73 24.37 7.87
N ASN B 331 29.18 24.61 9.06
CA ASN B 331 28.35 23.65 9.80
C ASN B 331 26.83 23.81 9.48
N ALA B 332 25.97 23.16 10.27
CA ALA B 332 24.50 23.25 10.07
C ALA B 332 23.94 24.66 10.29
N GLY B 333 24.48 25.37 11.29
CA GLY B 333 24.08 26.75 11.58
C GLY B 333 24.79 27.83 10.77
N LYS B 334 25.37 27.44 9.62
CA LYS B 334 26.03 28.35 8.67
C LYS B 334 27.25 29.09 9.25
N GLN B 335 27.91 28.45 10.22
CA GLN B 335 29.11 29.01 10.87
C GLN B 335 30.34 28.37 10.25
N THR B 336 31.34 29.19 9.95
CA THR B 336 32.58 28.70 9.34
C THR B 336 33.31 27.79 10.30
N ILE B 337 33.68 26.62 9.80
CA ILE B 337 34.08 25.47 10.61
C ILE B 337 35.42 24.94 10.08
N SER B 338 36.13 24.16 10.90
CA SER B 338 37.36 23.47 10.48
C SER B 338 37.08 21.97 10.42
N HIS B 339 38.09 21.16 10.12
CA HIS B 339 37.91 19.70 10.13
C HIS B 339 39.15 18.95 10.61
N LEU B 340 38.90 17.84 11.32
CA LEU B 340 39.95 17.06 11.96
C LEU B 340 40.43 15.94 11.05
N ALA B 341 41.61 15.39 11.36
CA ALA B 341 42.21 14.34 10.54
C ALA B 341 41.43 13.04 10.66
N GLY B 342 41.23 12.36 9.53
CA GLY B 342 40.27 11.27 9.39
C GLY B 342 38.89 11.72 8.91
N SER B 343 38.84 12.86 8.21
CA SER B 343 37.58 13.50 7.79
C SER B 343 37.06 12.92 6.47
N ALA B 344 35.76 13.12 6.22
CA ALA B 344 35.11 12.59 5.03
C ALA B 344 33.87 13.39 4.66
N LEU B 345 33.80 13.83 3.40
CA LEU B 345 32.70 14.63 2.88
C LEU B 345 31.73 13.77 2.08
N PHE B 346 30.46 14.14 2.09
CA PHE B 346 29.41 13.40 1.37
C PHE B 346 28.23 14.31 1.02
N ASP B 347 27.44 13.89 0.03
CA ASP B 347 26.28 14.67 -0.41
C ASP B 347 25.12 14.55 0.58
N SER B 348 24.06 15.33 0.35
CA SER B 348 22.92 15.39 1.26
C SER B 348 22.06 14.12 1.30
N ALA B 349 21.95 13.43 0.16
CA ALA B 349 21.23 12.16 0.12
C ALA B 349 21.94 11.10 0.96
N THR B 350 23.27 11.01 0.79
CA THR B 350 24.12 10.15 1.61
C THR B 350 24.11 10.60 3.06
N SER B 351 24.33 11.90 3.29
CA SER B 351 24.28 12.46 4.65
C SER B 351 23.04 12.05 5.42
N PHE B 352 21.86 12.14 4.79
CA PHE B 352 20.62 11.77 5.47
C PHE B 352 20.29 10.28 5.40
N ALA B 353 20.87 9.54 4.46
CA ALA B 353 20.86 8.07 4.54
C ALA B 353 21.57 7.63 5.80
N MET B 354 22.77 8.18 6.01
CA MET B 354 23.59 7.95 7.20
C MET B 354 22.81 8.22 8.50
N ILE B 355 22.07 9.33 8.55
CA ILE B 355 21.24 9.68 9.72
C ILE B 355 20.03 8.74 9.82
N ARG B 356 19.15 8.78 8.82
CA ARG B 356 17.93 7.95 8.79
C ARG B 356 18.24 6.47 9.05
N GLY B 357 19.38 6.01 8.54
CA GLY B 357 19.86 4.65 8.80
C GLY B 357 20.32 4.29 10.21
N GLY B 358 20.30 5.27 11.11
CA GLY B 358 20.73 5.08 12.48
C GLY B 358 22.22 4.87 12.65
N HIS B 359 23.03 5.47 11.78
CA HIS B 359 24.48 5.22 11.82
C HIS B 359 25.21 6.12 12.81
N MET B 360 24.54 7.20 13.26
CA MET B 360 25.01 7.97 14.42
C MET B 360 24.72 7.16 15.68
N ASP B 361 25.55 7.37 16.70
CA ASP B 361 25.39 6.72 17.99
C ASP B 361 24.68 7.61 19.01
N LEU B 362 24.90 8.92 18.96
CA LEU B 362 24.27 9.89 19.87
C LEU B 362 23.85 11.16 19.13
N THR B 363 22.54 11.44 19.16
CA THR B 363 21.99 12.68 18.61
C THR B 363 21.51 13.58 19.76
N MET B 364 22.22 14.69 20.00
CA MET B 364 21.83 15.66 21.03
C MET B 364 21.19 16.89 20.43
N LEU B 365 20.19 17.43 21.14
CA LEU B 365 19.24 18.38 20.57
C LEU B 365 18.62 19.26 21.64
N GLY B 366 18.38 20.53 21.32
CA GLY B 366 17.53 21.40 22.15
C GLY B 366 16.06 21.05 21.99
N ALA B 367 15.21 21.68 22.77
CA ALA B 367 13.76 21.50 22.65
C ALA B 367 13.00 22.63 23.31
N LEU B 368 11.91 23.05 22.68
CA LEU B 368 10.97 24.00 23.28
C LEU B 368 10.10 23.28 24.31
N GLU B 369 9.73 22.03 24.00
CA GLU B 369 8.89 21.22 24.85
C GLU B 369 9.21 19.74 24.60
N VAL B 370 9.41 18.98 25.68
CA VAL B 370 9.71 17.54 25.60
C VAL B 370 8.75 16.77 26.51
N ALA B 371 8.09 15.76 25.96
CA ALA B 371 7.01 15.07 26.64
C ALA B 371 7.47 13.80 27.34
N ALA B 372 6.63 13.29 28.23
CA ALA B 372 6.87 12.03 28.92
C ALA B 372 6.73 10.83 27.98
N ASN B 373 5.93 10.98 26.92
CA ASN B 373 5.92 10.04 25.78
C ASN B 373 7.30 9.62 25.27
N GLY B 374 8.21 10.57 25.22
CA GLY B 374 9.37 10.52 24.34
C GLY B 374 9.24 11.52 23.21
N ASP B 375 8.12 12.25 23.15
CA ASP B 375 7.89 13.25 22.10
C ASP B 375 8.77 14.49 22.30
N LEU B 376 8.94 15.25 21.23
CA LEU B 376 9.82 16.41 21.19
C LEU B 376 9.11 17.52 20.43
N ALA B 377 9.20 18.75 20.93
CA ALA B 377 8.70 19.90 20.19
C ALA B 377 9.79 20.97 20.03
N ASN B 378 9.97 21.39 18.78
CA ASN B 378 10.73 22.61 18.46
C ASN B 378 10.31 23.20 17.11
N PHE B 379 10.38 22.36 16.08
CA PHE B 379 9.99 22.67 14.69
C PHE B 379 9.12 23.92 14.45
N MET B 380 7.96 23.99 15.11
CA MET B 380 6.94 24.99 14.77
C MET B 380 6.20 25.52 15.99
N ILE B 381 5.66 26.73 15.84
CA ILE B 381 4.51 27.23 16.61
C ILE B 381 3.57 27.84 15.56
N PRO B 382 2.33 27.30 15.40
CA PRO B 382 1.49 27.69 14.24
C PRO B 382 1.22 29.20 14.10
N GLY B 383 1.70 29.77 12.99
CA GLY B 383 1.51 31.19 12.70
C GLY B 383 2.29 32.17 13.57
N LYS B 384 3.38 31.70 14.19
CA LYS B 384 4.21 32.51 15.08
C LYS B 384 5.70 32.30 14.78
N LEU B 385 6.16 31.06 14.90
CA LEU B 385 7.49 30.64 14.49
C LEU B 385 7.33 29.78 13.25
N VAL B 386 7.97 30.18 12.15
CA VAL B 386 7.82 29.51 10.85
C VAL B 386 9.19 29.30 10.22
N LYS B 387 10.11 28.73 10.99
CA LYS B 387 11.46 28.45 10.50
C LYS B 387 11.49 27.22 9.59
N GLY B 388 10.80 26.16 10.02
CA GLY B 388 10.71 24.90 9.27
C GLY B 388 11.42 23.75 9.94
N PRO B 389 11.19 22.51 9.46
CA PRO B 389 11.72 21.32 10.12
C PRO B 389 13.25 21.19 10.05
N GLY B 390 13.85 21.60 8.95
CA GLY B 390 15.29 21.46 8.74
C GLY B 390 15.66 19.99 8.70
N GLY B 391 16.79 19.66 9.33
CA GLY B 391 17.19 18.27 9.58
C GLY B 391 16.73 17.71 10.91
N ALA B 392 15.86 18.42 11.63
CA ALA B 392 15.45 18.03 12.97
C ALA B 392 14.60 16.76 12.95
N MET B 393 13.61 16.69 12.07
CA MET B 393 12.70 15.53 12.02
C MET B 393 13.40 14.23 11.62
N ASP B 394 14.42 14.33 10.77
CA ASP B 394 15.23 13.16 10.38
C ASP B 394 16.13 12.66 11.52
N LEU B 395 16.68 13.61 12.27
CA LEU B 395 17.59 13.28 13.37
C LEU B 395 16.94 12.54 14.53
N VAL B 396 15.65 12.77 14.78
CA VAL B 396 14.94 12.12 15.90
C VAL B 396 14.13 10.88 15.52
N SER B 397 13.58 10.85 14.30
CA SER B 397 12.73 9.73 13.86
C SER B 397 13.49 8.43 13.53
N CYS B 398 14.81 8.54 13.30
CA CYS B 398 15.66 7.36 13.17
C CYS B 398 15.79 6.64 14.52
N GLY B 399 16.31 5.42 14.48
CA GLY B 399 16.40 4.59 15.69
C GLY B 399 17.51 4.95 16.67
N THR B 400 18.34 5.92 16.32
CA THR B 400 19.45 6.35 17.17
C THR B 400 18.97 6.82 18.56
N ARG B 401 19.86 6.66 19.54
CA ARG B 401 19.67 7.20 20.87
C ARG B 401 19.61 8.74 20.78
N VAL B 402 18.52 9.32 21.28
CA VAL B 402 18.32 10.78 21.27
C VAL B 402 18.33 11.30 22.70
N VAL B 403 19.12 12.37 22.93
CA VAL B 403 19.20 13.01 24.23
C VAL B 403 18.86 14.50 24.09
N VAL B 404 17.82 14.94 24.78
CA VAL B 404 17.46 16.36 24.82
C VAL B 404 18.32 17.07 25.88
N THR B 405 18.85 18.24 25.52
CA THR B 405 19.56 19.11 26.45
C THR B 405 18.89 20.48 26.40
N THR B 406 18.18 20.81 27.48
CA THR B 406 17.44 22.07 27.56
C THR B 406 17.33 22.53 29.01
N THR B 407 16.98 23.80 29.20
CA THR B 407 16.69 24.32 30.54
C THR B 407 15.44 23.63 31.08
N HIS B 408 15.15 23.81 32.36
CA HIS B 408 14.05 23.06 32.95
C HIS B 408 12.70 23.73 32.73
N CYS B 409 12.70 25.06 32.81
CA CYS B 409 11.48 25.85 32.68
C CYS B 409 11.67 26.96 31.66
N ASN B 410 10.55 27.47 31.17
CA ASN B 410 10.53 28.72 30.41
C ASN B 410 10.79 29.86 31.39
N LYS B 411 11.22 31.02 30.88
CA LYS B 411 11.59 32.15 31.77
C LYS B 411 10.41 32.65 32.62
N ASN B 412 9.18 32.44 32.14
CA ASN B 412 7.97 32.73 32.92
C ASN B 412 7.50 31.58 33.85
N GLY B 413 8.38 30.62 34.13
CA GLY B 413 8.12 29.61 35.16
C GLY B 413 7.40 28.34 34.74
N ASP B 414 6.83 28.31 33.53
CA ASP B 414 6.11 27.14 33.02
C ASP B 414 7.07 25.98 32.77
N PRO B 415 6.60 24.73 32.98
CA PRO B 415 7.46 23.58 32.69
C PRO B 415 7.66 23.38 31.18
N LYS B 416 8.88 23.00 30.81
CA LYS B 416 9.18 22.52 29.45
C LYS B 416 8.88 21.03 29.37
N ILE B 417 9.27 20.30 30.40
CA ILE B 417 9.01 18.87 30.50
C ILE B 417 7.55 18.69 30.90
N VAL B 418 6.78 18.02 30.06
CA VAL B 418 5.32 17.91 30.22
C VAL B 418 4.85 16.47 30.02
N GLU B 419 3.54 16.22 30.08
CA GLU B 419 3.02 14.89 29.76
C GLU B 419 2.95 14.69 28.24
N ARG B 420 2.13 15.53 27.60
CA ARG B 420 1.93 15.53 26.15
C ARG B 420 2.21 16.94 25.64
N CYS B 421 2.65 17.05 24.39
CA CYS B 421 3.07 18.34 23.84
C CYS B 421 1.88 19.18 23.38
N ARG B 422 1.74 20.36 23.98
CA ARG B 422 0.83 21.40 23.51
C ARG B 422 1.28 21.88 22.13
N LEU B 423 2.59 22.06 21.97
CA LEU B 423 3.19 22.54 20.73
C LEU B 423 3.23 21.42 19.69
N PRO B 424 3.28 21.77 18.39
CA PRO B 424 3.42 20.73 17.38
C PRO B 424 4.76 20.01 17.44
N VAL B 425 4.73 18.76 17.00
CA VAL B 425 5.74 17.76 17.34
C VAL B 425 6.82 17.68 16.25
N THR B 426 8.07 17.58 16.68
CA THR B 426 9.21 17.33 15.78
C THR B 426 9.34 15.83 15.48
N GLY B 427 9.09 14.99 16.49
CA GLY B 427 9.06 13.54 16.31
C GLY B 427 8.31 12.81 17.39
N LYS B 428 7.78 11.64 17.06
CA LYS B 428 6.98 10.86 17.99
C LYS B 428 7.86 9.80 18.65
N HIS B 429 7.75 9.66 19.98
CA HIS B 429 8.37 8.56 20.74
C HIS B 429 9.86 8.39 20.41
N CYS B 430 10.61 9.48 20.46
CA CYS B 430 12.02 9.51 20.04
C CYS B 430 13.06 9.75 21.14
N VAL B 431 12.73 10.58 22.13
CA VAL B 431 13.69 11.04 23.14
C VAL B 431 13.98 9.97 24.19
N CYS B 432 15.26 9.71 24.43
CA CYS B 432 15.72 8.72 25.42
C CYS B 432 16.08 9.35 26.77
N ARG B 433 16.83 10.45 26.72
CA ARG B 433 17.24 11.19 27.91
C ARG B 433 16.91 12.66 27.79
N ILE B 434 16.63 13.29 28.94
CA ILE B 434 16.31 14.71 29.04
C ILE B 434 17.22 15.29 30.10
N ILE B 435 18.29 15.97 29.67
CA ILE B 435 19.25 16.59 30.59
C ILE B 435 18.85 18.05 30.83
N THR B 436 18.89 18.49 32.09
CA THR B 436 18.59 19.87 32.47
C THR B 436 19.60 20.39 33.50
N GLU B 437 19.43 21.63 33.93
CA GLU B 437 20.26 22.22 35.00
C GLU B 437 19.93 21.68 36.40
N TYR B 438 18.70 21.15 36.58
CA TYR B 438 18.27 20.53 37.82
C TYR B 438 18.35 18.99 37.82
N ALA B 439 17.99 18.35 36.70
CA ALA B 439 17.76 16.90 36.68
C ALA B 439 18.11 16.21 35.36
N VAL B 440 18.12 14.87 35.42
CA VAL B 440 18.32 14.00 34.26
C VAL B 440 17.29 12.87 34.33
N PHE B 441 16.35 12.85 33.40
CA PHE B 441 15.36 11.77 33.31
C PHE B 441 15.73 10.82 32.18
N ASP B 442 15.24 9.59 32.28
CA ASP B 442 15.20 8.66 31.16
C ASP B 442 13.74 8.38 30.85
N VAL B 443 13.42 8.22 29.57
CA VAL B 443 12.09 7.82 29.13
C VAL B 443 12.09 6.28 29.11
N VAL B 444 11.14 5.67 29.81
CA VAL B 444 11.04 4.21 29.89
C VAL B 444 9.58 3.77 29.76
N ASP B 445 9.25 3.16 28.62
CA ASP B 445 7.91 2.65 28.30
C ASP B 445 6.86 3.77 28.25
N GLY B 446 7.22 4.86 27.57
CA GLY B 446 6.33 6.02 27.40
C GLY B 446 6.00 6.73 28.70
N ARG B 447 6.99 6.76 29.60
CA ARG B 447 6.79 7.23 30.96
C ARG B 447 8.16 7.61 31.54
N LEU B 448 8.17 8.62 32.39
CA LEU B 448 9.40 9.31 32.80
C LEU B 448 9.96 8.72 34.08
N VAL B 449 11.30 8.59 34.14
CA VAL B 449 11.99 8.03 35.29
C VAL B 449 13.11 8.98 35.72
N LEU B 450 13.00 9.56 36.92
CA LEU B 450 14.01 10.51 37.41
C LEU B 450 15.28 9.75 37.81
N LYS B 451 16.35 9.97 37.05
CA LYS B 451 17.60 9.23 37.24
C LYS B 451 18.57 9.99 38.13
N GLU B 452 18.75 11.29 37.86
CA GLU B 452 19.66 12.13 38.65
C GLU B 452 19.04 13.49 39.00
N ILE B 453 19.56 14.10 40.07
CA ILE B 453 19.29 15.50 40.39
C ILE B 453 20.60 16.21 40.76
N ALA B 454 20.59 17.53 40.59
CA ALA B 454 21.75 18.38 40.83
C ALA B 454 22.22 18.47 42.25
N GLU B 455 23.48 18.83 42.42
CA GLU B 455 24.12 18.97 43.72
C GLU B 455 23.23 19.27 44.92
N ASP B 456 23.07 18.29 45.77
CA ASP B 456 22.28 18.46 46.97
C ASP B 456 21.00 19.29 46.86
N THR B 457 20.31 19.20 45.73
CA THR B 457 19.05 19.89 45.53
C THR B 457 18.04 18.80 45.70
N THR B 458 16.80 19.14 45.99
CA THR B 458 15.82 18.12 46.29
C THR B 458 14.93 17.54 45.26
N VAL B 459 14.41 16.38 45.58
CA VAL B 459 13.48 15.71 44.67
C VAL B 459 12.14 16.45 44.65
N ASP B 460 11.74 17.01 45.79
CA ASP B 460 10.51 17.79 45.90
C ASP B 460 10.52 19.05 45.01
N GLN B 461 11.70 19.66 44.85
CA GLN B 461 11.85 20.86 43.99
C GLN B 461 11.59 20.55 42.51
N VAL B 462 12.41 19.68 41.91
CA VAL B 462 12.20 19.24 40.54
C VAL B 462 10.75 18.78 40.30
N LYS B 463 10.15 18.07 41.25
CA LYS B 463 8.74 17.65 41.17
C LYS B 463 7.78 18.83 40.90
N LYS B 464 8.05 19.97 41.51
CA LYS B 464 7.27 21.21 41.27
C LYS B 464 7.57 21.83 39.91
N LEU B 465 8.84 21.83 39.51
CA LEU B 465 9.29 22.47 38.29
C LEU B 465 8.94 21.74 36.99
N THR B 466 8.56 20.46 37.06
CA THR B 466 8.10 19.70 35.86
C THR B 466 6.60 19.40 35.94
N GLY B 467 5.95 19.32 34.78
CA GLY B 467 4.50 19.12 34.68
C GLY B 467 4.06 17.69 34.49
N VAL B 468 4.76 16.75 35.14
CA VAL B 468 4.36 15.33 35.16
C VAL B 468 4.89 14.62 36.39
N GLY B 469 4.20 13.53 36.74
CA GLY B 469 4.72 12.59 37.73
C GLY B 469 5.82 11.76 37.08
N PHE B 470 6.75 11.30 37.91
CA PHE B 470 7.89 10.49 37.45
C PHE B 470 8.30 9.48 38.51
N ASP B 471 9.05 8.47 38.08
CA ASP B 471 9.61 7.50 39.01
C ASP B 471 10.83 8.12 39.68
N ALA B 472 10.80 8.21 41.01
CA ALA B 472 11.92 8.76 41.79
C ALA B 472 12.47 7.73 42.80
N ASP B 473 12.43 6.45 42.42
CA ASP B 473 12.76 5.34 43.34
C ASP B 473 14.27 5.00 43.43
N ASN B 474 15.11 5.66 42.64
CA ASN B 474 16.57 5.48 42.74
C ASN B 474 17.34 6.67 42.16
N VAL B 475 17.45 7.73 42.96
CA VAL B 475 18.00 9.02 42.51
C VAL B 475 19.40 9.27 43.08
N ILE B 476 20.42 9.07 42.23
CA ILE B 476 21.80 9.45 42.55
C ILE B 476 22.01 10.94 42.27
N THR B 477 23.14 11.48 42.71
CA THR B 477 23.46 12.90 42.52
C THR B 477 24.15 13.09 41.15
N MET B 478 23.86 14.21 40.49
CA MET B 478 24.34 14.47 39.11
C MET B 478 25.84 14.80 39.08
N PRO B 479 26.64 14.05 38.29
CA PRO B 479 28.06 14.39 38.09
C PRO B 479 28.28 15.27 36.86
N LEU B 480 29.33 16.08 36.89
CA LEU B 480 29.72 16.96 35.77
C LEU B 480 31.19 16.75 35.41
N ALA B 481 31.50 16.76 34.11
CA ALA B 481 32.90 16.69 33.64
C ALA B 481 33.62 18.02 33.94
N PRO B 482 34.96 17.99 34.14
CA PRO B 482 35.69 19.24 34.37
C PRO B 482 35.77 20.13 33.13
N ILE C 1 -35.65 -32.56 8.22
CA ILE C 1 -34.87 -32.10 9.40
C ILE C 1 -33.42 -32.61 9.36
N GLY C 2 -32.53 -31.81 8.78
CA GLY C 2 -31.13 -32.19 8.63
C GLY C 2 -30.34 -32.00 9.92
N LEU C 3 -29.63 -30.88 10.01
CA LEU C 3 -28.71 -30.62 11.12
C LEU C 3 -29.46 -30.13 12.36
N ASP C 4 -28.94 -30.51 13.53
CA ASP C 4 -29.46 -30.07 14.82
C ASP C 4 -28.28 -29.56 15.63
N LYS C 5 -28.24 -28.24 15.83
CA LYS C 5 -27.15 -27.56 16.53
C LYS C 5 -27.61 -27.04 17.88
N VAL C 6 -28.81 -27.45 18.31
CA VAL C 6 -29.39 -27.01 19.60
C VAL C 6 -28.55 -27.61 20.72
N MET C 7 -28.45 -26.85 21.81
CA MET C 7 -27.50 -27.10 22.88
C MET C 7 -27.92 -26.27 24.09
N SER C 8 -27.71 -26.82 25.29
CA SER C 8 -28.11 -26.14 26.51
C SER C 8 -27.23 -24.92 26.77
N LEU C 9 -27.79 -23.96 27.50
CA LEU C 9 -27.10 -22.70 27.82
C LEU C 9 -25.75 -22.91 28.52
N SER C 10 -25.69 -23.89 29.43
CA SER C 10 -24.47 -24.21 30.18
C SER C 10 -23.40 -24.90 29.33
N SER C 11 -23.82 -25.87 28.51
CA SER C 11 -22.90 -26.66 27.67
C SER C 11 -22.27 -25.89 26.52
N ALA C 12 -22.93 -24.82 26.05
CA ALA C 12 -22.41 -23.99 24.97
C ALA C 12 -21.26 -23.06 25.39
N VAL C 13 -21.28 -22.60 26.64
CA VAL C 13 -20.34 -21.59 27.13
C VAL C 13 -19.01 -22.18 27.63
N GLN C 14 -19.04 -23.42 28.13
CA GLN C 14 -17.88 -24.07 28.78
C GLN C 14 -16.52 -24.00 28.04
N ASP C 15 -16.56 -24.02 26.71
CA ASP C 15 -15.33 -23.98 25.88
C ASP C 15 -14.50 -22.68 25.95
N ILE C 16 -15.08 -21.60 26.46
CA ILE C 16 -14.42 -20.29 26.42
C ILE C 16 -13.33 -20.22 27.50
N LYS C 17 -12.09 -20.50 27.08
CA LYS C 17 -10.92 -20.49 27.97
C LYS C 17 -10.51 -19.06 28.32
N ASN C 18 -9.67 -18.92 29.34
CA ASN C 18 -9.19 -17.60 29.77
C ASN C 18 -8.41 -16.94 28.65
N GLY C 19 -8.64 -15.65 28.43
CA GLY C 19 -7.97 -14.90 27.36
C GLY C 19 -8.70 -14.87 26.02
N ALA C 20 -9.89 -15.45 25.95
CA ALA C 20 -10.64 -15.58 24.70
C ALA C 20 -11.14 -14.24 24.15
N THR C 21 -10.94 -14.01 22.86
CA THR C 21 -11.51 -12.85 22.16
C THR C 21 -12.94 -13.21 21.78
N LEU C 22 -13.91 -12.42 22.25
CA LEU C 22 -15.32 -12.59 21.87
C LEU C 22 -15.76 -11.47 20.94
N ALA C 23 -16.77 -11.75 20.11
CA ALA C 23 -17.49 -10.71 19.36
C ALA C 23 -18.95 -10.78 19.77
N VAL C 24 -19.48 -9.70 20.35
CA VAL C 24 -20.85 -9.71 20.89
C VAL C 24 -21.77 -8.80 20.07
N GLY C 25 -22.95 -9.32 19.74
CA GLY C 25 -23.96 -8.56 19.03
C GLY C 25 -24.74 -7.65 19.96
N GLY C 26 -25.52 -6.77 19.34
CA GLY C 26 -26.37 -5.82 20.07
C GLY C 26 -25.92 -4.37 19.97
N PHE C 27 -26.90 -3.48 19.92
CA PHE C 27 -26.70 -2.04 19.94
C PHE C 27 -27.34 -1.58 21.25
N GLY C 28 -26.52 -1.16 22.20
CA GLY C 28 -27.00 -0.82 23.54
C GLY C 28 -27.47 -2.09 24.23
N THR C 29 -28.79 -2.20 24.42
CA THR C 29 -29.44 -3.43 24.89
C THR C 29 -30.25 -4.14 23.81
N GLY C 30 -30.51 -3.48 22.68
CA GLY C 30 -31.26 -4.08 21.58
C GLY C 30 -30.42 -5.14 20.91
N GLY C 31 -30.84 -6.40 21.00
CA GLY C 31 -30.08 -7.52 20.46
C GLY C 31 -28.90 -7.95 21.32
N MET C 32 -28.91 -7.58 22.60
CA MET C 32 -27.88 -8.01 23.57
C MET C 32 -28.10 -9.46 23.97
N PRO C 33 -27.12 -10.35 23.71
CA PRO C 33 -27.24 -11.69 24.29
C PRO C 33 -26.96 -11.64 25.81
N HIS C 34 -28.00 -11.34 26.58
CA HIS C 34 -27.89 -11.19 28.03
C HIS C 34 -27.75 -12.55 28.71
N ALA C 35 -28.71 -13.44 28.46
CA ALA C 35 -28.76 -14.78 29.06
C ALA C 35 -27.48 -15.61 28.88
N ILE C 36 -26.75 -15.36 27.80
CA ILE C 36 -25.44 -15.99 27.58
C ILE C 36 -24.35 -15.33 28.42
N MET C 37 -24.37 -14.00 28.50
CA MET C 37 -23.40 -13.24 29.31
C MET C 37 -23.49 -13.58 30.80
N GLN C 38 -24.68 -13.94 31.27
CA GLN C 38 -24.87 -14.40 32.65
C GLN C 38 -24.22 -15.76 32.90
N GLU C 39 -24.36 -16.69 31.96
CA GLU C 39 -23.74 -18.01 32.07
C GLU C 39 -22.22 -17.92 31.98
N ILE C 40 -21.73 -16.92 31.23
CA ILE C 40 -20.30 -16.59 31.20
C ILE C 40 -19.84 -16.02 32.56
N LYS C 41 -20.70 -15.21 33.19
CA LYS C 41 -20.45 -14.73 34.57
C LYS C 41 -20.40 -15.89 35.58
N LYS C 42 -21.25 -16.89 35.40
CA LYS C 42 -21.28 -18.08 36.27
C LYS C 42 -19.98 -18.89 36.20
N MET C 43 -19.72 -19.53 35.06
CA MET C 43 -18.52 -20.36 34.88
C MET C 43 -17.20 -19.58 35.03
N GLY C 44 -17.22 -18.29 34.71
CA GLY C 44 -16.17 -17.36 35.13
C GLY C 44 -14.86 -17.37 34.34
N VAL C 45 -14.90 -16.80 33.13
CA VAL C 45 -13.70 -16.61 32.32
C VAL C 45 -13.05 -15.28 32.72
N ARG C 46 -11.71 -15.26 32.77
CA ARG C 46 -10.96 -14.06 33.08
C ARG C 46 -10.16 -13.61 31.87
N ASP C 47 -9.75 -12.34 31.88
CA ASP C 47 -8.88 -11.76 30.86
C ASP C 47 -9.46 -11.80 29.43
N LEU C 48 -10.79 -11.70 29.32
CA LEU C 48 -11.48 -11.71 28.02
C LEU C 48 -11.22 -10.42 27.24
N ILE C 49 -11.19 -10.52 25.92
CA ILE C 49 -11.19 -9.36 25.02
C ILE C 49 -12.50 -9.42 24.25
N ILE C 50 -13.20 -8.27 24.14
CA ILE C 50 -14.57 -8.24 23.57
C ILE C 50 -14.73 -7.13 22.54
N TYR C 51 -15.18 -7.52 21.35
CA TYR C 51 -15.57 -6.61 20.28
C TYR C 51 -17.09 -6.48 20.28
N SER C 52 -17.59 -5.26 20.47
CA SER C 52 -19.02 -4.97 20.28
C SER C 52 -19.22 -3.48 20.06
N ASP C 53 -20.41 -3.09 19.63
CA ASP C 53 -20.80 -1.67 19.53
C ASP C 53 -20.63 -1.02 20.90
N GLY C 54 -21.42 -1.50 21.85
CA GLY C 54 -21.44 -1.00 23.20
C GLY C 54 -20.84 -2.02 24.14
N ALA C 55 -20.99 -1.75 25.44
CA ALA C 55 -20.66 -2.69 26.51
C ALA C 55 -21.86 -2.82 27.44
N GLY C 56 -23.03 -2.91 26.83
CA GLY C 56 -24.26 -3.03 27.53
C GLY C 56 -24.46 -1.87 28.46
N VAL C 57 -25.15 -2.11 29.54
CA VAL C 57 -25.38 -1.08 30.52
C VAL C 57 -25.25 -1.76 31.84
N ASP C 58 -25.09 -1.01 32.90
CA ASP C 58 -24.92 -1.59 34.20
C ASP C 58 -25.84 -2.72 34.53
N GLY C 59 -25.29 -3.90 34.69
CA GLY C 59 -26.07 -5.06 35.03
C GLY C 59 -26.84 -5.69 33.90
N TYR C 60 -26.36 -5.48 32.70
CA TYR C 60 -27.04 -6.01 31.56
C TYR C 60 -26.21 -6.28 30.36
N GLY C 61 -25.81 -7.53 30.21
CA GLY C 61 -25.12 -7.95 28.98
C GLY C 61 -23.62 -8.03 29.21
N ILE C 62 -22.85 -7.34 28.38
CA ILE C 62 -21.42 -7.19 28.60
C ILE C 62 -21.20 -6.47 29.93
N GLY C 63 -22.13 -5.56 30.27
CA GLY C 63 -22.20 -4.88 31.58
C GLY C 63 -22.04 -5.74 32.83
N VAL C 64 -22.60 -6.94 32.77
CA VAL C 64 -22.57 -7.90 33.90
C VAL C 64 -21.20 -8.59 34.11
N LEU C 65 -20.34 -8.55 33.09
CA LEU C 65 -18.96 -9.05 33.17
C LEU C 65 -17.99 -8.09 33.87
N PHE C 66 -18.34 -6.81 33.97
CA PHE C 66 -17.50 -5.83 34.67
C PHE C 66 -17.51 -6.01 36.19
N GLU C 67 -18.58 -6.60 36.73
CA GLU C 67 -18.75 -6.76 38.20
C GLU C 67 -17.67 -7.61 38.88
N ASN C 68 -17.24 -8.70 38.25
CA ASN C 68 -16.17 -9.56 38.76
C ASN C 68 -14.79 -9.31 38.12
N LYS C 69 -14.64 -8.18 37.42
CA LYS C 69 -13.41 -7.85 36.65
C LYS C 69 -12.97 -8.99 35.70
N GLN C 70 -13.84 -9.35 34.77
CA GLN C 70 -13.58 -10.43 33.80
C GLN C 70 -13.10 -9.94 32.43
N ILE C 71 -13.07 -8.61 32.21
CA ILE C 71 -12.68 -8.04 30.92
C ILE C 71 -11.26 -7.48 31.01
N ASN C 72 -10.38 -7.95 30.13
CA ASN C 72 -9.08 -7.32 29.93
C ASN C 72 -9.25 -6.02 29.12
N LYS C 73 -9.82 -6.15 27.92
CA LYS C 73 -9.87 -5.08 26.94
C LYS C 73 -11.21 -5.04 26.20
N MET C 74 -11.72 -3.84 25.95
CA MET C 74 -12.90 -3.62 25.11
C MET C 74 -12.51 -2.93 23.80
N ILE C 75 -13.10 -3.41 22.69
CA ILE C 75 -13.03 -2.71 21.40
C ILE C 75 -14.47 -2.29 21.07
N VAL C 76 -14.77 -1.02 21.30
CA VAL C 76 -16.14 -0.52 21.19
C VAL C 76 -16.22 0.79 20.43
N SER C 77 -17.42 1.16 20.01
CA SER C 77 -17.69 2.50 19.48
C SER C 77 -18.34 3.42 20.52
N TYR C 78 -19.16 2.88 21.43
CA TYR C 78 -19.85 3.72 22.42
C TYR C 78 -19.81 3.11 23.83
N VAL C 79 -19.48 3.94 24.81
CA VAL C 79 -19.53 3.56 26.23
C VAL C 79 -20.99 3.46 26.69
N GLY C 80 -21.79 4.44 26.29
CA GLY C 80 -23.21 4.44 26.58
C GLY C 80 -23.49 4.81 28.02
N ASN C 81 -24.67 4.48 28.51
CA ASN C 81 -24.98 4.76 29.88
C ASN C 81 -24.51 3.58 30.68
N ASN C 82 -23.21 3.44 30.85
CA ASN C 82 -22.64 2.33 31.58
C ASN C 82 -21.54 2.80 32.47
N LYS C 83 -21.87 3.13 33.70
CA LYS C 83 -20.96 3.67 34.69
C LYS C 83 -19.80 2.81 35.13
N ILE C 84 -20.06 1.56 35.37
CA ILE C 84 -19.05 0.63 35.78
C ILE C 84 -18.06 0.45 34.67
N PHE C 85 -18.52 0.55 33.44
CA PHE C 85 -17.67 0.41 32.32
C PHE C 85 -16.75 1.59 32.35
N ALA C 86 -17.35 2.76 32.41
CA ALA C 86 -16.59 3.99 32.41
C ALA C 86 -15.55 4.08 33.48
N ARG C 87 -15.93 4.01 34.74
CA ARG C 87 -14.94 4.11 35.80
C ARG C 87 -13.77 3.17 35.61
N GLN C 88 -14.02 1.89 35.42
CA GLN C 88 -12.95 0.95 35.25
C GLN C 88 -11.93 1.39 34.24
N TYR C 89 -12.38 2.10 33.23
CA TYR C 89 -11.46 2.69 32.24
C TYR C 89 -10.52 3.70 32.91
N LEU C 90 -11.13 4.70 33.56
CA LEU C 90 -10.40 5.81 34.20
C LEU C 90 -9.57 5.37 35.42
N GLU C 91 -10.09 4.44 36.20
CA GLU C 91 -9.34 3.87 37.32
C GLU C 91 -8.22 2.93 36.86
N GLY C 92 -8.34 2.41 35.62
CA GLY C 92 -7.26 1.68 34.97
C GLY C 92 -7.31 0.18 35.19
N ASP C 93 -8.50 -0.39 35.01
CA ASP C 93 -8.73 -1.84 35.09
C ASP C 93 -8.91 -2.44 33.70
N VAL C 94 -9.84 -1.88 32.93
CA VAL C 94 -10.15 -2.29 31.57
C VAL C 94 -9.38 -1.41 30.59
N GLU C 95 -8.96 -2.01 29.46
CA GLU C 95 -8.39 -1.27 28.33
C GLU C 95 -9.55 -0.90 27.40
N LEU C 96 -9.58 0.36 26.95
CA LEU C 96 -10.67 0.87 26.12
C LEU C 96 -10.11 1.43 24.81
N GLU C 97 -10.36 0.70 23.71
CA GLU C 97 -9.89 1.07 22.38
C GLU C 97 -11.11 1.36 21.50
N PHE C 98 -11.37 2.64 21.22
CA PHE C 98 -12.50 3.00 20.37
C PHE C 98 -12.25 2.62 18.91
N CYS C 99 -13.35 2.42 18.20
CA CYS C 99 -13.34 2.15 16.77
C CYS C 99 -14.62 2.75 16.22
N PRO C 100 -14.55 3.49 15.09
CA PRO C 100 -15.78 4.01 14.49
C PRO C 100 -16.79 2.91 14.24
N GLN C 101 -18.06 3.22 14.41
CA GLN C 101 -19.13 2.20 14.42
C GLN C 101 -19.28 1.49 13.07
N GLY C 102 -19.21 2.24 11.98
CA GLY C 102 -19.23 1.68 10.63
C GLY C 102 -17.99 0.91 10.26
N SER C 103 -16.84 1.32 10.80
CA SER C 103 -15.59 0.59 10.62
C SER C 103 -15.62 -0.72 11.40
N LEU C 104 -16.07 -0.67 12.66
CA LEU C 104 -16.23 -1.87 13.50
C LEU C 104 -17.16 -2.93 12.85
N ALA C 105 -18.29 -2.47 12.32
CA ALA C 105 -19.22 -3.35 11.62
C ALA C 105 -18.56 -3.99 10.40
N GLU C 106 -17.99 -3.15 9.55
CA GLU C 106 -17.35 -3.60 8.31
C GLU C 106 -16.06 -4.40 8.54
N ARG C 107 -15.36 -4.13 9.64
CA ARG C 107 -14.21 -4.95 10.04
C ARG C 107 -14.61 -6.37 10.43
N MET C 108 -15.76 -6.53 11.10
CA MET C 108 -16.25 -7.86 11.44
C MET C 108 -16.79 -8.59 10.22
N ARG C 109 -17.43 -7.86 9.31
CA ARG C 109 -17.85 -8.44 8.04
C ARG C 109 -16.63 -8.90 7.24
N ALA C 110 -15.61 -8.06 7.23
CA ALA C 110 -14.35 -8.33 6.53
C ALA C 110 -13.71 -9.63 7.01
N GLY C 111 -13.68 -9.82 8.32
CA GLY C 111 -13.13 -11.04 8.92
C GLY C 111 -13.89 -12.29 8.49
N GLY C 112 -15.21 -12.25 8.63
CA GLY C 112 -16.08 -13.33 8.20
C GLY C 112 -16.13 -13.55 6.70
N ALA C 113 -15.90 -12.49 5.94
CA ALA C 113 -15.88 -12.57 4.47
C ALA C 113 -14.50 -12.93 3.88
N GLY C 114 -13.49 -13.16 4.73
CA GLY C 114 -12.13 -13.41 4.26
C GLY C 114 -11.52 -12.24 3.49
N ILE C 115 -11.97 -11.02 3.77
CA ILE C 115 -11.35 -9.81 3.26
C ILE C 115 -10.38 -9.36 4.36
N PRO C 116 -9.06 -9.52 4.15
CA PRO C 116 -8.12 -9.18 5.23
C PRO C 116 -8.07 -7.70 5.63
N ALA C 117 -8.35 -6.81 4.68
CA ALA C 117 -8.38 -5.37 4.96
C ALA C 117 -9.14 -4.60 3.87
N PHE C 118 -9.67 -3.45 4.25
CA PHE C 118 -10.37 -2.57 3.29
C PHE C 118 -10.12 -1.12 3.71
N TYR C 119 -10.26 -0.20 2.76
CA TYR C 119 -10.08 1.23 3.01
C TYR C 119 -11.41 1.96 3.26
N THR C 120 -11.36 3.07 3.99
CA THR C 120 -12.56 3.83 4.35
C THR C 120 -12.19 5.26 4.74
N PRO C 121 -13.02 6.25 4.35
CA PRO C 121 -12.68 7.64 4.68
C PRO C 121 -12.91 8.02 6.16
N THR C 122 -13.58 7.16 6.92
CA THR C 122 -13.91 7.44 8.31
C THR C 122 -12.68 7.64 9.16
N ALA C 123 -12.70 8.68 10.00
CA ALA C 123 -11.72 8.93 11.05
C ALA C 123 -10.32 9.32 10.54
N VAL C 124 -10.22 9.76 9.29
CA VAL C 124 -8.96 10.27 8.75
C VAL C 124 -8.75 11.67 9.32
N GLY C 125 -7.53 11.96 9.75
CA GLY C 125 -7.25 13.21 10.47
C GLY C 125 -7.91 13.34 11.84
N THR C 126 -8.33 12.22 12.43
CA THR C 126 -8.80 12.18 13.81
C THR C 126 -7.76 11.52 14.66
N VAL C 127 -7.91 11.67 15.97
CA VAL C 127 -7.00 11.07 16.94
C VAL C 127 -7.04 9.53 16.83
N LEU C 128 -8.13 8.98 16.30
CA LEU C 128 -8.22 7.55 15.95
C LEU C 128 -7.34 7.07 14.78
N GLN C 129 -6.94 7.96 13.88
CA GLN C 129 -5.99 7.65 12.81
C GLN C 129 -4.56 7.86 13.29
N THR C 130 -4.31 9.05 13.85
CA THR C 130 -2.96 9.48 14.26
C THR C 130 -2.40 8.71 15.47
N GLY C 131 -3.28 8.12 16.27
CA GLY C 131 -2.88 7.43 17.50
C GLY C 131 -2.92 8.41 18.66
N GLY C 132 -2.77 7.90 19.87
CA GLY C 132 -2.79 8.73 21.05
C GLY C 132 -4.19 9.17 21.49
N GLN C 133 -5.14 8.24 21.49
CA GLN C 133 -6.28 8.30 22.41
C GLN C 133 -5.89 7.37 23.56
N ILE C 134 -6.28 7.73 24.78
CA ILE C 134 -5.82 7.02 25.97
C ILE C 134 -6.55 5.68 26.07
N THR C 135 -5.84 4.57 25.88
CA THR C 135 -6.46 3.23 25.90
C THR C 135 -6.37 2.52 27.25
N LYS C 136 -5.41 2.90 28.09
CA LYS C 136 -5.34 2.37 29.46
C LYS C 136 -4.58 3.32 30.40
N TYR C 137 -5.09 3.42 31.64
CA TYR C 137 -4.46 4.19 32.69
C TYR C 137 -3.73 3.27 33.68
N ASP C 138 -2.81 3.85 34.45
CA ASP C 138 -2.33 3.25 35.70
C ASP C 138 -3.39 3.52 36.80
N LYS C 139 -3.10 3.16 38.05
CA LYS C 139 -4.08 3.33 39.14
C LYS C 139 -4.20 4.79 39.63
N ASN C 140 -3.25 5.66 39.27
CA ASN C 140 -3.25 7.06 39.74
C ASN C 140 -3.87 8.09 38.77
N GLY C 141 -3.84 7.80 37.47
CA GLY C 141 -4.35 8.74 36.46
C GLY C 141 -3.38 9.13 35.35
N GLY C 142 -2.16 8.59 35.36
CA GLY C 142 -1.24 8.68 34.23
C GLY C 142 -1.51 7.61 33.18
N VAL C 143 -1.14 7.91 31.93
CA VAL C 143 -1.42 7.02 30.81
C VAL C 143 -0.46 5.83 30.81
N LEU C 144 -0.99 4.63 30.66
CA LEU C 144 -0.18 3.42 30.50
C LEU C 144 0.00 3.09 29.00
N LYS C 145 -1.13 2.95 28.28
CA LYS C 145 -1.12 2.57 26.87
C LYS C 145 -1.95 3.53 26.03
N GLU C 146 -1.55 3.70 24.77
CA GLU C 146 -2.26 4.53 23.80
C GLU C 146 -2.61 3.69 22.56
N SER C 147 -3.61 4.17 21.82
CA SER C 147 -4.07 3.50 20.60
C SER C 147 -3.02 3.67 19.51
N THR C 148 -2.67 2.57 18.85
CA THR C 148 -1.67 2.62 17.79
C THR C 148 -2.30 3.23 16.53
N PRO C 149 -1.48 3.89 15.69
CA PRO C 149 -2.06 4.54 14.51
C PRO C 149 -2.63 3.57 13.46
N ARG C 150 -3.58 4.08 12.68
CA ARG C 150 -4.08 3.42 11.46
C ARG C 150 -3.23 3.88 10.27
N GLU C 151 -3.10 3.02 9.25
CA GLU C 151 -2.44 3.42 8.00
C GLU C 151 -3.40 4.22 7.14
N THR C 152 -2.82 4.95 6.17
CA THR C 152 -3.57 5.77 5.23
C THR C 152 -3.06 5.61 3.80
N ARG C 153 -3.88 6.00 2.83
CA ARG C 153 -3.57 5.80 1.41
C ARG C 153 -4.50 6.63 0.56
N PHE C 154 -3.98 7.16 -0.56
CA PHE C 154 -4.77 8.00 -1.47
C PHE C 154 -5.40 7.16 -2.59
N PHE C 155 -6.71 7.29 -2.71
CA PHE C 155 -7.46 6.83 -3.87
C PHE C 155 -8.23 8.03 -4.39
N GLY C 156 -8.08 8.35 -5.67
CA GLY C 156 -8.57 9.61 -6.21
C GLY C 156 -7.87 10.77 -5.51
N GLY C 157 -8.60 11.85 -5.28
CA GLY C 157 -8.05 13.03 -4.62
C GLY C 157 -7.77 12.87 -3.14
N ARG C 158 -8.56 12.05 -2.44
CA ARG C 158 -8.61 12.07 -0.96
C ARG C 158 -8.01 10.86 -0.25
N LEU C 159 -7.69 11.08 1.03
CA LEU C 159 -7.02 10.12 1.88
C LEU C 159 -8.03 9.18 2.53
N TYR C 160 -7.66 7.90 2.64
CA TYR C 160 -8.53 6.86 3.23
C TYR C 160 -7.76 6.04 4.28
N CYS C 161 -8.47 5.58 5.31
CA CYS C 161 -7.92 4.74 6.39
C CYS C 161 -7.96 3.25 6.05
N LEU C 162 -6.82 2.57 6.19
CA LEU C 162 -6.77 1.11 6.12
C LEU C 162 -7.34 0.52 7.42
N GLU C 163 -8.33 -0.36 7.27
CA GLU C 163 -8.98 -1.03 8.40
C GLU C 163 -8.76 -2.52 8.29
N ASN C 164 -8.22 -3.13 9.34
CA ASN C 164 -7.94 -4.56 9.38
C ASN C 164 -9.15 -5.34 9.83
N ALA C 165 -9.30 -6.54 9.27
CA ALA C 165 -10.45 -7.39 9.53
C ALA C 165 -10.35 -8.06 10.91
N ILE C 166 -11.51 -8.23 11.55
CA ILE C 166 -11.63 -8.75 12.91
C ILE C 166 -12.14 -10.19 12.86
N LYS C 167 -11.36 -11.10 13.44
CA LYS C 167 -11.74 -12.50 13.60
C LYS C 167 -11.59 -12.85 15.08
N THR C 168 -12.64 -13.39 15.67
CA THR C 168 -12.69 -13.68 17.11
C THR C 168 -12.66 -15.20 17.35
N ASP C 169 -12.30 -15.59 18.57
CA ASP C 169 -12.41 -17.00 18.96
C ASP C 169 -13.88 -17.40 18.98
N PHE C 170 -14.70 -16.56 19.64
CA PHE C 170 -16.14 -16.78 19.75
C PHE C 170 -16.93 -15.58 19.28
N SER C 171 -18.19 -15.82 18.91
CA SER C 171 -19.15 -14.77 18.56
C SER C 171 -20.48 -15.04 19.25
N ILE C 172 -21.00 -14.03 19.95
CA ILE C 172 -22.26 -14.18 20.71
C ILE C 172 -23.35 -13.28 20.13
N VAL C 173 -24.48 -13.88 19.77
CA VAL C 173 -25.59 -13.16 19.12
C VAL C 173 -26.94 -13.49 19.74
N LYS C 174 -27.93 -12.67 19.42
CA LYS C 174 -29.28 -12.77 19.96
C LYS C 174 -30.29 -12.51 18.86
N ALA C 175 -31.20 -13.45 18.66
CA ALA C 175 -32.14 -13.41 17.55
C ALA C 175 -33.54 -13.70 18.06
N TRP C 176 -34.54 -13.12 17.40
CA TRP C 176 -35.95 -13.38 17.73
C TRP C 176 -36.31 -14.84 17.51
N LYS C 177 -35.81 -15.43 16.44
CA LYS C 177 -36.17 -16.78 16.05
C LYS C 177 -35.01 -17.47 15.37
N GLY C 178 -34.90 -18.78 15.58
CA GLY C 178 -33.89 -19.58 14.92
C GLY C 178 -34.31 -21.02 14.81
N ASP C 179 -34.03 -21.64 13.67
CA ASP C 179 -34.28 -23.07 13.49
C ASP C 179 -33.09 -23.89 13.98
N ARG C 180 -33.22 -25.21 13.92
CA ARG C 180 -32.28 -26.13 14.55
C ARG C 180 -30.94 -26.24 13.84
N CYS C 181 -30.92 -25.96 12.53
CA CYS C 181 -29.65 -25.87 11.78
C CYS C 181 -29.10 -24.45 11.64
N GLY C 182 -29.54 -23.54 12.51
CA GLY C 182 -28.84 -22.28 12.76
C GLY C 182 -29.34 -21.01 12.09
N ASN C 183 -30.33 -21.10 11.20
CA ASN C 183 -30.84 -19.93 10.49
C ASN C 183 -31.57 -18.97 11.44
N LEU C 184 -31.08 -17.74 11.56
CA LEU C 184 -31.67 -16.77 12.47
C LEU C 184 -32.50 -15.67 11.76
N VAL C 185 -33.60 -15.29 12.41
CA VAL C 185 -34.41 -14.13 12.04
C VAL C 185 -34.34 -13.14 13.21
N PHE C 186 -34.39 -11.84 12.90
CA PHE C 186 -34.29 -10.79 13.89
C PHE C 186 -35.54 -9.92 13.87
N ARG C 187 -35.69 -9.06 14.88
CA ARG C 187 -36.82 -8.13 14.98
C ARG C 187 -36.34 -6.70 15.24
N GLY C 188 -36.92 -5.74 14.51
CA GLY C 188 -36.70 -4.32 14.72
C GLY C 188 -35.25 -3.91 14.56
N THR C 189 -34.84 -2.88 15.29
CA THR C 189 -33.44 -2.46 15.34
C THR C 189 -32.53 -3.41 16.17
N ALA C 190 -33.09 -4.48 16.74
CA ALA C 190 -32.31 -5.48 17.46
C ALA C 190 -31.50 -6.46 16.58
N ARG C 191 -31.54 -6.28 15.25
CA ARG C 191 -30.62 -6.99 14.37
C ARG C 191 -29.21 -6.40 14.53
N ASN C 192 -29.06 -5.15 14.10
CA ASN C 192 -27.80 -4.39 14.16
C ASN C 192 -26.49 -5.18 13.94
N PHE C 193 -25.61 -5.27 14.94
CA PHE C 193 -24.32 -5.94 14.79
C PHE C 193 -24.39 -7.48 14.78
N ASN C 194 -25.53 -8.07 15.15
CA ASN C 194 -25.67 -9.54 15.18
C ASN C 194 -25.28 -10.24 13.89
N VAL C 195 -25.71 -9.67 12.76
CA VAL C 195 -25.38 -10.23 11.45
C VAL C 195 -23.84 -10.24 11.22
N PRO C 196 -23.18 -9.07 11.25
CA PRO C 196 -21.71 -9.11 11.08
C PRO C 196 -20.94 -9.78 12.22
N VAL C 197 -21.48 -9.79 13.43
CA VAL C 197 -20.87 -10.51 14.57
C VAL C 197 -20.92 -12.03 14.35
N GLY C 198 -22.05 -12.54 13.84
CA GLY C 198 -22.21 -13.96 13.57
C GLY C 198 -21.36 -14.53 12.45
N GLN C 199 -20.78 -13.66 11.62
CA GLN C 199 -19.94 -14.07 10.50
C GLN C 199 -18.45 -14.11 10.84
N CYS C 200 -18.02 -13.30 11.80
CA CYS C 200 -16.60 -13.13 12.12
C CYS C 200 -16.05 -14.11 13.16
N GLY C 201 -16.92 -14.90 13.79
CA GLY C 201 -16.50 -15.84 14.84
C GLY C 201 -16.12 -17.22 14.32
N GLN C 202 -15.16 -17.84 15.00
CA GLN C 202 -14.74 -19.21 14.68
C GLN C 202 -15.85 -20.15 15.16
N THR C 203 -16.17 -20.06 16.45
CA THR C 203 -17.34 -20.71 17.04
C THR C 203 -18.34 -19.59 17.36
N VAL C 204 -19.52 -19.61 16.74
CA VAL C 204 -20.53 -18.60 17.07
C VAL C 204 -21.71 -19.26 17.79
N ILE C 205 -22.14 -18.66 18.90
CA ILE C 205 -23.26 -19.19 19.71
C ILE C 205 -24.40 -18.16 19.66
N ALA C 206 -25.64 -18.63 19.50
CA ALA C 206 -26.77 -17.77 19.17
C ALA C 206 -28.02 -18.06 20.01
N GLU C 207 -28.36 -17.14 20.93
CA GLU C 207 -29.58 -17.28 21.71
C GLU C 207 -30.80 -16.86 20.90
N VAL C 208 -31.69 -17.79 20.63
CA VAL C 208 -33.00 -17.47 20.05
C VAL C 208 -33.96 -17.05 21.17
N GLU C 209 -34.98 -16.26 20.82
CA GLU C 209 -36.16 -16.03 21.68
C GLU C 209 -37.28 -17.05 21.37
N ASN C 210 -37.25 -17.67 20.19
CA ASN C 210 -38.13 -18.79 19.83
C ASN C 210 -37.42 -19.82 18.97
N LEU C 211 -37.39 -21.07 19.43
CA LEU C 211 -36.85 -22.18 18.63
C LEU C 211 -37.98 -22.74 17.76
N VAL C 212 -37.63 -23.10 16.53
CA VAL C 212 -38.58 -23.68 15.59
C VAL C 212 -37.92 -24.78 14.76
N GLU C 213 -38.73 -25.61 14.11
CA GLU C 213 -38.21 -26.74 13.34
C GLU C 213 -37.67 -26.27 12.01
N ASN C 214 -36.86 -27.11 11.37
CA ASN C 214 -36.34 -26.83 10.05
C ASN C 214 -37.49 -27.00 9.06
N GLY C 215 -37.76 -25.96 8.28
CA GLY C 215 -38.96 -25.84 7.46
C GLY C 215 -39.82 -24.66 7.88
N ASP C 216 -39.88 -24.40 9.19
CA ASP C 216 -40.77 -23.36 9.76
C ASP C 216 -40.42 -21.94 9.33
N ILE C 217 -39.12 -21.63 9.28
CA ILE C 217 -38.65 -20.35 8.73
C ILE C 217 -38.73 -20.43 7.21
N ASP C 218 -39.25 -19.36 6.59
CA ASP C 218 -39.23 -19.23 5.13
C ASP C 218 -37.77 -19.03 4.71
N PRO C 219 -37.27 -19.83 3.75
CA PRO C 219 -35.87 -19.62 3.29
C PRO C 219 -35.58 -18.20 2.80
N ASP C 220 -36.60 -17.54 2.27
CA ASP C 220 -36.52 -16.15 1.82
C ASP C 220 -36.43 -15.11 2.96
N GLU C 221 -36.85 -15.46 4.16
CA GLU C 221 -36.86 -14.54 5.32
C GLU C 221 -35.68 -14.74 6.28
N VAL C 222 -34.66 -15.51 5.87
CA VAL C 222 -33.50 -15.78 6.72
C VAL C 222 -32.53 -14.58 6.64
N HIS C 223 -32.23 -14.00 7.80
CA HIS C 223 -31.29 -12.87 7.89
C HIS C 223 -29.85 -13.27 8.13
N LEU C 224 -29.64 -14.38 8.83
CA LEU C 224 -28.30 -14.92 9.06
C LEU C 224 -28.33 -16.41 8.76
N PRO C 225 -27.91 -16.81 7.53
CA PRO C 225 -27.90 -18.22 7.12
C PRO C 225 -27.22 -19.15 8.13
N GLY C 226 -27.76 -20.34 8.29
CA GLY C 226 -27.41 -21.24 9.38
C GLY C 226 -25.98 -21.73 9.39
N VAL C 227 -25.35 -21.74 8.21
CA VAL C 227 -23.92 -22.04 8.06
C VAL C 227 -22.98 -21.29 9.02
N TYR C 228 -23.34 -20.04 9.34
CA TYR C 228 -22.56 -19.23 10.27
C TYR C 228 -22.70 -19.67 11.74
N VAL C 229 -23.91 -20.12 12.13
CA VAL C 229 -24.19 -20.55 13.51
C VAL C 229 -23.75 -21.99 13.79
N ASP C 230 -22.89 -22.14 14.80
CA ASP C 230 -22.36 -23.44 15.23
C ASP C 230 -23.16 -24.07 16.39
N ARG C 231 -23.65 -23.23 17.32
CA ARG C 231 -24.50 -23.67 18.44
C ARG C 231 -25.66 -22.69 18.63
N VAL C 232 -26.82 -23.21 19.04
CA VAL C 232 -28.00 -22.37 19.33
C VAL C 232 -28.54 -22.69 20.74
N VAL C 233 -28.98 -21.64 21.44
CA VAL C 233 -29.41 -21.73 22.84
C VAL C 233 -30.84 -21.18 22.99
N VAL C 234 -31.65 -21.82 23.83
CA VAL C 234 -33.05 -21.44 24.04
C VAL C 234 -33.28 -21.15 25.52
N PRO C 235 -32.84 -19.97 25.99
CA PRO C 235 -33.03 -19.65 27.40
C PRO C 235 -34.50 -19.37 27.76
N GLU C 236 -34.77 -19.21 29.05
CA GLU C 236 -36.09 -18.77 29.50
C GLU C 236 -36.39 -17.38 28.96
N ARG C 237 -37.66 -17.12 28.65
CA ARG C 237 -38.07 -15.85 28.07
C ARG C 237 -37.84 -14.77 29.13
N TYR C 238 -37.05 -13.77 28.79
CA TYR C 238 -36.79 -12.65 29.68
C TYR C 238 -37.09 -11.33 28.97
N GLN C 239 -37.27 -10.27 29.75
CA GLN C 239 -37.60 -8.95 29.22
C GLN C 239 -36.32 -8.29 28.71
N THR C 240 -36.32 -7.91 27.43
CA THR C 240 -35.26 -7.07 26.89
C THR C 240 -35.37 -5.73 27.59
N LEU C 241 -34.27 -5.24 28.13
CA LEU C 241 -34.26 -4.11 29.05
C LEU C 241 -34.34 -2.79 28.29
N ILE C 242 -35.46 -2.08 28.45
CA ILE C 242 -35.65 -0.78 27.83
C ILE C 242 -34.93 0.26 28.67
N GLU C 243 -34.02 1.01 28.05
CA GLU C 243 -33.28 2.07 28.74
C GLU C 243 -34.11 3.34 28.92
N HIS C 244 -34.83 3.73 27.86
CA HIS C 244 -35.70 4.89 27.90
C HIS C 244 -37.06 4.55 27.30
N ARG C 245 -38.05 4.31 28.16
CA ARG C 245 -39.40 4.00 27.72
C ARG C 245 -40.11 5.29 27.30
N THR C 246 -39.88 5.73 26.05
CA THR C 246 -40.50 6.95 25.52
C THR C 246 -41.77 6.65 24.75
N VAL C 247 -42.80 7.47 24.97
CA VAL C 247 -44.12 7.27 24.35
C VAL C 247 -44.76 8.58 23.88
N THR C 248 -45.81 8.44 23.07
CA THR C 248 -46.67 9.56 22.69
C THR C 248 -47.99 9.38 23.42
N ARG C 249 -48.18 10.18 24.47
CA ARG C 249 -49.42 10.21 25.25
C ARG C 249 -50.51 10.98 24.52
N GLY C 264 -35.70 25.81 31.74
CA GLY C 264 -35.08 27.11 31.53
C GLY C 264 -35.74 27.94 30.43
N GLU C 265 -34.97 28.86 29.86
CA GLU C 265 -35.45 29.76 28.79
C GLU C 265 -35.82 29.05 27.47
N GLU C 266 -35.27 27.86 27.26
CA GLU C 266 -35.58 27.00 26.11
C GLU C 266 -35.09 27.58 24.78
N VAL C 267 -33.78 27.81 24.73
CA VAL C 267 -33.05 28.08 23.48
C VAL C 267 -33.01 26.83 22.58
N ARG C 268 -33.05 25.64 23.19
CA ARG C 268 -33.05 24.35 22.48
C ARG C 268 -34.15 24.23 21.41
N GLN C 269 -35.35 24.73 21.73
CA GLN C 269 -36.47 24.73 20.78
C GLN C 269 -36.28 25.70 19.62
N ARG C 270 -35.65 26.86 19.88
CA ARG C 270 -35.31 27.82 18.81
C ARG C 270 -34.30 27.27 17.78
N ILE C 271 -33.35 26.47 18.26
CA ILE C 271 -32.34 25.84 17.40
C ILE C 271 -33.03 24.79 16.51
N ALA C 272 -33.90 23.98 17.13
CA ALA C 272 -34.66 22.94 16.43
C ALA C 272 -35.58 23.48 15.34
N ARG C 273 -36.33 24.52 15.66
CA ARG C 273 -37.28 25.10 14.70
C ARG C 273 -36.62 25.72 13.47
N ARG C 274 -35.39 26.23 13.62
CA ARG C 274 -34.62 26.70 12.46
C ARG C 274 -34.12 25.53 11.61
N ALA C 275 -33.63 24.48 12.27
CA ALA C 275 -33.07 23.31 11.59
C ALA C 275 -34.11 22.50 10.81
N ALA C 276 -35.38 22.56 11.21
CA ALA C 276 -36.46 21.90 10.49
C ALA C 276 -36.72 22.49 9.10
N LEU C 277 -36.33 23.74 8.89
CA LEU C 277 -36.40 24.39 7.59
C LEU C 277 -35.32 23.88 6.61
N GLU C 278 -34.32 23.14 7.11
CA GLU C 278 -33.34 22.43 6.27
C GLU C 278 -33.87 21.17 5.59
N PHE C 279 -35.01 20.66 6.04
CA PHE C 279 -35.65 19.48 5.40
C PHE C 279 -36.30 19.82 4.06
N ALA C 280 -36.46 18.79 3.24
CA ALA C 280 -37.06 18.94 1.91
C ALA C 280 -37.59 17.61 1.38
N ASN C 281 -38.74 17.67 0.69
CA ASN C 281 -39.38 16.49 0.09
C ASN C 281 -38.39 15.56 -0.64
N GLY C 282 -38.34 14.30 -0.21
CA GLY C 282 -37.46 13.30 -0.81
C GLY C 282 -36.13 13.08 -0.11
N MET C 283 -35.82 13.89 0.91
CA MET C 283 -34.59 13.73 1.68
C MET C 283 -34.65 12.49 2.56
N TYR C 284 -33.58 11.69 2.53
CA TYR C 284 -33.30 10.68 3.54
C TYR C 284 -32.32 11.35 4.49
N VAL C 285 -32.66 11.39 5.78
CA VAL C 285 -31.90 12.18 6.77
C VAL C 285 -31.58 11.40 8.04
N ASN C 286 -30.39 11.64 8.58
CA ASN C 286 -29.98 11.12 9.87
C ASN C 286 -29.92 12.26 10.87
N LEU C 287 -30.49 12.02 12.05
CA LEU C 287 -30.54 13.01 13.11
C LEU C 287 -29.80 12.44 14.32
N GLY C 288 -28.75 13.14 14.75
CA GLY C 288 -27.94 12.72 15.89
C GLY C 288 -28.65 12.90 17.23
N ILE C 289 -28.15 12.21 18.24
CA ILE C 289 -28.68 12.34 19.61
C ILE C 289 -28.61 13.78 20.11
N GLY C 290 -29.73 14.25 20.66
CA GLY C 290 -29.84 15.58 21.25
C GLY C 290 -30.67 16.53 20.42
N ILE C 291 -30.06 17.66 20.06
CA ILE C 291 -30.77 18.78 19.43
C ILE C 291 -31.27 18.46 18.01
N PRO C 292 -30.49 17.70 17.20
CA PRO C 292 -30.93 17.31 15.85
C PRO C 292 -32.24 16.53 15.82
N THR C 293 -32.41 15.60 16.77
CA THR C 293 -33.63 14.77 16.84
C THR C 293 -34.90 15.60 17.05
N GLU C 294 -34.82 16.63 17.90
CA GLU C 294 -35.98 17.48 18.26
C GLU C 294 -36.48 18.36 17.09
N SER C 295 -35.65 18.59 16.06
CA SER C 295 -36.09 19.30 14.85
C SER C 295 -37.12 18.54 14.00
N SER C 296 -37.22 17.22 14.19
CA SER C 296 -38.25 16.42 13.53
C SER C 296 -39.68 16.80 13.93
N ASN C 297 -39.86 17.25 15.19
CA ASN C 297 -41.16 17.75 15.66
C ASN C 297 -41.71 18.91 14.82
N TYR C 298 -40.83 19.79 14.36
CA TYR C 298 -41.21 21.07 13.75
C TYR C 298 -41.07 21.09 12.22
N ILE C 299 -41.30 19.94 11.58
CA ILE C 299 -41.28 19.85 10.11
C ILE C 299 -42.58 20.47 9.58
N PRO C 300 -42.50 21.36 8.56
CA PRO C 300 -43.70 21.84 7.87
C PRO C 300 -44.53 20.70 7.23
N ALA C 301 -45.85 20.77 7.37
CA ALA C 301 -46.76 19.64 7.06
C ALA C 301 -46.60 19.01 5.67
N GLY C 302 -46.23 19.83 4.67
CA GLY C 302 -46.02 19.34 3.30
C GLY C 302 -44.70 18.63 3.02
N VAL C 303 -43.72 18.76 3.92
CA VAL C 303 -42.35 18.26 3.69
C VAL C 303 -42.19 16.81 4.16
N ASN C 304 -42.15 15.88 3.20
CA ASN C 304 -42.02 14.45 3.45
C ASN C 304 -40.55 14.01 3.54
N VAL C 305 -40.11 13.65 4.74
CA VAL C 305 -38.75 13.14 4.97
C VAL C 305 -38.80 11.71 5.50
N VAL C 306 -37.69 11.01 5.30
CA VAL C 306 -37.50 9.65 5.80
C VAL C 306 -36.35 9.71 6.80
N LEU C 307 -36.65 9.44 8.07
CA LEU C 307 -35.62 9.46 9.12
C LEU C 307 -34.89 8.12 9.13
N GLN C 308 -33.56 8.21 9.22
CA GLN C 308 -32.68 7.06 9.26
C GLN C 308 -32.02 6.97 10.63
N SER C 309 -32.26 5.87 11.34
CA SER C 309 -31.53 5.56 12.58
C SER C 309 -30.35 4.63 12.27
N GLU C 310 -29.15 5.05 12.65
CA GLU C 310 -27.90 4.31 12.37
C GLU C 310 -27.86 2.86 12.87
N ASN C 311 -28.66 2.53 13.89
CA ASN C 311 -28.75 1.14 14.39
C ASN C 311 -29.64 0.19 13.55
N GLY C 312 -30.13 0.67 12.40
CA GLY C 312 -30.60 -0.21 11.32
C GLY C 312 -32.05 0.02 10.92
N LEU C 313 -32.36 1.22 10.48
CA LEU C 313 -33.74 1.57 10.14
C LEU C 313 -33.82 2.81 9.25
N ILE C 314 -34.68 2.75 8.23
CA ILE C 314 -35.18 3.96 7.56
C ILE C 314 -36.69 3.98 7.73
N GLY C 315 -37.25 5.17 7.88
CA GLY C 315 -38.68 5.35 8.08
C GLY C 315 -39.05 5.30 9.54
N MET C 316 -38.15 5.82 10.38
CA MET C 316 -38.36 5.94 11.82
C MET C 316 -39.45 6.97 12.08
N GLY C 317 -40.38 6.61 12.96
CA GLY C 317 -41.51 7.48 13.31
C GLY C 317 -41.22 8.25 14.58
N PRO C 318 -42.28 8.86 15.17
CA PRO C 318 -42.17 9.41 16.53
C PRO C 318 -42.28 8.31 17.58
N PHE C 319 -42.30 8.69 18.86
CA PHE C 319 -42.49 7.71 19.94
C PHE C 319 -43.85 7.02 19.74
N PRO C 320 -43.95 5.72 20.06
CA PRO C 320 -45.21 5.01 19.84
C PRO C 320 -46.26 5.30 20.91
N THR C 321 -47.51 4.95 20.64
CA THR C 321 -48.57 4.97 21.65
C THR C 321 -48.27 3.88 22.67
N GLU C 322 -48.78 4.03 23.89
CA GLU C 322 -48.42 3.19 25.04
C GLU C 322 -48.47 1.67 24.78
N ASP C 323 -49.48 1.20 24.06
CA ASP C 323 -49.57 -0.24 23.74
C ASP C 323 -48.58 -0.71 22.66
N LYS C 324 -48.22 0.17 21.73
CA LYS C 324 -47.30 -0.17 20.62
C LYS C 324 -45.79 -0.21 20.97
N VAL C 325 -45.40 0.13 22.21
CA VAL C 325 -43.96 0.20 22.56
C VAL C 325 -43.37 -1.22 22.65
N ASP C 326 -42.15 -1.35 22.14
CA ASP C 326 -41.48 -2.63 21.98
C ASP C 326 -39.98 -2.39 22.10
N ALA C 327 -39.31 -3.26 22.86
CA ALA C 327 -37.90 -3.10 23.17
C ALA C 327 -36.98 -3.26 21.95
N ASP C 328 -37.45 -3.99 20.95
CA ASP C 328 -36.69 -4.22 19.71
C ASP C 328 -36.72 -3.04 18.72
N TRP C 329 -37.64 -2.09 18.93
CA TRP C 329 -37.75 -0.89 18.10
C TRP C 329 -37.25 0.36 18.82
N ILE C 330 -35.93 0.60 18.75
CA ILE C 330 -35.31 1.75 19.39
C ILE C 330 -34.39 2.54 18.45
N ASN C 331 -34.18 3.82 18.78
CA ASN C 331 -33.34 4.74 17.99
C ASN C 331 -31.87 4.75 18.49
N ALA C 332 -31.05 5.67 17.98
CA ALA C 332 -29.66 5.81 18.46
C ALA C 332 -29.54 6.21 19.94
N GLY C 333 -30.49 7.00 20.43
CA GLY C 333 -30.55 7.34 21.87
C GLY C 333 -31.18 6.28 22.77
N LYS C 334 -31.42 5.07 22.24
CA LYS C 334 -32.00 3.93 22.97
C LYS C 334 -33.45 4.13 23.42
N GLN C 335 -34.13 5.09 22.79
CA GLN C 335 -35.51 5.45 23.12
C GLN C 335 -36.41 4.59 22.25
N THR C 336 -37.54 4.16 22.79
CA THR C 336 -38.52 3.36 22.06
C THR C 336 -39.24 4.21 21.02
N ILE C 337 -39.42 3.64 19.83
CA ILE C 337 -39.78 4.41 18.63
C ILE C 337 -40.73 3.62 17.72
N SER C 338 -41.56 4.35 16.96
CA SER C 338 -42.51 3.75 16.01
C SER C 338 -41.91 3.72 14.62
N HIS C 339 -42.66 3.22 13.64
CA HIS C 339 -42.20 3.19 12.25
C HIS C 339 -43.35 3.38 11.25
N LEU C 340 -43.09 4.14 10.20
CA LEU C 340 -44.11 4.54 9.21
C LEU C 340 -44.21 3.54 8.07
N ALA C 341 -45.22 3.76 7.22
CA ALA C 341 -45.41 2.97 6.02
C ALA C 341 -44.16 3.04 5.14
N GLY C 342 -43.69 1.90 4.68
CA GLY C 342 -42.53 1.85 3.80
C GLY C 342 -41.20 2.00 4.51
N SER C 343 -41.16 1.68 5.80
CA SER C 343 -39.91 1.64 6.54
C SER C 343 -39.24 0.29 6.30
N ALA C 344 -37.92 0.24 6.44
CA ALA C 344 -37.16 -0.97 6.14
C ALA C 344 -35.99 -1.18 7.10
N LEU C 345 -35.94 -2.39 7.69
CA LEU C 345 -34.90 -2.75 8.63
C LEU C 345 -33.72 -3.35 7.88
N PHE C 346 -32.54 -3.16 8.46
CA PHE C 346 -31.30 -3.71 7.93
C PHE C 346 -30.23 -3.80 9.03
N ASP C 347 -29.22 -4.63 8.82
CA ASP C 347 -28.13 -4.81 9.79
C ASP C 347 -27.20 -3.61 9.76
N SER C 348 -26.18 -3.64 10.63
CA SER C 348 -25.30 -2.50 10.86
C SER C 348 -24.19 -2.34 9.82
N ALA C 349 -23.73 -3.44 9.24
CA ALA C 349 -22.78 -3.37 8.12
C ALA C 349 -23.43 -2.67 6.92
N THR C 350 -24.69 -3.01 6.65
CA THR C 350 -25.52 -2.35 5.63
C THR C 350 -25.85 -0.90 6.00
N SER C 351 -26.20 -0.64 7.27
CA SER C 351 -26.50 0.73 7.73
C SER C 351 -25.35 1.69 7.50
N PHE C 352 -24.14 1.28 7.85
CA PHE C 352 -22.97 2.13 7.62
C PHE C 352 -22.39 2.03 6.20
N ALA C 353 -22.74 0.98 5.47
CA ALA C 353 -22.58 0.99 4.01
C ALA C 353 -23.47 2.10 3.40
N MET C 354 -24.72 2.16 3.84
CA MET C 354 -25.67 3.21 3.44
C MET C 354 -25.17 4.63 3.78
N ILE C 355 -24.64 4.83 5.00
CA ILE C 355 -24.15 6.16 5.44
C ILE C 355 -22.84 6.51 4.73
N ARG C 356 -21.84 5.63 4.85
CA ARG C 356 -20.52 5.83 4.23
C ARG C 356 -20.57 5.99 2.70
N GLY C 357 -21.58 5.37 2.08
CA GLY C 357 -21.83 5.51 0.65
C GLY C 357 -22.44 6.83 0.18
N GLY C 358 -22.78 7.70 1.13
CA GLY C 358 -23.36 9.01 0.82
C GLY C 358 -24.80 8.94 0.33
N HIS C 359 -25.55 7.95 0.81
CA HIS C 359 -26.96 7.80 0.40
C HIS C 359 -27.91 8.70 1.18
N MET C 360 -27.46 9.18 2.35
CA MET C 360 -28.19 10.21 3.10
C MET C 360 -28.07 11.55 2.41
N ASP C 361 -29.17 12.30 2.37
CA ASP C 361 -29.21 13.64 1.80
C ASP C 361 -28.97 14.74 2.85
N LEU C 362 -29.08 14.41 4.13
CA LEU C 362 -28.75 15.36 5.21
C LEU C 362 -28.42 14.66 6.53
N THR C 363 -27.21 14.90 7.03
CA THR C 363 -26.84 14.52 8.39
C THR C 363 -26.85 15.76 9.26
N MET C 364 -27.52 15.67 10.41
CA MET C 364 -27.46 16.70 11.46
C MET C 364 -26.89 16.08 12.73
N LEU C 365 -26.04 16.86 13.43
CA LEU C 365 -25.32 16.38 14.61
C LEU C 365 -25.24 17.47 15.67
N GLY C 366 -25.10 17.04 16.93
CA GLY C 366 -24.78 17.95 18.03
C GLY C 366 -23.32 18.36 17.99
N ALA C 367 -22.86 19.06 19.03
CA ALA C 367 -21.47 19.49 19.12
C ALA C 367 -21.02 19.85 20.53
N LEU C 368 -19.80 19.44 20.90
CA LEU C 368 -19.06 20.04 22.01
C LEU C 368 -18.33 21.30 21.55
N GLU C 369 -17.77 21.25 20.34
CA GLU C 369 -17.02 22.36 19.76
C GLU C 369 -17.08 22.23 18.23
N VAL C 370 -17.37 23.36 17.55
CA VAL C 370 -17.39 23.43 16.07
C VAL C 370 -16.52 24.60 15.63
N ALA C 371 -15.82 24.46 14.51
CA ALA C 371 -14.83 25.45 14.06
C ALA C 371 -15.24 26.22 12.80
N ALA C 372 -14.57 27.37 12.61
CA ALA C 372 -14.68 28.15 11.36
C ALA C 372 -14.04 27.39 10.20
N ASN C 373 -13.05 26.56 10.50
CA ASN C 373 -12.42 25.66 9.53
C ASN C 373 -13.39 24.71 8.83
N GLY C 374 -14.45 24.31 9.54
CA GLY C 374 -15.34 23.23 9.12
C GLY C 374 -15.17 21.98 9.98
N ASP C 375 -14.25 22.02 10.95
CA ASP C 375 -14.03 20.92 11.89
C ASP C 375 -15.19 20.81 12.88
N LEU C 376 -15.41 19.58 13.34
CA LEU C 376 -16.39 19.28 14.38
C LEU C 376 -15.70 18.43 15.44
N ALA C 377 -16.00 18.71 16.71
CA ALA C 377 -15.54 17.90 17.83
C ALA C 377 -16.75 17.57 18.68
N ASN C 378 -17.21 16.32 18.63
CA ASN C 378 -18.41 15.92 19.36
C ASN C 378 -18.40 14.50 19.93
N PHE C 379 -17.22 14.02 20.32
CA PHE C 379 -17.12 12.69 20.94
C PHE C 379 -16.22 12.56 22.18
N MET C 380 -15.41 13.58 22.49
CA MET C 380 -14.42 13.47 23.57
C MET C 380 -13.91 14.82 24.08
N ILE C 381 -13.77 14.91 25.40
CA ILE C 381 -12.90 15.87 26.07
C ILE C 381 -12.10 14.99 27.05
N PRO C 382 -10.76 14.85 26.84
CA PRO C 382 -9.91 13.99 27.68
C PRO C 382 -10.08 14.18 29.19
N GLY C 383 -10.35 13.07 29.88
CA GLY C 383 -10.53 13.07 31.34
C GLY C 383 -11.98 13.00 31.79
N LYS C 384 -12.81 13.91 31.26
CA LYS C 384 -14.16 14.17 31.81
C LYS C 384 -15.30 13.40 31.13
N LEU C 385 -15.46 13.61 29.82
CA LEU C 385 -16.51 12.97 29.03
C LEU C 385 -15.88 12.12 27.93
N VAL C 386 -15.71 10.82 28.20
CA VAL C 386 -15.02 9.89 27.31
C VAL C 386 -15.95 8.74 26.92
N LYS C 387 -16.79 8.98 25.91
CA LYS C 387 -17.83 8.03 25.47
C LYS C 387 -17.57 7.33 24.11
N GLY C 388 -16.74 7.93 23.25
CA GLY C 388 -16.42 7.37 21.93
C GLY C 388 -17.25 7.95 20.80
N PRO C 389 -16.84 7.70 19.54
CA PRO C 389 -17.44 8.34 18.36
C PRO C 389 -18.93 8.03 18.13
N GLY C 390 -19.38 6.84 18.50
CA GLY C 390 -20.71 6.35 18.10
C GLY C 390 -20.68 6.16 16.60
N GLY C 391 -21.72 6.63 15.92
CA GLY C 391 -21.75 6.66 14.45
C GLY C 391 -21.23 7.96 13.84
N ALA C 392 -20.75 8.89 14.68
CA ALA C 392 -20.47 10.27 14.27
C ALA C 392 -19.39 10.38 13.20
N MET C 393 -18.24 9.75 13.45
CA MET C 393 -17.09 9.82 12.53
C MET C 393 -17.42 9.31 11.12
N ASP C 394 -18.28 8.28 11.04
CA ASP C 394 -18.77 7.81 9.74
C ASP C 394 -19.66 8.87 9.08
N LEU C 395 -20.59 9.41 9.87
CA LEU C 395 -21.57 10.39 9.39
C LEU C 395 -21.00 11.75 8.90
N VAL C 396 -19.78 12.08 9.29
CA VAL C 396 -19.11 13.31 8.82
C VAL C 396 -18.08 13.11 7.71
N SER C 397 -17.68 11.85 7.48
CA SER C 397 -16.64 11.51 6.49
C SER C 397 -17.19 11.06 5.12
N CYS C 398 -18.50 10.88 5.01
CA CYS C 398 -19.14 10.65 3.71
C CYS C 398 -19.29 11.98 2.96
N GLY C 399 -19.82 11.93 1.74
CA GLY C 399 -20.12 13.15 0.99
C GLY C 399 -21.20 14.02 1.62
N THR C 400 -22.15 13.38 2.32
CA THR C 400 -23.38 14.01 2.81
C THR C 400 -23.21 15.34 3.55
N ARG C 401 -24.21 16.20 3.39
CA ARG C 401 -24.22 17.54 3.96
C ARG C 401 -24.39 17.54 5.49
N VAL C 402 -23.32 17.88 6.20
CA VAL C 402 -23.39 18.06 7.66
C VAL C 402 -23.96 19.44 7.99
N VAL C 403 -24.95 19.46 8.87
CA VAL C 403 -25.46 20.69 9.45
C VAL C 403 -25.46 20.55 10.97
N VAL C 404 -24.53 21.24 11.62
CA VAL C 404 -24.38 21.17 13.08
C VAL C 404 -25.48 22.01 13.76
N THR C 405 -26.03 21.47 14.85
CA THR C 405 -26.96 22.21 15.71
C THR C 405 -26.43 22.21 17.16
N THR C 406 -26.26 23.41 17.72
CA THR C 406 -25.65 23.59 19.03
C THR C 406 -26.10 24.90 19.67
N THR C 407 -25.89 25.01 20.98
CA THR C 407 -25.98 26.29 21.69
C THR C 407 -24.75 27.11 21.31
N HIS C 408 -24.84 28.44 21.43
CA HIS C 408 -23.77 29.35 20.98
C HIS C 408 -22.58 29.35 21.95
N CYS C 409 -22.89 29.23 23.24
CA CYS C 409 -21.89 29.03 24.28
C CYS C 409 -22.16 27.72 25.01
N ASN C 410 -21.28 27.38 25.94
CA ASN C 410 -21.48 26.25 26.86
C ASN C 410 -21.59 26.75 28.30
N LYS C 411 -21.83 25.83 29.23
CA LYS C 411 -21.82 26.13 30.66
C LYS C 411 -20.45 26.70 31.05
N ASN C 412 -20.46 27.76 31.86
CA ASN C 412 -19.31 28.64 32.09
C ASN C 412 -19.05 29.60 30.92
N GLY C 413 -20.07 29.85 30.11
CA GLY C 413 -20.11 30.95 29.14
C GLY C 413 -19.08 31.02 28.02
N ASP C 414 -18.34 29.92 27.78
CA ASP C 414 -17.27 29.94 26.78
C ASP C 414 -17.82 29.74 25.36
N PRO C 415 -17.10 30.26 24.34
CA PRO C 415 -17.56 30.18 22.95
C PRO C 415 -17.49 28.76 22.33
N LYS C 416 -18.63 28.21 21.93
CA LYS C 416 -18.69 26.88 21.28
C LYS C 416 -18.31 26.92 19.79
N ILE C 417 -18.40 28.08 19.16
CA ILE C 417 -17.82 28.29 17.84
C ILE C 417 -16.43 28.86 18.09
N VAL C 418 -15.42 28.32 17.41
CA VAL C 418 -14.00 28.64 17.69
C VAL C 418 -13.19 28.86 16.41
N GLU C 419 -11.93 29.26 16.59
CA GLU C 419 -10.97 29.40 15.48
C GLU C 419 -10.58 28.00 14.98
N ARG C 420 -10.08 27.18 15.91
CA ARG C 420 -9.83 25.77 15.67
C ARG C 420 -10.17 25.00 16.95
N CYS C 421 -10.48 23.72 16.81
CA CYS C 421 -10.91 22.90 17.93
C CYS C 421 -9.73 22.53 18.85
N ARG C 422 -9.87 22.83 20.13
CA ARG C 422 -8.94 22.37 21.17
C ARG C 422 -9.27 20.93 21.57
N LEU C 423 -10.55 20.57 21.53
CA LEU C 423 -10.99 19.20 21.78
C LEU C 423 -10.68 18.29 20.59
N PRO C 424 -10.46 16.97 20.83
CA PRO C 424 -10.25 16.01 19.74
C PRO C 424 -11.40 15.97 18.73
N VAL C 425 -11.07 16.25 17.47
CA VAL C 425 -12.07 16.35 16.40
C VAL C 425 -12.68 15.02 15.96
N THR C 426 -13.97 15.08 15.59
CA THR C 426 -14.69 13.96 14.98
C THR C 426 -14.37 13.85 13.50
N GLY C 427 -14.25 14.99 12.82
CA GLY C 427 -13.95 15.02 11.40
C GLY C 427 -13.31 16.32 10.95
N LYS C 428 -12.61 16.26 9.84
CA LYS C 428 -11.86 17.37 9.30
C LYS C 428 -12.60 17.96 8.11
N HIS C 429 -12.80 19.28 8.09
CA HIS C 429 -13.43 20.00 6.97
C HIS C 429 -14.77 19.37 6.54
N CYS C 430 -15.63 19.13 7.52
CA CYS C 430 -16.89 18.39 7.30
C CYS C 430 -18.17 19.24 7.42
N VAL C 431 -18.16 20.28 8.26
CA VAL C 431 -19.36 21.08 8.53
C VAL C 431 -19.66 22.06 7.38
N CYS C 432 -20.92 22.08 6.94
CA CYS C 432 -21.40 23.03 5.93
C CYS C 432 -22.23 24.18 6.52
N ARG C 433 -22.98 23.91 7.60
CA ARG C 433 -23.82 24.93 8.23
C ARG C 433 -23.88 24.70 9.75
N ILE C 434 -23.71 25.78 10.52
CA ILE C 434 -23.91 25.77 11.97
C ILE C 434 -25.22 26.52 12.26
N ILE C 435 -26.07 25.96 13.12
CA ILE C 435 -27.33 26.60 13.51
C ILE C 435 -27.36 26.76 15.02
N THR C 436 -27.56 28.01 15.47
CA THR C 436 -27.72 28.32 16.90
C THR C 436 -28.96 29.17 17.14
N GLU C 437 -29.30 29.32 18.42
CA GLU C 437 -30.39 30.20 18.86
C GLU C 437 -30.14 31.67 18.48
N TYR C 438 -28.88 32.11 18.53
CA TYR C 438 -28.50 33.49 18.16
C TYR C 438 -28.37 33.66 16.65
N ALA C 439 -27.68 32.74 15.99
CA ALA C 439 -27.36 32.89 14.56
C ALA C 439 -27.11 31.57 13.83
N VAL C 440 -27.16 31.65 12.50
CA VAL C 440 -26.83 30.55 11.60
C VAL C 440 -25.64 30.99 10.76
N PHE C 441 -24.65 30.11 10.64
CA PHE C 441 -23.44 30.38 9.85
C PHE C 441 -23.31 29.41 8.68
N ASP C 442 -22.41 29.72 7.76
CA ASP C 442 -22.01 28.83 6.67
C ASP C 442 -20.49 28.73 6.62
N VAL C 443 -19.99 27.55 6.27
CA VAL C 443 -18.57 27.33 6.06
C VAL C 443 -18.30 27.36 4.56
N VAL C 444 -17.52 28.34 4.11
CA VAL C 444 -17.17 28.54 2.70
C VAL C 444 -15.65 28.56 2.54
N ASP C 445 -15.13 27.61 1.75
CA ASP C 445 -13.69 27.53 1.38
C ASP C 445 -12.67 27.30 2.53
N GLY C 446 -13.14 27.22 3.78
CA GLY C 446 -12.25 27.18 4.95
C GLY C 446 -12.42 28.26 6.00
N ARG C 447 -13.45 29.11 5.88
CA ARG C 447 -13.79 30.07 6.95
C ARG C 447 -15.29 30.43 6.96
N LEU C 448 -15.71 31.15 8.00
CA LEU C 448 -17.13 31.24 8.38
C LEU C 448 -17.88 32.44 7.76
N VAL C 449 -19.17 32.23 7.45
CA VAL C 449 -20.04 33.25 6.83
C VAL C 449 -21.34 33.38 7.62
N LEU C 450 -21.56 34.53 8.26
CA LEU C 450 -22.80 34.78 9.01
C LEU C 450 -23.95 34.96 8.01
N LYS C 451 -24.97 34.12 8.11
CA LYS C 451 -26.11 34.13 7.18
C LYS C 451 -27.36 34.75 7.80
N GLU C 452 -27.72 34.31 9.01
CA GLU C 452 -28.96 34.74 9.68
C GLU C 452 -28.74 35.07 11.16
N ILE C 453 -29.65 35.89 11.70
CA ILE C 453 -29.65 36.26 13.12
C ILE C 453 -31.07 36.28 13.68
N ALA C 454 -31.27 35.72 14.87
CA ALA C 454 -32.60 35.58 15.47
C ALA C 454 -33.08 36.88 16.08
N GLU C 455 -34.41 36.98 16.28
CA GLU C 455 -35.07 38.18 16.78
C GLU C 455 -34.69 39.36 15.87
N ASP C 456 -34.32 40.50 16.44
CA ASP C 456 -33.51 41.48 15.72
C ASP C 456 -32.27 41.77 16.60
N THR C 457 -31.61 40.67 17.02
CA THR C 457 -30.51 40.73 17.99
C THR C 457 -29.28 41.42 17.40
N THR C 458 -28.58 42.15 18.27
CA THR C 458 -27.40 42.94 17.90
C THR C 458 -26.33 42.12 17.17
N VAL C 459 -25.69 42.75 16.18
CA VAL C 459 -24.66 42.11 15.36
C VAL C 459 -23.31 42.13 16.06
N ASP C 460 -23.00 43.24 16.74
CA ASP C 460 -21.76 43.38 17.53
C ASP C 460 -21.88 42.81 18.96
N GLN C 461 -23.00 42.16 19.28
CA GLN C 461 -23.13 41.31 20.47
C GLN C 461 -22.67 39.90 20.13
N VAL C 462 -23.20 39.35 19.03
CA VAL C 462 -22.85 38.01 18.58
C VAL C 462 -21.37 37.84 18.19
N LYS C 463 -20.73 38.90 17.69
CA LYS C 463 -19.32 38.84 17.24
C LYS C 463 -18.33 38.33 18.30
N LYS C 464 -18.30 38.98 19.46
CA LYS C 464 -17.43 38.57 20.57
C LYS C 464 -18.07 37.54 21.52
N LEU C 465 -19.36 37.24 21.32
CA LEU C 465 -20.02 36.09 21.96
C LEU C 465 -19.84 34.81 21.11
N THR C 466 -19.52 34.97 19.81
CA THR C 466 -19.24 33.85 18.90
C THR C 466 -17.90 33.17 19.20
N GLY C 467 -16.78 33.82 18.87
CA GLY C 467 -15.45 33.24 19.08
C GLY C 467 -14.39 33.66 18.08
N VAL C 468 -14.80 33.85 16.82
CA VAL C 468 -13.90 34.33 15.76
C VAL C 468 -14.60 35.33 14.84
N GLY C 469 -13.80 35.97 14.00
CA GLY C 469 -14.31 36.88 12.97
C GLY C 469 -14.95 36.10 11.83
N PHE C 470 -15.72 36.80 11.02
CA PHE C 470 -16.45 36.18 9.91
C PHE C 470 -16.98 37.21 8.90
N ASP C 471 -17.35 36.70 7.73
CA ASP C 471 -18.09 37.48 6.72
C ASP C 471 -19.48 37.79 7.27
N ALA C 472 -19.95 39.02 7.01
CA ALA C 472 -21.25 39.46 7.50
C ALA C 472 -21.87 40.53 6.59
N ASP C 473 -21.80 40.32 5.27
CA ASP C 473 -22.28 41.28 4.28
C ASP C 473 -23.78 41.09 4.04
N ASN C 474 -24.15 39.88 3.60
CA ASN C 474 -25.54 39.55 3.23
C ASN C 474 -26.26 38.83 4.38
N VAL C 475 -26.81 39.62 5.31
CA VAL C 475 -27.41 39.09 6.54
C VAL C 475 -28.89 39.45 6.69
N ILE C 476 -29.76 38.43 6.61
CA ILE C 476 -31.20 38.57 6.89
C ILE C 476 -31.50 38.13 8.33
N THR C 477 -32.74 38.31 8.76
CA THR C 477 -33.20 37.77 10.06
C THR C 477 -33.52 36.28 9.92
N MET C 478 -33.48 35.57 11.04
CA MET C 478 -33.65 34.12 11.05
C MET C 478 -35.13 33.76 11.13
N PRO C 479 -35.64 32.91 10.20
CA PRO C 479 -37.00 32.37 10.29
C PRO C 479 -37.08 31.06 11.09
N LEU C 480 -38.18 30.88 11.81
CA LEU C 480 -38.47 29.66 12.55
C LEU C 480 -39.71 29.00 11.97
N ALA C 481 -39.79 27.68 12.12
CA ALA C 481 -40.90 26.90 11.57
C ALA C 481 -42.19 27.12 12.38
N PRO C 482 -43.36 26.94 11.73
CA PRO C 482 -44.61 26.92 12.50
C PRO C 482 -44.77 25.65 13.35
N LEU D 3 -42.80 8.31 0.05
CA LEU D 3 -42.20 8.46 -1.31
C LEU D 3 -42.96 7.62 -2.36
N ASP D 4 -42.97 8.12 -3.59
CA ASP D 4 -43.52 7.40 -4.75
C ASP D 4 -42.59 7.59 -5.94
N LYS D 5 -41.98 6.50 -6.38
CA LYS D 5 -41.00 6.53 -7.47
C LYS D 5 -41.49 5.74 -8.70
N VAL D 6 -42.76 5.37 -8.70
CA VAL D 6 -43.37 4.63 -9.82
C VAL D 6 -43.37 5.49 -11.10
N MET D 7 -43.13 4.83 -12.22
CA MET D 7 -42.83 5.48 -13.48
C MET D 7 -43.20 4.54 -14.61
N SER D 8 -43.33 5.07 -15.82
CA SER D 8 -43.46 4.24 -17.02
C SER D 8 -42.11 3.62 -17.36
N LEU D 9 -42.15 2.50 -18.08
CA LEU D 9 -40.94 1.79 -18.53
C LEU D 9 -40.02 2.72 -19.35
N SER D 10 -40.61 3.46 -20.28
CA SER D 10 -39.87 4.42 -21.13
C SER D 10 -39.29 5.60 -20.37
N SER D 11 -40.12 6.23 -19.52
CA SER D 11 -39.74 7.42 -18.75
C SER D 11 -38.51 7.22 -17.88
N ALA D 12 -38.40 6.06 -17.24
CA ALA D 12 -37.26 5.76 -16.38
C ALA D 12 -35.95 5.60 -17.17
N VAL D 13 -36.03 4.89 -18.29
CA VAL D 13 -34.88 4.55 -19.13
C VAL D 13 -34.39 5.74 -19.99
N GLN D 14 -35.27 6.70 -20.27
CA GLN D 14 -34.97 7.79 -21.24
C GLN D 14 -33.70 8.62 -20.95
N ASP D 15 -33.30 8.70 -19.68
CA ASP D 15 -32.09 9.47 -19.31
C ASP D 15 -30.78 8.83 -19.75
N ILE D 16 -30.80 7.55 -20.13
CA ILE D 16 -29.57 6.82 -20.47
C ILE D 16 -28.99 7.32 -21.80
N LYS D 17 -27.87 8.03 -21.72
CA LYS D 17 -27.18 8.58 -22.90
C LYS D 17 -26.13 7.60 -23.42
N ASN D 18 -25.53 7.93 -24.57
CA ASN D 18 -24.48 7.10 -25.18
C ASN D 18 -23.20 7.14 -24.35
N GLY D 19 -22.55 5.98 -24.23
CA GLY D 19 -21.38 5.83 -23.35
C GLY D 19 -21.68 5.55 -21.88
N ALA D 20 -22.96 5.39 -21.53
CA ALA D 20 -23.38 5.19 -20.13
C ALA D 20 -22.84 3.89 -19.56
N THR D 21 -22.42 3.94 -18.30
CA THR D 21 -22.02 2.76 -17.56
C THR D 21 -23.23 2.21 -16.81
N LEU D 22 -23.50 0.92 -16.98
CA LEU D 22 -24.59 0.25 -16.27
C LEU D 22 -24.02 -0.82 -15.35
N ALA D 23 -24.73 -1.07 -14.26
CA ALA D 23 -24.64 -2.33 -13.53
C ALA D 23 -26.00 -2.99 -13.71
N VAL D 24 -26.02 -4.31 -13.91
CA VAL D 24 -27.26 -5.03 -14.16
C VAL D 24 -27.31 -6.31 -13.33
N GLY D 25 -28.40 -6.50 -12.59
CA GLY D 25 -28.58 -7.69 -11.79
C GLY D 25 -28.86 -8.93 -12.61
N GLY D 26 -28.99 -10.06 -11.93
CA GLY D 26 -29.35 -11.33 -12.55
C GLY D 26 -28.21 -12.32 -12.66
N PHE D 27 -28.53 -13.58 -12.42
CA PHE D 27 -27.64 -14.70 -12.61
C PHE D 27 -28.30 -15.57 -13.68
N GLY D 28 -27.63 -15.76 -14.82
CA GLY D 28 -28.26 -16.37 -15.98
C GLY D 28 -29.43 -15.50 -16.37
N THR D 29 -30.62 -16.08 -16.40
CA THR D 29 -31.87 -15.35 -16.64
C THR D 29 -32.65 -15.04 -15.35
N GLY D 30 -32.45 -15.85 -14.30
CA GLY D 30 -33.07 -15.60 -13.00
C GLY D 30 -32.56 -14.29 -12.43
N GLY D 31 -33.48 -13.36 -12.17
CA GLY D 31 -33.14 -12.01 -11.69
C GLY D 31 -32.69 -11.02 -12.76
N MET D 32 -32.81 -11.39 -14.04
CA MET D 32 -32.32 -10.60 -15.16
C MET D 32 -33.45 -9.69 -15.70
N PRO D 33 -33.28 -8.35 -15.59
CA PRO D 33 -34.38 -7.45 -15.98
C PRO D 33 -34.59 -7.33 -17.50
N HIS D 34 -35.27 -8.32 -18.06
CA HIS D 34 -35.55 -8.41 -19.51
C HIS D 34 -36.42 -7.26 -20.07
N ALA D 35 -37.43 -6.86 -19.30
CA ALA D 35 -38.34 -5.79 -19.71
C ALA D 35 -37.62 -4.45 -19.88
N ILE D 36 -36.71 -4.14 -18.96
CA ILE D 36 -35.93 -2.89 -19.02
C ILE D 36 -34.87 -2.95 -20.12
N MET D 37 -34.19 -4.09 -20.25
CA MET D 37 -33.20 -4.28 -21.32
C MET D 37 -33.84 -4.12 -22.69
N GLN D 38 -35.01 -4.75 -22.87
CA GLN D 38 -35.79 -4.60 -24.13
C GLN D 38 -36.14 -3.14 -24.45
N GLU D 39 -36.41 -2.35 -23.42
CA GLU D 39 -36.67 -0.92 -23.57
C GLU D 39 -35.42 -0.16 -23.99
N ILE D 40 -34.27 -0.52 -23.46
CA ILE D 40 -32.98 0.08 -23.86
C ILE D 40 -32.68 -0.23 -25.34
N LYS D 41 -33.08 -1.43 -25.80
CA LYS D 41 -33.01 -1.77 -27.24
C LYS D 41 -33.88 -0.84 -28.08
N LYS D 42 -35.13 -0.63 -27.68
CA LYS D 42 -36.11 0.15 -28.45
C LYS D 42 -35.68 1.61 -28.65
N MET D 43 -35.23 2.27 -27.59
CA MET D 43 -34.72 3.65 -27.70
C MET D 43 -33.22 3.72 -28.04
N GLY D 44 -32.59 2.55 -28.20
CA GLY D 44 -31.39 2.38 -29.04
C GLY D 44 -30.08 3.05 -28.64
N VAL D 45 -29.73 3.01 -27.35
CA VAL D 45 -28.52 3.68 -26.85
C VAL D 45 -27.30 2.95 -27.40
N ARG D 46 -26.23 3.71 -27.66
CA ARG D 46 -25.01 3.20 -28.28
C ARG D 46 -23.87 3.17 -27.26
N ASP D 47 -22.91 2.28 -27.52
CA ASP D 47 -21.60 2.24 -26.83
C ASP D 47 -21.69 2.13 -25.30
N LEU D 48 -22.52 1.19 -24.85
CA LEU D 48 -22.74 0.99 -23.41
C LEU D 48 -21.58 0.22 -22.78
N ILE D 49 -21.35 0.48 -21.50
CA ILE D 49 -20.44 -0.30 -20.67
C ILE D 49 -21.30 -0.98 -19.60
N ILE D 50 -21.23 -2.30 -19.49
CA ILE D 50 -22.10 -3.05 -18.60
C ILE D 50 -21.28 -3.95 -17.70
N TYR D 51 -21.49 -3.81 -16.39
CA TYR D 51 -20.98 -4.76 -15.41
C TYR D 51 -22.14 -5.66 -15.00
N SER D 52 -21.96 -6.97 -15.14
CA SER D 52 -22.97 -7.93 -14.69
C SER D 52 -22.39 -9.32 -14.59
N ASP D 53 -23.03 -10.18 -13.80
CA ASP D 53 -22.54 -11.55 -13.57
C ASP D 53 -22.28 -12.27 -14.89
N GLY D 54 -23.24 -12.17 -15.80
CA GLY D 54 -23.07 -12.60 -17.19
C GLY D 54 -23.72 -11.61 -18.13
N ALA D 55 -23.87 -11.99 -19.40
CA ALA D 55 -24.48 -11.12 -20.41
C ALA D 55 -25.84 -11.65 -20.89
N GLY D 56 -26.62 -12.19 -19.96
CA GLY D 56 -27.91 -12.77 -20.30
C GLY D 56 -27.75 -13.94 -21.26
N VAL D 57 -28.68 -14.04 -22.22
CA VAL D 57 -28.74 -15.17 -23.15
C VAL D 57 -29.20 -14.65 -24.52
N ASP D 58 -29.01 -15.46 -25.56
CA ASP D 58 -29.49 -15.15 -26.92
C ASP D 58 -31.00 -14.83 -26.90
N GLY D 59 -31.34 -13.58 -27.21
CA GLY D 59 -32.72 -13.11 -27.17
C GLY D 59 -33.34 -12.97 -25.78
N TYR D 60 -32.51 -12.74 -24.75
CA TYR D 60 -33.00 -12.51 -23.39
C TYR D 60 -32.00 -11.72 -22.52
N GLY D 61 -32.52 -10.91 -21.62
CA GLY D 61 -31.72 -10.04 -20.77
C GLY D 61 -30.81 -9.07 -21.49
N ILE D 62 -29.56 -8.98 -21.02
CA ILE D 62 -28.54 -8.12 -21.62
C ILE D 62 -28.18 -8.59 -23.05
N GLY D 63 -28.37 -9.87 -23.32
CA GLY D 63 -28.11 -10.45 -24.64
C GLY D 63 -28.84 -9.81 -25.80
N VAL D 64 -30.02 -9.25 -25.54
CA VAL D 64 -30.82 -8.63 -26.60
C VAL D 64 -30.18 -7.34 -27.16
N LEU D 65 -29.25 -6.74 -26.41
CA LEU D 65 -28.54 -5.52 -26.81
C LEU D 65 -27.33 -5.74 -27.70
N PHE D 66 -26.94 -6.98 -27.95
CA PHE D 66 -25.85 -7.28 -28.89
C PHE D 66 -26.30 -7.22 -30.36
N GLU D 67 -27.60 -7.38 -30.60
CA GLU D 67 -28.18 -7.46 -31.96
C GLU D 67 -27.90 -6.23 -32.82
N ASN D 68 -28.14 -5.04 -32.26
CA ASN D 68 -27.82 -3.75 -32.91
C ASN D 68 -26.46 -3.16 -32.49
N LYS D 69 -25.63 -3.98 -31.83
CA LYS D 69 -24.30 -3.59 -31.37
C LYS D 69 -24.31 -2.34 -30.49
N GLN D 70 -25.16 -2.40 -29.47
CA GLN D 70 -25.30 -1.34 -28.48
C GLN D 70 -24.30 -1.44 -27.33
N ILE D 71 -23.57 -2.56 -27.27
CA ILE D 71 -22.60 -2.81 -26.21
C ILE D 71 -21.20 -2.55 -26.75
N ASN D 72 -20.43 -1.78 -25.99
CA ASN D 72 -18.99 -1.61 -26.22
C ASN D 72 -18.21 -2.61 -25.37
N LYS D 73 -18.41 -2.55 -24.04
CA LYS D 73 -17.59 -3.30 -23.06
C LYS D 73 -18.44 -4.04 -22.02
N MET D 74 -18.23 -5.35 -21.91
CA MET D 74 -18.80 -6.16 -20.83
C MET D 74 -17.74 -6.44 -19.76
N ILE D 75 -18.13 -6.30 -18.50
CA ILE D 75 -17.33 -6.75 -17.36
C ILE D 75 -18.13 -7.81 -16.63
N VAL D 76 -17.81 -9.08 -16.91
CA VAL D 76 -18.55 -10.23 -16.37
C VAL D 76 -17.62 -11.24 -15.77
N SER D 77 -18.23 -12.21 -15.08
CA SER D 77 -17.52 -13.41 -14.63
C SER D 77 -17.81 -14.63 -15.48
N TYR D 78 -18.91 -14.65 -16.22
CA TYR D 78 -19.28 -15.84 -16.98
C TYR D 78 -20.14 -15.54 -18.20
N VAL D 79 -19.69 -16.02 -19.36
CA VAL D 79 -20.41 -15.85 -20.62
C VAL D 79 -21.67 -16.71 -20.68
N GLY D 80 -21.54 -17.99 -20.32
CA GLY D 80 -22.65 -18.94 -20.33
C GLY D 80 -23.02 -19.37 -21.74
N ASN D 81 -24.32 -19.42 -22.00
CA ASN D 81 -24.87 -19.86 -23.30
C ASN D 81 -25.32 -18.65 -24.12
N ASN D 82 -24.36 -17.78 -24.43
CA ASN D 82 -24.59 -16.53 -25.16
C ASN D 82 -23.67 -16.47 -26.38
N LYS D 83 -24.15 -16.98 -27.50
CA LYS D 83 -23.36 -17.06 -28.72
C LYS D 83 -23.07 -15.68 -29.33
N ILE D 84 -24.06 -14.78 -29.35
CA ILE D 84 -23.89 -13.41 -29.90
C ILE D 84 -22.68 -12.73 -29.23
N PHE D 85 -22.66 -12.79 -27.90
CA PHE D 85 -21.61 -12.20 -27.06
C PHE D 85 -20.25 -12.82 -27.36
N ALA D 86 -20.22 -14.15 -27.36
CA ALA D 86 -19.01 -14.93 -27.66
C ALA D 86 -18.48 -14.67 -29.08
N ARG D 87 -19.42 -14.58 -30.01
CA ARG D 87 -19.14 -14.26 -31.41
C ARG D 87 -18.53 -12.85 -31.52
N GLN D 88 -19.25 -11.86 -30.98
CA GLN D 88 -18.85 -10.45 -31.10
C GLN D 88 -17.52 -10.10 -30.40
N TYR D 89 -17.27 -10.74 -29.26
CA TYR D 89 -15.98 -10.61 -28.58
C TYR D 89 -14.84 -11.00 -29.53
N LEU D 90 -14.94 -12.19 -30.11
CA LEU D 90 -13.89 -12.74 -30.97
C LEU D 90 -13.75 -11.97 -32.29
N GLU D 91 -14.87 -11.54 -32.85
CA GLU D 91 -14.86 -10.74 -34.09
C GLU D 91 -14.36 -9.30 -33.90
N GLY D 92 -14.32 -8.82 -32.65
CA GLY D 92 -13.76 -7.51 -32.32
C GLY D 92 -14.77 -6.36 -32.25
N ASP D 93 -16.05 -6.70 -32.05
CA ASP D 93 -17.11 -5.72 -31.85
C ASP D 93 -17.28 -5.33 -30.37
N VAL D 94 -17.15 -6.33 -29.48
CA VAL D 94 -17.29 -6.14 -28.04
C VAL D 94 -15.93 -6.32 -27.33
N GLU D 95 -15.67 -5.43 -26.37
CA GLU D 95 -14.58 -5.58 -25.42
C GLU D 95 -15.07 -6.40 -24.22
N LEU D 96 -14.21 -7.24 -23.66
CA LEU D 96 -14.59 -8.16 -22.58
C LEU D 96 -13.48 -8.27 -21.55
N GLU D 97 -13.69 -7.62 -20.41
CA GLU D 97 -12.83 -7.75 -19.22
C GLU D 97 -13.48 -8.79 -18.31
N PHE D 98 -12.75 -9.84 -17.95
CA PHE D 98 -13.25 -10.81 -16.97
C PHE D 98 -13.01 -10.32 -15.54
N CYS D 99 -13.89 -10.72 -14.64
CA CYS D 99 -13.70 -10.49 -13.22
C CYS D 99 -14.27 -11.70 -12.48
N PRO D 100 -13.59 -12.19 -11.43
CA PRO D 100 -14.17 -13.26 -10.62
C PRO D 100 -15.52 -12.84 -10.07
N GLN D 101 -16.50 -13.74 -10.05
CA GLN D 101 -17.85 -13.38 -9.59
C GLN D 101 -17.87 -12.77 -8.18
N GLY D 102 -17.12 -13.36 -7.26
CA GLY D 102 -17.03 -12.84 -5.90
C GLY D 102 -16.40 -11.46 -5.79
N SER D 103 -15.51 -11.12 -6.73
CA SER D 103 -14.93 -9.78 -6.78
C SER D 103 -15.91 -8.80 -7.38
N LEU D 104 -16.59 -9.19 -8.46
CA LEU D 104 -17.57 -8.31 -9.14
C LEU D 104 -18.72 -7.82 -8.24
N ALA D 105 -19.23 -8.74 -7.40
CA ALA D 105 -20.28 -8.42 -6.42
C ALA D 105 -19.78 -7.50 -5.30
N GLU D 106 -18.63 -7.87 -4.71
CA GLU D 106 -18.07 -7.10 -3.60
C GLU D 106 -17.54 -5.72 -4.02
N ARG D 107 -17.11 -5.59 -5.28
CA ARG D 107 -16.74 -4.29 -5.84
C ARG D 107 -17.96 -3.41 -6.10
N MET D 108 -19.10 -4.02 -6.44
CA MET D 108 -20.37 -3.27 -6.54
C MET D 108 -20.84 -2.86 -5.14
N ARG D 109 -20.78 -3.81 -4.21
CA ARG D 109 -21.04 -3.54 -2.80
C ARG D 109 -20.16 -2.39 -2.28
N ALA D 110 -18.88 -2.39 -2.67
CA ALA D 110 -17.89 -1.39 -2.26
C ALA D 110 -18.17 -0.01 -2.84
N GLY D 111 -18.54 0.01 -4.12
CA GLY D 111 -18.99 1.24 -4.79
C GLY D 111 -20.19 1.85 -4.09
N GLY D 112 -21.13 1.00 -3.69
CA GLY D 112 -22.31 1.43 -2.94
C GLY D 112 -22.03 1.80 -1.50
N ALA D 113 -21.12 1.07 -0.85
CA ALA D 113 -20.80 1.25 0.56
C ALA D 113 -19.75 2.32 0.84
N GLY D 114 -19.27 3.00 -0.21
CA GLY D 114 -18.24 4.02 -0.05
C GLY D 114 -16.89 3.46 0.37
N ILE D 115 -16.58 2.24 -0.06
CA ILE D 115 -15.29 1.63 0.19
C ILE D 115 -14.53 1.71 -1.14
N PRO D 116 -13.48 2.55 -1.22
CA PRO D 116 -12.78 2.75 -2.50
C PRO D 116 -12.08 1.51 -3.07
N ALA D 117 -11.58 0.64 -2.19
CA ALA D 117 -10.98 -0.63 -2.58
C ALA D 117 -10.95 -1.62 -1.41
N PHE D 118 -10.67 -2.88 -1.72
CA PHE D 118 -10.49 -3.92 -0.69
C PHE D 118 -9.57 -5.03 -1.20
N TYR D 119 -9.12 -5.87 -0.29
CA TYR D 119 -8.22 -6.97 -0.61
C TYR D 119 -8.92 -8.33 -0.65
N THR D 120 -8.46 -9.20 -1.55
CA THR D 120 -9.06 -10.51 -1.77
C THR D 120 -8.01 -11.51 -2.23
N PRO D 121 -8.01 -12.74 -1.67
CA PRO D 121 -7.05 -13.76 -2.10
C PRO D 121 -7.37 -14.31 -3.49
N THR D 122 -8.63 -14.16 -3.92
CA THR D 122 -9.10 -14.55 -5.24
C THR D 122 -8.22 -14.04 -6.38
N ALA D 123 -8.05 -14.87 -7.41
CA ALA D 123 -7.38 -14.51 -8.65
C ALA D 123 -5.87 -14.25 -8.54
N VAL D 124 -5.29 -14.40 -7.34
CA VAL D 124 -3.85 -14.20 -7.15
C VAL D 124 -3.10 -15.29 -7.91
N GLY D 125 -2.11 -14.87 -8.71
CA GLY D 125 -1.31 -15.77 -9.56
C GLY D 125 -1.91 -16.06 -10.93
N THR D 126 -3.20 -15.80 -11.12
CA THR D 126 -3.87 -16.04 -12.39
C THR D 126 -3.62 -14.87 -13.34
N VAL D 127 -3.96 -15.10 -14.60
CA VAL D 127 -3.87 -14.08 -15.66
C VAL D 127 -4.69 -12.81 -15.36
N LEU D 128 -5.75 -12.93 -14.55
CA LEU D 128 -6.55 -11.78 -14.12
C LEU D 128 -5.83 -10.84 -13.13
N GLN D 129 -4.80 -11.33 -12.44
CA GLN D 129 -3.95 -10.48 -11.61
C GLN D 129 -2.82 -9.91 -12.45
N THR D 130 -2.12 -10.79 -13.18
CA THR D 130 -0.94 -10.39 -13.92
C THR D 130 -1.23 -9.48 -15.12
N GLY D 131 -2.44 -9.57 -15.67
CA GLY D 131 -2.79 -8.91 -16.94
C GLY D 131 -2.50 -9.87 -18.09
N GLY D 132 -2.75 -9.41 -19.32
CA GLY D 132 -2.43 -10.20 -20.51
C GLY D 132 -3.59 -10.95 -21.16
N GLN D 133 -4.73 -11.12 -20.46
CA GLN D 133 -5.93 -11.68 -21.12
C GLN D 133 -6.38 -10.73 -22.24
N ILE D 134 -6.88 -11.30 -23.33
CA ILE D 134 -7.29 -10.52 -24.49
C ILE D 134 -8.66 -9.94 -24.17
N THR D 135 -8.70 -8.64 -23.87
CA THR D 135 -9.95 -7.98 -23.59
C THR D 135 -10.63 -7.50 -24.87
N LYS D 136 -9.87 -7.30 -25.94
CA LYS D 136 -10.46 -6.96 -27.24
C LYS D 136 -9.60 -7.46 -28.39
N TYR D 137 -10.24 -8.14 -29.33
CA TYR D 137 -9.61 -8.47 -30.61
C TYR D 137 -9.86 -7.36 -31.63
N ASP D 138 -8.95 -7.24 -32.60
CA ASP D 138 -9.21 -6.44 -33.81
C ASP D 138 -10.18 -7.21 -34.73
N LYS D 139 -10.39 -6.72 -35.94
CA LYS D 139 -11.36 -7.33 -36.86
C LYS D 139 -10.85 -8.56 -37.64
N ASN D 140 -9.63 -9.04 -37.35
CA ASN D 140 -9.05 -10.21 -38.03
C ASN D 140 -8.52 -11.32 -37.10
N GLY D 141 -8.88 -11.29 -35.81
CA GLY D 141 -8.36 -12.25 -34.84
C GLY D 141 -6.94 -11.96 -34.37
N GLY D 142 -6.56 -10.68 -34.38
CA GLY D 142 -5.30 -10.21 -33.79
C GLY D 142 -5.61 -9.48 -32.49
N VAL D 143 -4.65 -9.45 -31.58
CA VAL D 143 -4.84 -8.86 -30.25
C VAL D 143 -4.83 -7.34 -30.32
N LEU D 144 -5.82 -6.71 -29.70
CA LEU D 144 -5.92 -5.24 -29.62
C LEU D 144 -5.64 -4.73 -28.20
N LYS D 145 -6.35 -5.23 -27.20
CA LYS D 145 -6.18 -4.80 -25.81
C LYS D 145 -6.01 -5.97 -24.83
N GLU D 146 -5.00 -5.85 -23.97
CA GLU D 146 -4.78 -6.79 -22.85
C GLU D 146 -5.37 -6.18 -21.58
N SER D 147 -5.69 -7.02 -20.59
CA SER D 147 -6.25 -6.53 -19.33
C SER D 147 -5.18 -5.88 -18.47
N THR D 148 -5.51 -4.76 -17.82
CA THR D 148 -4.57 -4.07 -16.94
C THR D 148 -4.38 -4.92 -15.68
N PRO D 149 -3.14 -4.98 -15.15
CA PRO D 149 -2.93 -5.80 -13.95
C PRO D 149 -3.59 -5.28 -12.66
N ARG D 150 -3.75 -6.18 -11.70
CA ARG D 150 -4.20 -5.84 -10.36
C ARG D 150 -2.99 -5.69 -9.45
N GLU D 151 -3.09 -4.75 -8.51
CA GLU D 151 -2.06 -4.57 -7.51
C GLU D 151 -2.14 -5.73 -6.54
N THR D 152 -1.05 -5.96 -5.82
CA THR D 152 -0.97 -6.98 -4.80
C THR D 152 -0.39 -6.41 -3.51
N ARG D 153 -0.51 -7.19 -2.44
CA ARG D 153 -0.03 -6.79 -1.12
C ARG D 153 -0.07 -7.99 -0.20
N PHE D 154 0.91 -8.10 0.69
CA PHE D 154 0.95 -9.17 1.69
C PHE D 154 0.22 -8.72 2.95
N PHE D 155 -0.68 -9.58 3.43
CA PHE D 155 -1.30 -9.42 4.75
C PHE D 155 -1.15 -10.73 5.48
N GLY D 156 -0.44 -10.68 6.60
CA GLY D 156 0.03 -11.89 7.25
C GLY D 156 1.06 -12.51 6.33
N GLY D 157 0.94 -13.81 6.12
CA GLY D 157 1.83 -14.54 5.24
C GLY D 157 1.52 -14.37 3.77
N ARG D 158 0.23 -14.38 3.41
CA ARG D 158 -0.19 -14.62 2.01
C ARG D 158 -0.56 -13.35 1.24
N LEU D 159 -0.57 -13.50 -0.08
CA LEU D 159 -0.71 -12.40 -1.04
C LEU D 159 -2.17 -12.20 -1.46
N TYR D 160 -2.57 -10.93 -1.63
CA TYR D 160 -3.96 -10.58 -2.00
C TYR D 160 -3.99 -9.57 -3.14
N CYS D 161 -5.08 -9.60 -3.92
CA CYS D 161 -5.32 -8.62 -4.98
C CYS D 161 -6.08 -7.41 -4.45
N LEU D 162 -5.69 -6.21 -4.85
CA LEU D 162 -6.48 -5.01 -4.58
C LEU D 162 -7.51 -4.82 -5.69
N GLU D 163 -8.78 -4.81 -5.31
CA GLU D 163 -9.90 -4.66 -6.24
C GLU D 163 -10.49 -3.27 -6.03
N ASN D 164 -10.72 -2.55 -7.13
CA ASN D 164 -11.27 -1.19 -7.06
C ASN D 164 -12.79 -1.21 -7.06
N ALA D 165 -13.38 -0.24 -6.37
CA ALA D 165 -14.83 -0.09 -6.36
C ALA D 165 -15.34 0.16 -7.77
N ILE D 166 -16.58 -0.27 -8.03
CA ILE D 166 -17.28 0.07 -9.27
C ILE D 166 -18.58 0.80 -8.91
N LYS D 167 -18.68 2.05 -9.35
CA LYS D 167 -19.86 2.89 -9.23
C LYS D 167 -20.28 3.22 -10.64
N THR D 168 -21.54 2.97 -10.98
CA THR D 168 -22.04 3.12 -12.34
C THR D 168 -22.95 4.33 -12.49
N ASP D 169 -23.22 4.73 -13.73
CA ASP D 169 -24.21 5.78 -14.01
C ASP D 169 -25.61 5.26 -13.71
N PHE D 170 -25.88 4.03 -14.16
CA PHE D 170 -27.16 3.38 -13.91
C PHE D 170 -27.00 2.01 -13.26
N SER D 171 -28.09 1.56 -12.65
CA SER D 171 -28.18 0.22 -12.13
C SER D 171 -29.59 -0.29 -12.39
N ILE D 172 -29.68 -1.44 -13.06
CA ILE D 172 -30.95 -2.06 -13.40
C ILE D 172 -31.09 -3.32 -12.53
N VAL D 173 -32.19 -3.41 -11.79
CA VAL D 173 -32.46 -4.58 -10.97
C VAL D 173 -33.85 -5.11 -11.23
N LYS D 174 -34.04 -6.39 -10.93
CA LYS D 174 -35.35 -7.05 -11.02
C LYS D 174 -35.63 -7.72 -9.70
N ALA D 175 -36.88 -7.59 -9.26
CA ALA D 175 -37.37 -8.24 -8.04
C ALA D 175 -38.80 -8.69 -8.23
N TRP D 176 -39.24 -9.56 -7.34
CA TRP D 176 -40.59 -10.14 -7.35
C TRP D 176 -41.62 -9.15 -6.81
N LYS D 177 -41.26 -8.43 -5.76
CA LYS D 177 -42.18 -7.52 -5.07
C LYS D 177 -41.50 -6.19 -4.78
N GLY D 178 -42.28 -5.11 -4.80
CA GLY D 178 -41.81 -3.81 -4.39
C GLY D 178 -42.95 -2.85 -4.07
N ASP D 179 -42.64 -1.83 -3.28
CA ASP D 179 -43.61 -0.75 -3.00
C ASP D 179 -43.22 0.55 -3.73
N ARG D 180 -44.08 1.57 -3.65
CA ARG D 180 -43.89 2.81 -4.38
C ARG D 180 -42.67 3.61 -3.93
N CYS D 181 -42.32 3.51 -2.64
CA CYS D 181 -41.15 4.21 -2.11
C CYS D 181 -39.83 3.47 -2.37
N GLY D 182 -39.90 2.28 -2.96
CA GLY D 182 -38.73 1.60 -3.54
C GLY D 182 -38.20 0.36 -2.83
N ASN D 183 -38.81 -0.06 -1.73
CA ASN D 183 -38.38 -1.28 -1.02
C ASN D 183 -38.62 -2.48 -1.92
N LEU D 184 -37.65 -3.40 -1.95
CA LEU D 184 -37.70 -4.57 -2.84
C LEU D 184 -37.57 -5.87 -2.07
N VAL D 185 -38.21 -6.90 -2.60
CA VAL D 185 -38.13 -8.26 -2.10
C VAL D 185 -38.03 -9.16 -3.31
N PHE D 186 -37.08 -10.08 -3.26
CA PHE D 186 -36.78 -10.99 -4.34
C PHE D 186 -37.27 -12.36 -3.91
N ARG D 187 -37.37 -13.29 -4.85
CA ARG D 187 -37.70 -14.67 -4.55
C ARG D 187 -36.61 -15.58 -5.09
N GLY D 188 -36.36 -16.67 -4.36
CA GLY D 188 -35.41 -17.71 -4.77
C GLY D 188 -34.02 -17.19 -5.05
N THR D 189 -33.31 -17.88 -5.93
CA THR D 189 -31.99 -17.46 -6.39
C THR D 189 -32.04 -16.26 -7.39
N ALA D 190 -33.23 -15.80 -7.75
CA ALA D 190 -33.39 -14.55 -8.51
C ALA D 190 -33.03 -13.25 -7.73
N ARG D 191 -32.52 -13.36 -6.50
CA ARG D 191 -31.94 -12.22 -5.79
C ARG D 191 -30.54 -11.96 -6.35
N ASN D 192 -29.62 -12.89 -6.06
CA ASN D 192 -28.20 -12.81 -6.48
C ASN D 192 -27.64 -11.37 -6.54
N PHE D 193 -27.26 -10.86 -7.73
CA PHE D 193 -26.58 -9.57 -7.87
C PHE D 193 -27.48 -8.34 -7.71
N ASN D 194 -28.80 -8.53 -7.67
CA ASN D 194 -29.70 -7.39 -7.55
C ASN D 194 -29.50 -6.53 -6.30
N VAL D 195 -29.05 -7.15 -5.21
CA VAL D 195 -28.74 -6.41 -4.01
C VAL D 195 -27.50 -5.51 -4.23
N PRO D 196 -26.31 -6.10 -4.50
CA PRO D 196 -25.13 -5.23 -4.70
C PRO D 196 -25.20 -4.27 -5.92
N VAL D 197 -25.84 -4.70 -7.01
CA VAL D 197 -26.05 -3.81 -8.18
C VAL D 197 -26.92 -2.59 -7.82
N GLY D 198 -28.01 -2.82 -7.10
CA GLY D 198 -28.88 -1.75 -6.64
C GLY D 198 -28.24 -0.67 -5.78
N GLN D 199 -27.12 -1.00 -5.13
CA GLN D 199 -26.40 -0.06 -4.29
C GLN D 199 -25.37 0.81 -5.03
N CYS D 200 -24.87 0.34 -6.18
CA CYS D 200 -23.73 0.99 -6.85
C CYS D 200 -24.06 1.95 -7.99
N GLY D 201 -25.30 1.94 -8.48
CA GLY D 201 -25.73 2.94 -9.47
C GLY D 201 -26.03 4.28 -8.84
N GLN D 202 -25.92 5.33 -9.64
CA GLN D 202 -26.31 6.67 -9.22
C GLN D 202 -27.82 6.83 -9.38
N THR D 203 -28.33 6.44 -10.53
CA THR D 203 -29.76 6.34 -10.81
C THR D 203 -30.11 4.86 -10.95
N VAL D 204 -30.83 4.30 -9.98
CA VAL D 204 -31.12 2.87 -9.96
C VAL D 204 -32.61 2.64 -10.23
N ILE D 205 -32.88 1.86 -11.28
CA ILE D 205 -34.23 1.65 -11.81
C ILE D 205 -34.56 0.17 -11.61
N ALA D 206 -35.77 -0.10 -11.12
CA ALA D 206 -36.18 -1.43 -10.71
C ALA D 206 -37.48 -1.83 -11.37
N GLU D 207 -37.46 -2.90 -12.15
CA GLU D 207 -38.71 -3.55 -12.57
C GLU D 207 -39.16 -4.48 -11.45
N VAL D 208 -40.46 -4.47 -11.17
CA VAL D 208 -41.04 -5.36 -10.17
C VAL D 208 -42.14 -6.20 -10.80
N GLU D 209 -42.22 -7.46 -10.41
CA GLU D 209 -43.25 -8.36 -10.92
C GLU D 209 -44.61 -8.05 -10.28
N ASN D 210 -44.58 -7.51 -9.06
CA ASN D 210 -45.78 -7.02 -8.38
C ASN D 210 -45.47 -5.73 -7.64
N LEU D 211 -46.33 -4.73 -7.80
CA LEU D 211 -46.24 -3.49 -7.05
C LEU D 211 -47.29 -3.51 -5.93
N VAL D 212 -46.89 -3.06 -4.74
CA VAL D 212 -47.76 -3.00 -3.57
C VAL D 212 -47.66 -1.60 -2.95
N GLU D 213 -48.57 -1.28 -2.04
CA GLU D 213 -48.54 0.03 -1.39
C GLU D 213 -47.48 0.06 -0.30
N ASN D 214 -47.04 1.27 0.05
CA ASN D 214 -46.17 1.45 1.21
C ASN D 214 -46.92 1.04 2.48
N GLY D 215 -46.31 0.16 3.26
CA GLY D 215 -46.97 -0.45 4.42
C GLY D 215 -47.28 -1.91 4.21
N ASP D 216 -47.51 -2.32 2.96
CA ASP D 216 -47.83 -3.71 2.64
C ASP D 216 -46.65 -4.68 2.76
N ILE D 217 -45.42 -4.21 2.59
CA ILE D 217 -44.22 -5.05 2.82
C ILE D 217 -43.79 -4.91 4.27
N ASP D 218 -43.53 -6.06 4.91
CA ASP D 218 -43.06 -6.11 6.29
C ASP D 218 -41.68 -5.47 6.36
N PRO D 219 -41.48 -4.49 7.28
CA PRO D 219 -40.15 -3.86 7.35
C PRO D 219 -39.00 -4.84 7.58
N ASP D 220 -39.31 -5.96 8.22
CA ASP D 220 -38.34 -7.01 8.53
C ASP D 220 -37.98 -7.93 7.35
N GLU D 221 -38.75 -7.91 6.26
CA GLU D 221 -38.52 -8.80 5.11
C GLU D 221 -38.15 -8.02 3.83
N VAL D 222 -37.58 -6.83 3.99
CA VAL D 222 -37.07 -6.05 2.86
C VAL D 222 -35.60 -6.43 2.66
N HIS D 223 -35.19 -6.64 1.40
CA HIS D 223 -33.83 -7.07 1.07
C HIS D 223 -32.98 -5.92 0.50
N LEU D 224 -33.58 -5.13 -0.39
CA LEU D 224 -32.99 -3.88 -0.88
C LEU D 224 -33.83 -2.70 -0.39
N PRO D 225 -33.37 -1.97 0.64
CA PRO D 225 -34.09 -0.79 1.15
C PRO D 225 -34.31 0.28 0.10
N GLY D 226 -35.41 1.03 0.25
CA GLY D 226 -35.87 2.01 -0.73
C GLY D 226 -34.94 3.18 -1.03
N VAL D 227 -34.22 3.67 -0.03
CA VAL D 227 -33.21 4.74 -0.23
C VAL D 227 -32.23 4.46 -1.38
N TYR D 228 -31.86 3.18 -1.53
CA TYR D 228 -31.08 2.74 -2.68
C TYR D 228 -31.82 2.82 -4.01
N VAL D 229 -33.16 2.88 -4.00
CA VAL D 229 -33.99 2.90 -5.21
C VAL D 229 -34.49 4.30 -5.60
N ASP D 230 -34.24 4.69 -6.86
CA ASP D 230 -34.66 5.99 -7.42
C ASP D 230 -35.91 5.89 -8.30
N ARG D 231 -36.02 4.81 -9.08
CA ARG D 231 -37.14 4.61 -10.02
C ARG D 231 -37.67 3.19 -9.95
N VAL D 232 -39.00 3.03 -9.87
CA VAL D 232 -39.63 1.71 -9.88
C VAL D 232 -40.59 1.63 -11.07
N VAL D 233 -40.56 0.47 -11.74
CA VAL D 233 -41.27 0.23 -12.98
C VAL D 233 -42.06 -1.06 -12.82
N VAL D 234 -43.26 -1.11 -13.39
CA VAL D 234 -44.13 -2.30 -13.32
C VAL D 234 -44.43 -2.77 -14.75
N PRO D 235 -43.50 -3.54 -15.36
CA PRO D 235 -43.76 -4.03 -16.73
C PRO D 235 -44.94 -4.99 -16.81
N GLU D 236 -45.44 -5.20 -18.03
CA GLU D 236 -46.49 -6.18 -18.28
C GLU D 236 -45.93 -7.58 -17.96
N ARG D 237 -46.77 -8.42 -17.34
CA ARG D 237 -46.33 -9.71 -16.80
C ARG D 237 -45.74 -10.62 -17.89
N TYR D 238 -44.61 -11.23 -17.61
CA TYR D 238 -43.92 -12.11 -18.58
C TYR D 238 -43.17 -13.24 -17.87
N GLN D 239 -43.10 -14.39 -18.53
CA GLN D 239 -42.51 -15.59 -17.95
C GLN D 239 -40.98 -15.49 -18.07
N THR D 240 -40.29 -15.74 -16.94
CA THR D 240 -38.85 -15.78 -16.94
C THR D 240 -38.39 -17.02 -17.71
N LEU D 241 -37.43 -16.81 -18.61
CA LEU D 241 -36.89 -17.87 -19.45
C LEU D 241 -36.18 -18.88 -18.55
N ILE D 242 -36.62 -20.14 -18.61
CA ILE D 242 -35.96 -21.24 -17.91
C ILE D 242 -35.01 -21.88 -18.91
N GLU D 243 -33.70 -21.83 -18.64
CA GLU D 243 -32.68 -22.33 -19.58
C GLU D 243 -32.71 -23.85 -19.71
N HIS D 244 -32.73 -24.53 -18.56
CA HIS D 244 -32.78 -26.00 -18.49
C HIS D 244 -33.89 -26.39 -17.53
N ARG D 245 -35.07 -26.66 -18.06
CA ARG D 245 -36.26 -26.94 -17.25
C ARG D 245 -36.16 -28.37 -16.71
N THR D 246 -35.37 -28.53 -15.65
CA THR D 246 -35.08 -29.84 -15.07
C THR D 246 -36.21 -30.27 -14.15
N VAL D 247 -36.57 -31.55 -14.23
CA VAL D 247 -37.64 -32.15 -13.39
C VAL D 247 -37.28 -33.56 -12.92
N THR D 248 -37.69 -33.88 -11.69
CA THR D 248 -37.67 -35.26 -11.18
C THR D 248 -39.00 -35.92 -11.60
N ARG D 249 -38.89 -36.98 -12.41
CA ARG D 249 -40.06 -37.73 -12.92
C ARG D 249 -40.41 -38.87 -11.97
N GLY D 264 -23.58 -46.76 -21.36
CA GLY D 264 -22.99 -47.77 -20.48
C GLY D 264 -21.59 -47.42 -19.98
N GLU D 265 -20.73 -46.98 -20.90
CA GLU D 265 -19.30 -46.65 -20.63
C GLU D 265 -19.05 -45.51 -19.62
N GLU D 266 -19.36 -45.76 -18.35
CA GLU D 266 -19.44 -44.70 -17.35
C GLU D 266 -18.28 -44.70 -16.35
N VAL D 267 -17.17 -44.11 -16.78
CA VAL D 267 -16.10 -43.69 -15.88
C VAL D 267 -16.57 -42.56 -14.97
N ARG D 268 -17.46 -41.72 -15.49
CA ARG D 268 -18.08 -40.62 -14.73
C ARG D 268 -18.73 -41.09 -13.42
N GLN D 269 -19.41 -42.24 -13.44
CA GLN D 269 -20.07 -42.76 -12.24
C GLN D 269 -19.07 -43.22 -11.17
N ARG D 270 -18.03 -43.93 -11.59
CA ARG D 270 -17.00 -44.44 -10.68
C ARG D 270 -16.28 -43.32 -9.92
N ILE D 271 -16.03 -42.21 -10.62
CA ILE D 271 -15.41 -41.03 -10.03
C ILE D 271 -16.35 -40.41 -8.99
N ALA D 272 -17.63 -40.30 -9.33
CA ALA D 272 -18.64 -39.76 -8.42
C ALA D 272 -18.81 -40.58 -7.14
N ARG D 273 -18.74 -41.89 -7.28
CA ARG D 273 -18.89 -42.82 -6.15
C ARG D 273 -17.68 -42.79 -5.21
N ARG D 274 -16.48 -42.55 -5.75
CA ARG D 274 -15.30 -42.32 -4.91
C ARG D 274 -15.38 -40.93 -4.26
N ALA D 275 -15.80 -39.94 -5.04
CA ALA D 275 -15.94 -38.55 -4.56
C ALA D 275 -16.95 -38.42 -3.43
N ALA D 276 -18.05 -39.16 -3.52
CA ALA D 276 -19.07 -39.23 -2.46
C ALA D 276 -18.54 -39.68 -1.10
N LEU D 277 -17.41 -40.39 -1.06
CA LEU D 277 -16.75 -40.76 0.21
C LEU D 277 -16.01 -39.60 0.88
N GLU D 278 -15.82 -38.47 0.18
CA GLU D 278 -15.25 -37.25 0.77
C GLU D 278 -16.23 -36.51 1.70
N PHE D 279 -17.52 -36.82 1.63
CA PHE D 279 -18.54 -36.14 2.44
C PHE D 279 -18.62 -36.66 3.88
N ALA D 280 -18.60 -35.73 4.84
CA ALA D 280 -18.73 -36.02 6.25
C ALA D 280 -20.03 -35.40 6.78
N ASN D 281 -20.39 -35.74 8.01
CA ASN D 281 -21.60 -35.18 8.62
C ASN D 281 -21.36 -33.74 9.06
N GLY D 282 -22.39 -32.91 8.86
CA GLY D 282 -22.31 -31.48 9.15
C GLY D 282 -21.59 -30.62 8.13
N MET D 283 -21.21 -31.19 6.99
CA MET D 283 -20.46 -30.47 5.96
C MET D 283 -21.38 -29.52 5.17
N TYR D 284 -20.94 -28.29 4.98
CA TYR D 284 -21.46 -27.41 3.93
C TYR D 284 -20.50 -27.52 2.76
N VAL D 285 -21.03 -27.72 1.56
CA VAL D 285 -20.20 -27.99 0.37
C VAL D 285 -20.65 -27.22 -0.88
N ASN D 286 -19.68 -26.88 -1.74
CA ASN D 286 -19.98 -26.38 -3.08
C ASN D 286 -19.48 -27.34 -4.15
N LEU D 287 -20.34 -27.77 -5.04
CA LEU D 287 -19.94 -28.69 -6.07
C LEU D 287 -20.20 -28.12 -7.42
N GLY D 288 -19.22 -28.19 -8.29
CA GLY D 288 -19.35 -27.67 -9.62
C GLY D 288 -20.24 -28.48 -10.51
N ILE D 289 -20.52 -27.96 -11.68
CA ILE D 289 -21.39 -28.67 -12.60
C ILE D 289 -20.75 -29.93 -13.11
N GLY D 290 -21.52 -31.00 -13.10
CA GLY D 290 -21.01 -32.24 -13.59
C GLY D 290 -20.85 -33.29 -12.56
N ILE D 291 -19.66 -33.86 -12.55
CA ILE D 291 -19.37 -34.92 -11.64
C ILE D 291 -19.45 -34.54 -10.20
N PRO D 292 -18.95 -33.29 -9.83
CA PRO D 292 -19.09 -32.99 -8.41
C PRO D 292 -20.55 -33.05 -8.03
N THR D 293 -21.43 -32.57 -8.89
CA THR D 293 -22.85 -32.57 -8.61
C THR D 293 -23.50 -33.91 -8.66
N GLU D 294 -22.87 -34.84 -9.34
CA GLU D 294 -23.43 -36.15 -9.48
C GLU D 294 -23.11 -37.04 -8.30
N SER D 295 -22.16 -36.66 -7.50
CA SER D 295 -21.77 -37.42 -6.34
C SER D 295 -22.75 -37.27 -5.21
N SER D 296 -23.45 -36.16 -5.21
CA SER D 296 -24.42 -35.87 -4.19
C SER D 296 -25.33 -37.05 -4.02
N ASN D 297 -25.62 -37.64 -5.16
CA ASN D 297 -26.50 -38.78 -5.29
C ASN D 297 -26.07 -39.97 -4.48
N TYR D 298 -24.83 -40.37 -4.65
CA TYR D 298 -24.32 -41.53 -3.97
C TYR D 298 -23.89 -41.30 -2.57
N ILE D 299 -24.37 -40.27 -1.93
CA ILE D 299 -23.96 -40.01 -0.57
C ILE D 299 -24.44 -41.13 0.28
N PRO D 300 -23.43 -41.79 0.93
CA PRO D 300 -23.85 -42.94 1.73
C PRO D 300 -24.38 -42.63 3.11
N ALA D 301 -25.43 -43.34 3.48
CA ALA D 301 -26.07 -43.21 4.76
C ALA D 301 -27.18 -42.17 4.69
N GLY D 302 -28.19 -42.34 5.53
CA GLY D 302 -29.32 -41.46 5.57
C GLY D 302 -29.18 -39.98 5.85
N VAL D 303 -28.91 -39.22 4.79
CA VAL D 303 -28.83 -37.76 4.90
C VAL D 303 -27.84 -37.15 5.92
N ASN D 304 -27.09 -36.14 5.50
CA ASN D 304 -26.10 -35.50 6.38
C ASN D 304 -25.33 -34.27 5.86
N VAL D 305 -25.48 -33.91 4.60
CA VAL D 305 -24.74 -32.79 4.05
C VAL D 305 -25.52 -31.64 3.40
N VAL D 306 -25.02 -30.42 3.50
CA VAL D 306 -25.67 -29.25 2.93
C VAL D 306 -25.04 -28.73 1.65
N LEU D 307 -25.80 -28.72 0.56
CA LEU D 307 -25.30 -28.18 -0.72
C LEU D 307 -25.48 -26.66 -0.81
N GLN D 308 -24.37 -25.95 -1.03
CA GLN D 308 -24.39 -24.51 -1.29
C GLN D 308 -24.33 -24.24 -2.80
N SER D 309 -24.95 -23.12 -3.19
CA SER D 309 -25.04 -22.68 -4.58
C SER D 309 -24.56 -21.23 -4.61
N GLU D 310 -23.63 -20.91 -5.52
CA GLU D 310 -23.00 -19.59 -5.56
C GLU D 310 -23.97 -18.45 -5.88
N ASN D 311 -25.08 -18.77 -6.56
CA ASN D 311 -26.11 -17.78 -6.88
C ASN D 311 -27.08 -17.42 -5.74
N GLY D 312 -26.87 -17.99 -4.55
CA GLY D 312 -27.45 -17.47 -3.30
C GLY D 312 -28.29 -18.40 -2.42
N LEU D 313 -27.95 -19.69 -2.36
CA LEU D 313 -28.75 -20.69 -1.63
C LEU D 313 -27.88 -21.67 -0.84
N ILE D 314 -28.30 -22.00 0.39
CA ILE D 314 -27.82 -23.20 1.11
C ILE D 314 -29.00 -24.12 1.37
N GLY D 315 -28.80 -25.42 1.18
CA GLY D 315 -29.87 -26.40 1.22
C GLY D 315 -30.43 -26.69 -0.16
N MET D 316 -29.55 -26.73 -1.15
CA MET D 316 -29.96 -27.00 -2.52
C MET D 316 -30.41 -28.45 -2.60
N GLY D 317 -31.69 -28.65 -2.92
CA GLY D 317 -32.27 -29.99 -3.09
C GLY D 317 -32.06 -30.53 -4.49
N PRO D 318 -32.64 -31.72 -4.79
CA PRO D 318 -32.58 -32.27 -6.16
C PRO D 318 -33.56 -31.54 -7.09
N PHE D 319 -33.73 -32.03 -8.32
CA PHE D 319 -34.66 -31.40 -9.27
C PHE D 319 -36.10 -31.50 -8.74
N PRO D 320 -36.94 -30.49 -9.01
CA PRO D 320 -38.30 -30.50 -8.48
C PRO D 320 -39.19 -31.47 -9.23
N THR D 321 -40.37 -31.75 -8.68
CA THR D 321 -41.41 -32.48 -9.41
C THR D 321 -42.00 -31.56 -10.47
N GLU D 322 -42.54 -32.18 -11.53
CA GLU D 322 -42.97 -31.48 -12.77
C GLU D 322 -43.83 -30.22 -12.59
N ASP D 323 -44.61 -30.14 -11.51
CA ASP D 323 -45.50 -29.01 -11.24
C ASP D 323 -45.00 -28.00 -10.18
N LYS D 324 -43.94 -28.35 -9.46
CA LYS D 324 -43.30 -27.43 -8.49
C LYS D 324 -42.01 -26.78 -9.04
N VAL D 325 -41.86 -26.75 -10.37
CA VAL D 325 -40.74 -26.02 -11.01
C VAL D 325 -40.92 -24.52 -10.81
N ASP D 326 -39.82 -23.79 -10.79
CA ASP D 326 -39.84 -22.36 -10.56
C ASP D 326 -38.64 -21.72 -11.24
N ALA D 327 -38.88 -20.60 -11.92
CA ALA D 327 -37.83 -19.86 -12.61
C ALA D 327 -36.87 -19.19 -11.63
N ASP D 328 -37.40 -18.75 -10.48
CA ASP D 328 -36.60 -18.10 -9.44
C ASP D 328 -35.71 -19.06 -8.64
N TRP D 329 -35.95 -20.37 -8.74
CA TRP D 329 -35.14 -21.38 -8.05
C TRP D 329 -34.34 -22.21 -9.04
N ILE D 330 -33.15 -21.68 -9.38
CA ILE D 330 -32.21 -22.33 -10.31
C ILE D 330 -30.83 -22.40 -9.70
N ASN D 331 -30.02 -23.36 -10.16
CA ASN D 331 -28.67 -23.57 -9.60
C ASN D 331 -27.59 -22.86 -10.43
N ALA D 332 -26.33 -23.00 -10.04
CA ALA D 332 -25.20 -22.40 -10.78
C ALA D 332 -25.12 -22.83 -12.25
N GLY D 333 -25.56 -24.06 -12.54
CA GLY D 333 -25.64 -24.57 -13.90
C GLY D 333 -26.94 -24.25 -14.64
N LYS D 334 -27.70 -23.28 -14.13
CA LYS D 334 -28.90 -22.74 -14.76
C LYS D 334 -30.09 -23.73 -14.80
N GLN D 335 -30.04 -24.78 -13.99
CA GLN D 335 -31.09 -25.80 -13.91
C GLN D 335 -32.04 -25.47 -12.77
N THR D 336 -33.33 -25.74 -12.99
CA THR D 336 -34.35 -25.56 -11.96
C THR D 336 -34.15 -26.59 -10.85
N ILE D 337 -34.56 -26.24 -9.63
CA ILE D 337 -34.11 -26.97 -8.44
C ILE D 337 -35.11 -26.85 -7.27
N SER D 338 -35.14 -27.87 -6.41
CA SER D 338 -35.93 -27.82 -5.17
C SER D 338 -35.04 -27.32 -4.03
N HIS D 339 -35.64 -27.07 -2.86
CA HIS D 339 -34.88 -26.74 -1.65
C HIS D 339 -35.36 -27.55 -0.46
N LEU D 340 -34.41 -27.95 0.39
CA LEU D 340 -34.68 -28.79 1.55
C LEU D 340 -35.09 -27.96 2.76
N ALA D 341 -35.64 -28.62 3.77
CA ALA D 341 -36.06 -27.96 5.01
C ALA D 341 -34.84 -27.38 5.73
N GLY D 342 -34.97 -26.16 6.25
CA GLY D 342 -33.86 -25.44 6.86
C GLY D 342 -32.92 -24.77 5.87
N SER D 343 -33.32 -24.69 4.59
CA SER D 343 -32.52 -23.99 3.58
C SER D 343 -32.67 -22.48 3.77
N ALA D 344 -31.70 -21.73 3.27
CA ALA D 344 -31.68 -20.29 3.46
C ALA D 344 -31.09 -19.57 2.26
N LEU D 345 -31.67 -18.41 1.94
CA LEU D 345 -31.29 -17.61 0.79
C LEU D 345 -30.47 -16.38 1.22
N PHE D 346 -29.67 -15.88 0.28
CA PHE D 346 -28.84 -14.71 0.48
C PHE D 346 -28.44 -14.14 -0.88
N ASP D 347 -27.95 -12.90 -0.89
CA ASP D 347 -27.50 -12.25 -2.13
C ASP D 347 -26.07 -12.68 -2.54
N SER D 348 -25.62 -12.20 -3.69
CA SER D 348 -24.34 -12.60 -4.26
C SER D 348 -23.10 -12.08 -3.53
N ALA D 349 -23.22 -10.94 -2.84
CA ALA D 349 -22.14 -10.45 -1.99
C ALA D 349 -21.98 -11.38 -0.80
N THR D 350 -23.08 -11.65 -0.10
CA THR D 350 -23.11 -12.58 1.03
C THR D 350 -22.65 -13.99 0.61
N SER D 351 -23.11 -14.43 -0.55
CA SER D 351 -22.72 -15.74 -1.10
C SER D 351 -21.19 -15.93 -1.16
N PHE D 352 -20.49 -14.92 -1.68
CA PHE D 352 -19.04 -15.00 -1.84
C PHE D 352 -18.24 -14.52 -0.63
N ALA D 353 -18.87 -13.75 0.25
CA ALA D 353 -18.33 -13.52 1.58
C ALA D 353 -18.23 -14.87 2.28
N MET D 354 -19.32 -15.63 2.23
CA MET D 354 -19.40 -17.00 2.75
C MET D 354 -18.29 -17.90 2.16
N ILE D 355 -18.12 -17.86 0.83
CA ILE D 355 -17.10 -18.67 0.15
C ILE D 355 -15.68 -18.21 0.51
N ARG D 356 -15.37 -16.95 0.19
CA ARG D 356 -14.05 -16.37 0.45
C ARG D 356 -13.59 -16.46 1.91
N GLY D 357 -14.55 -16.44 2.83
CA GLY D 357 -14.28 -16.56 4.26
C GLY D 357 -14.07 -17.94 4.84
N GLY D 358 -13.93 -18.97 4.00
CA GLY D 358 -13.64 -20.33 4.46
C GLY D 358 -14.81 -21.07 5.11
N HIS D 359 -16.03 -20.57 4.92
CA HIS D 359 -17.20 -21.15 5.59
C HIS D 359 -17.68 -22.45 4.96
N MET D 360 -17.29 -22.72 3.71
CA MET D 360 -17.49 -24.05 3.11
C MET D 360 -16.50 -25.06 3.71
N ASP D 361 -16.97 -26.27 3.95
CA ASP D 361 -16.14 -27.38 4.44
C ASP D 361 -15.45 -28.12 3.29
N LEU D 362 -16.12 -28.20 2.14
CA LEU D 362 -15.55 -28.80 0.93
C LEU D 362 -15.93 -28.02 -0.33
N THR D 363 -15.02 -27.98 -1.30
CA THR D 363 -15.31 -27.53 -2.66
C THR D 363 -14.84 -28.62 -3.63
N MET D 364 -15.76 -29.16 -4.44
CA MET D 364 -15.43 -30.13 -5.49
C MET D 364 -15.64 -29.50 -6.87
N LEU D 365 -14.58 -29.49 -7.68
CA LEU D 365 -14.62 -28.93 -9.03
C LEU D 365 -14.24 -29.95 -10.08
N GLY D 366 -14.48 -29.58 -11.33
CA GLY D 366 -13.87 -30.25 -12.49
C GLY D 366 -12.59 -29.53 -12.86
N ALA D 367 -11.97 -29.99 -13.95
CA ALA D 367 -10.74 -29.39 -14.47
C ALA D 367 -10.53 -29.69 -15.94
N LEU D 368 -9.92 -28.73 -16.65
CA LEU D 368 -9.33 -29.00 -17.95
C LEU D 368 -7.90 -29.51 -17.76
N GLU D 369 -7.24 -29.04 -16.71
CA GLU D 369 -5.86 -29.43 -16.40
C GLU D 369 -5.64 -29.31 -14.89
N VAL D 370 -4.83 -30.20 -14.32
CA VAL D 370 -4.45 -30.13 -12.90
C VAL D 370 -2.97 -30.51 -12.76
N ALA D 371 -2.26 -29.81 -11.88
CA ALA D 371 -0.81 -29.97 -11.74
C ALA D 371 -0.41 -30.59 -10.41
N ALA D 372 0.77 -31.20 -10.38
CA ALA D 372 1.40 -31.68 -9.14
C ALA D 372 1.70 -30.51 -8.21
N ASN D 373 2.04 -29.37 -8.80
CA ASN D 373 2.16 -28.09 -8.10
C ASN D 373 1.01 -27.79 -7.14
N GLY D 374 -0.21 -28.22 -7.51
CA GLY D 374 -1.45 -27.80 -6.84
C GLY D 374 -2.32 -26.94 -7.76
N ASP D 375 -1.77 -26.53 -8.91
CA ASP D 375 -2.47 -25.65 -9.85
C ASP D 375 -3.69 -26.32 -10.47
N LEU D 376 -4.64 -25.48 -10.87
CA LEU D 376 -5.88 -25.91 -11.52
C LEU D 376 -6.15 -24.98 -12.69
N ALA D 377 -6.41 -25.56 -13.86
CA ALA D 377 -6.89 -24.81 -15.00
C ALA D 377 -8.24 -25.39 -15.37
N ASN D 378 -9.30 -24.61 -15.19
CA ASN D 378 -10.64 -25.01 -15.62
C ASN D 378 -11.55 -23.89 -16.16
N PHE D 379 -11.00 -22.69 -16.40
CA PHE D 379 -11.84 -21.53 -16.70
C PHE D 379 -11.75 -21.01 -18.13
N MET D 380 -10.55 -21.03 -18.72
CA MET D 380 -10.31 -20.35 -20.01
C MET D 380 -9.29 -21.08 -20.88
N ILE D 381 -9.52 -21.06 -22.20
CA ILE D 381 -8.54 -21.43 -23.22
C ILE D 381 -8.43 -20.21 -24.14
N PRO D 382 -7.22 -19.60 -24.28
CA PRO D 382 -7.13 -18.32 -25.02
C PRO D 382 -7.54 -18.40 -26.51
N GLY D 383 -8.52 -17.58 -26.88
CA GLY D 383 -9.02 -17.51 -28.26
C GLY D 383 -9.67 -18.77 -28.79
N LYS D 384 -10.31 -19.54 -27.91
CA LYS D 384 -10.82 -20.87 -28.23
C LYS D 384 -12.05 -21.25 -27.39
N LEU D 385 -11.93 -21.12 -26.08
CA LEU D 385 -13.05 -21.29 -25.15
C LEU D 385 -13.23 -20.00 -24.35
N VAL D 386 -14.35 -19.33 -24.58
CA VAL D 386 -14.68 -18.06 -23.93
C VAL D 386 -15.77 -18.34 -22.90
N LYS D 387 -15.36 -18.82 -21.72
CA LYS D 387 -16.28 -19.18 -20.64
C LYS D 387 -16.15 -18.28 -19.42
N GLY D 388 -14.95 -18.16 -18.86
CA GLY D 388 -14.67 -17.23 -17.75
C GLY D 388 -14.55 -17.86 -16.37
N PRO D 389 -14.16 -17.05 -15.36
CA PRO D 389 -13.87 -17.55 -14.01
C PRO D 389 -15.11 -17.96 -13.19
N GLY D 390 -16.17 -17.18 -13.25
CA GLY D 390 -17.38 -17.43 -12.46
C GLY D 390 -17.06 -17.41 -10.98
N GLY D 391 -17.49 -18.46 -10.26
CA GLY D 391 -17.14 -18.63 -8.86
C GLY D 391 -15.82 -19.36 -8.67
N ALA D 392 -15.48 -20.25 -9.60
CA ALA D 392 -14.32 -21.14 -9.49
C ALA D 392 -13.08 -20.51 -8.86
N MET D 393 -12.73 -19.30 -9.28
CA MET D 393 -11.55 -18.60 -8.73
C MET D 393 -11.70 -18.24 -7.24
N ASP D 394 -12.92 -17.86 -6.82
CA ASP D 394 -13.16 -17.55 -5.41
C ASP D 394 -13.19 -18.80 -4.52
N LEU D 395 -13.73 -19.88 -5.06
CA LEU D 395 -13.81 -21.15 -4.35
C LEU D 395 -12.42 -21.76 -4.12
N VAL D 396 -11.53 -21.69 -5.12
CA VAL D 396 -10.17 -22.25 -4.96
C VAL D 396 -9.14 -21.36 -4.24
N SER D 397 -9.48 -20.09 -4.01
CA SER D 397 -8.54 -19.16 -3.38
C SER D 397 -8.77 -18.92 -1.88
N CYS D 398 -9.90 -19.39 -1.34
CA CYS D 398 -10.15 -19.37 0.11
C CYS D 398 -9.48 -20.58 0.79
N GLY D 399 -9.65 -20.68 2.11
CA GLY D 399 -9.09 -21.81 2.88
C GLY D 399 -9.59 -23.20 2.50
N THR D 400 -10.87 -23.29 2.14
CA THR D 400 -11.58 -24.58 1.98
C THR D 400 -10.80 -25.65 1.20
N ARG D 401 -10.93 -26.90 1.64
CA ARG D 401 -10.34 -28.07 0.96
C ARG D 401 -10.94 -28.21 -0.44
N VAL D 402 -10.09 -28.26 -1.46
CA VAL D 402 -10.50 -28.28 -2.86
C VAL D 402 -10.16 -29.63 -3.49
N VAL D 403 -11.19 -30.43 -3.77
CA VAL D 403 -11.01 -31.70 -4.47
C VAL D 403 -11.32 -31.48 -5.94
N VAL D 404 -10.58 -32.17 -6.82
CA VAL D 404 -10.85 -32.15 -8.26
C VAL D 404 -11.31 -33.54 -8.69
N THR D 405 -12.55 -33.62 -9.17
CA THR D 405 -13.10 -34.84 -9.81
C THR D 405 -12.99 -34.66 -11.32
N THR D 406 -12.24 -35.54 -11.98
CA THR D 406 -11.97 -35.41 -13.41
C THR D 406 -11.62 -36.75 -14.06
N THR D 407 -11.75 -36.81 -15.39
CA THR D 407 -11.20 -37.94 -16.14
C THR D 407 -9.68 -37.89 -16.07
N HIS D 408 -9.05 -39.06 -16.07
CA HIS D 408 -7.61 -39.17 -15.87
C HIS D 408 -6.86 -38.66 -17.09
N CYS D 409 -7.29 -39.14 -18.25
CA CYS D 409 -6.76 -38.74 -19.53
C CYS D 409 -7.85 -38.06 -20.35
N ASN D 410 -7.43 -37.23 -21.30
CA ASN D 410 -8.32 -36.69 -22.31
C ASN D 410 -8.83 -37.81 -23.21
N LYS D 411 -9.96 -37.56 -23.88
CA LYS D 411 -10.36 -38.37 -25.01
C LYS D 411 -9.31 -38.05 -26.07
N ASN D 412 -8.45 -39.04 -26.35
CA ASN D 412 -7.26 -38.96 -27.24
C ASN D 412 -5.91 -39.25 -26.52
N GLY D 413 -5.95 -39.59 -25.23
CA GLY D 413 -4.81 -40.17 -24.55
C GLY D 413 -3.86 -39.24 -23.82
N ASP D 414 -4.03 -37.94 -23.99
CA ASP D 414 -3.16 -36.96 -23.32
C ASP D 414 -3.51 -36.87 -21.82
N PRO D 415 -2.50 -36.69 -20.96
CA PRO D 415 -2.80 -36.64 -19.52
C PRO D 415 -3.35 -35.27 -19.14
N LYS D 416 -4.40 -35.26 -18.33
CA LYS D 416 -4.92 -34.04 -17.72
C LYS D 416 -4.16 -33.71 -16.43
N ILE D 417 -3.56 -34.71 -15.80
CA ILE D 417 -2.66 -34.53 -14.67
C ILE D 417 -1.24 -34.33 -15.22
N VAL D 418 -0.68 -33.15 -15.00
CA VAL D 418 0.61 -32.75 -15.60
C VAL D 418 1.54 -32.15 -14.54
N GLU D 419 2.81 -31.93 -14.89
CA GLU D 419 3.76 -31.30 -13.97
C GLU D 419 3.37 -29.85 -13.71
N ARG D 420 3.18 -29.11 -14.79
CA ARG D 420 2.83 -27.70 -14.75
C ARG D 420 1.69 -27.43 -15.74
N CYS D 421 0.84 -26.45 -15.41
CA CYS D 421 -0.30 -26.09 -16.27
C CYS D 421 0.19 -25.32 -17.50
N ARG D 422 -0.02 -25.90 -18.68
CA ARG D 422 0.11 -25.19 -19.96
C ARG D 422 -0.93 -24.08 -20.05
N LEU D 423 -2.19 -24.45 -19.83
CA LEU D 423 -3.34 -23.53 -19.95
C LEU D 423 -3.38 -22.45 -18.85
N PRO D 424 -4.23 -21.41 -19.04
CA PRO D 424 -4.40 -20.39 -17.99
C PRO D 424 -5.01 -20.97 -16.71
N VAL D 425 -4.49 -20.50 -15.59
CA VAL D 425 -4.71 -21.10 -14.28
C VAL D 425 -5.89 -20.42 -13.57
N THR D 426 -6.73 -21.24 -12.93
CA THR D 426 -7.85 -20.80 -12.11
C THR D 426 -7.39 -20.46 -10.70
N GLY D 427 -6.41 -21.19 -10.21
CA GLY D 427 -5.81 -20.92 -8.91
C GLY D 427 -4.43 -21.53 -8.81
N LYS D 428 -3.57 -20.90 -8.03
CA LYS D 428 -2.20 -21.35 -7.81
C LYS D 428 -2.16 -22.15 -6.51
N HIS D 429 -1.53 -23.32 -6.52
CA HIS D 429 -1.30 -24.11 -5.29
C HIS D 429 -2.56 -24.34 -4.43
N CYS D 430 -3.70 -24.56 -5.07
CA CYS D 430 -5.01 -24.64 -4.39
C CYS D 430 -5.61 -26.04 -4.18
N VAL D 431 -5.30 -26.98 -5.08
CA VAL D 431 -5.89 -28.32 -5.04
C VAL D 431 -5.23 -29.15 -3.94
N CYS D 432 -6.07 -29.85 -3.15
CA CYS D 432 -5.59 -30.79 -2.13
C CYS D 432 -5.59 -32.21 -2.68
N ARG D 433 -6.74 -32.65 -3.18
CA ARG D 433 -6.94 -34.03 -3.65
C ARG D 433 -7.45 -34.04 -5.09
N ILE D 434 -6.88 -34.93 -5.92
CA ILE D 434 -7.37 -35.20 -7.27
C ILE D 434 -7.97 -36.58 -7.27
N ILE D 435 -9.20 -36.71 -7.79
CA ILE D 435 -9.86 -38.01 -7.92
C ILE D 435 -10.14 -38.31 -9.39
N THR D 436 -9.65 -39.45 -9.87
CA THR D 436 -9.90 -39.95 -11.22
C THR D 436 -10.47 -41.37 -11.13
N GLU D 437 -10.86 -41.91 -12.29
CA GLU D 437 -11.35 -43.29 -12.38
C GLU D 437 -10.24 -44.32 -12.12
N TYR D 438 -9.02 -44.03 -12.57
CA TYR D 438 -7.85 -44.88 -12.31
C TYR D 438 -7.25 -44.69 -10.92
N ALA D 439 -7.24 -43.45 -10.42
CA ALA D 439 -6.39 -43.09 -9.27
C ALA D 439 -6.96 -42.03 -8.32
N VAL D 440 -6.27 -41.87 -7.18
CA VAL D 440 -6.48 -40.77 -6.25
C VAL D 440 -5.12 -40.25 -5.77
N PHE D 441 -4.79 -39.00 -6.13
CA PHE D 441 -3.57 -38.32 -5.69
C PHE D 441 -3.88 -37.24 -4.65
N ASP D 442 -2.97 -37.05 -3.70
CA ASP D 442 -3.00 -35.94 -2.76
C ASP D 442 -1.78 -35.05 -3.00
N VAL D 443 -1.98 -33.74 -2.91
CA VAL D 443 -0.90 -32.78 -3.06
C VAL D 443 -0.33 -32.45 -1.68
N VAL D 444 0.95 -32.78 -1.49
CA VAL D 444 1.66 -32.52 -0.24
C VAL D 444 2.94 -31.77 -0.57
N ASP D 445 3.15 -30.62 0.08
CA ASP D 445 4.35 -29.77 -0.13
C ASP D 445 4.66 -29.50 -1.61
N GLY D 446 3.62 -29.18 -2.37
CA GLY D 446 3.78 -28.83 -3.79
C GLY D 446 4.16 -29.95 -4.75
N ARG D 447 3.89 -31.20 -4.37
CA ARG D 447 4.12 -32.34 -5.27
C ARG D 447 3.09 -33.46 -5.05
N LEU D 448 3.02 -34.38 -6.00
CA LEU D 448 1.94 -35.36 -6.10
C LEU D 448 2.27 -36.64 -5.34
N VAL D 449 1.33 -37.12 -4.50
CA VAL D 449 1.48 -38.34 -3.69
C VAL D 449 0.31 -39.28 -3.95
N LEU D 450 0.58 -40.40 -4.63
CA LEU D 450 -0.47 -41.35 -5.03
C LEU D 450 -0.90 -42.19 -3.84
N LYS D 451 -2.20 -42.18 -3.55
CA LYS D 451 -2.75 -42.86 -2.38
C LYS D 451 -3.72 -44.02 -2.65
N GLU D 452 -4.41 -44.02 -3.80
CA GLU D 452 -5.37 -45.09 -4.14
C GLU D 452 -5.38 -45.44 -5.64
N ILE D 453 -5.79 -46.67 -5.96
CA ILE D 453 -5.93 -47.16 -7.34
C ILE D 453 -7.14 -48.08 -7.45
N ALA D 454 -7.96 -47.87 -8.46
CA ALA D 454 -9.24 -48.57 -8.57
C ALA D 454 -9.05 -49.98 -9.09
N GLU D 455 -10.17 -50.71 -9.17
CA GLU D 455 -10.25 -51.97 -9.91
C GLU D 455 -9.22 -52.96 -9.31
N ASP D 456 -8.39 -53.59 -10.14
CA ASP D 456 -7.10 -54.11 -9.72
C ASP D 456 -6.03 -53.56 -10.70
N THR D 457 -6.22 -52.30 -11.11
CA THR D 457 -5.34 -51.64 -12.08
C THR D 457 -4.03 -51.31 -11.39
N THR D 458 -2.92 -51.61 -12.07
CA THR D 458 -1.59 -51.51 -11.46
C THR D 458 -1.10 -50.08 -11.36
N VAL D 459 -0.10 -49.89 -10.50
CA VAL D 459 0.61 -48.61 -10.36
C VAL D 459 1.46 -48.31 -11.61
N ASP D 460 1.83 -49.36 -12.36
CA ASP D 460 2.64 -49.23 -13.58
C ASP D 460 1.91 -48.51 -14.72
N GLN D 461 0.62 -48.78 -14.89
CA GLN D 461 -0.15 -48.17 -15.99
C GLN D 461 -0.53 -46.72 -15.69
N VAL D 462 -0.96 -46.45 -14.46
CA VAL D 462 -1.20 -45.07 -14.00
C VAL D 462 0.06 -44.21 -14.14
N LYS D 463 1.22 -44.72 -13.74
CA LYS D 463 2.52 -44.01 -13.93
C LYS D 463 2.73 -43.51 -15.37
N LYS D 464 2.26 -44.29 -16.35
CA LYS D 464 2.32 -43.90 -17.77
C LYS D 464 1.04 -43.27 -18.31
N LEU D 465 -0.08 -43.35 -17.58
CA LEU D 465 -1.29 -42.55 -17.88
C LEU D 465 -1.30 -41.15 -17.28
N THR D 466 -0.58 -40.92 -16.18
CA THR D 466 -0.39 -39.54 -15.67
C THR D 466 1.00 -39.03 -16.04
N GLY D 467 1.10 -37.73 -16.34
CA GLY D 467 2.31 -37.12 -16.87
C GLY D 467 3.26 -36.50 -15.87
N VAL D 468 3.37 -37.09 -14.69
CA VAL D 468 4.38 -36.71 -13.67
C VAL D 468 4.75 -37.88 -12.76
N GLY D 469 5.89 -37.74 -12.09
CA GLY D 469 6.31 -38.68 -11.06
C GLY D 469 5.55 -38.44 -9.77
N PHE D 470 5.62 -39.39 -8.83
CA PHE D 470 4.89 -39.30 -7.57
C PHE D 470 5.28 -40.41 -6.57
N ASP D 471 5.00 -40.15 -5.29
CA ASP D 471 5.18 -41.15 -4.23
C ASP D 471 4.16 -42.26 -4.41
N ALA D 472 4.61 -43.51 -4.28
CA ALA D 472 3.77 -44.69 -4.51
C ALA D 472 3.98 -45.75 -3.40
N ASP D 473 4.23 -45.28 -2.18
CA ASP D 473 4.78 -46.12 -1.11
C ASP D 473 3.76 -46.63 -0.08
N ASN D 474 2.54 -46.08 -0.09
CA ASN D 474 1.44 -46.59 0.75
C ASN D 474 0.10 -46.51 0.00
N VAL D 475 0.03 -47.29 -1.08
CA VAL D 475 -1.09 -47.28 -2.01
C VAL D 475 -2.11 -48.36 -1.66
N ILE D 476 -3.23 -47.95 -1.07
CA ILE D 476 -4.40 -48.84 -0.90
C ILE D 476 -5.15 -48.97 -2.24
N THR D 477 -6.26 -49.72 -2.24
CA THR D 477 -7.17 -49.76 -3.38
C THR D 477 -8.33 -48.79 -3.13
N MET D 478 -8.90 -48.28 -4.22
CA MET D 478 -9.91 -47.22 -4.19
C MET D 478 -11.27 -47.78 -3.72
N PRO D 479 -11.82 -47.25 -2.61
CA PRO D 479 -13.16 -47.62 -2.21
C PRO D 479 -14.22 -46.78 -2.93
N LEU D 480 -15.46 -47.25 -2.94
CA LEU D 480 -16.58 -46.54 -3.57
C LEU D 480 -17.86 -46.68 -2.75
N ALA D 481 -18.69 -45.64 -2.77
CA ALA D 481 -20.01 -45.69 -2.12
C ALA D 481 -20.97 -46.55 -2.95
N PRO D 482 -22.07 -47.04 -2.33
CA PRO D 482 -23.13 -47.72 -3.08
C PRO D 482 -24.16 -46.72 -3.63
#